data_1KSI
#
_entry.id   1KSI
#
_cell.length_a   85.370
_cell.length_b   114.640
_cell.length_c   199.940
_cell.angle_alpha   90.00
_cell.angle_beta   90.00
_cell.angle_gamma   90.00
#
_symmetry.space_group_name_H-M   'P 21 21 21'
#
loop_
_entity.id
_entity.type
_entity.pdbx_description
1 polymer 'COPPER AMINE OXIDASE'
2 branched 2-acetamido-2-deoxy-beta-D-glucopyranose-(1-4)-2-acetamido-2-deoxy-beta-D-glucopyranose
3 non-polymer 2-acetamido-2-deoxy-beta-D-glucopyranose
4 non-polymer 'COPPER (II) ION'
5 non-polymer 'MANGANESE (II) ION'
6 water water
#
_entity_poly.entity_id   1
_entity_poly.type   'polypeptide(L)'
_entity_poly.pdbx_seq_one_letter_code
;VQHPLDPLTKEEFLAVQTIVQNKYPISNNRLAFHYIGLDDPEKDHVLRYETHPTLVSIPRKIFVVAIINSQTHEILINLR
IRSIVSDNIHNGYGFPILSVDEQSLAIKLPLKYPPFIDSVKKRGLNLSEIVCSSFTMGWFGEEKNVRTVRLDCFMKESTV
NIYVRPITGITIVADLDLMKIVEYHDRDIEAVPTAENTEYQVSKQSPPFGPKQHSLTSHQPQGPGFQINGHSVSWANWKF
HIGFDVRAGIVISLASIYDLEKHKSRRVLYKGYISELFVPYQDPTEEFYFKTFFDSGEFGFGLSTVSLIPNRDCPPHAQF
IDTYVHSANGTPILLKNAICVFEQYGNIMWRHTENGIPNESIEESRTEVNLIVRTIVTVGN(TPQ)DNVIDWEFKASGSI
KPSIALSGILEIKGTNIKHKDEIKEDLHGKLVSANSIGIYHDHFYIYYLDFDIDGTHNSFEKTSLKTVRIKDGSSKRKSY
WTTETQTAKTESDAKITIGLAPAELVVVNPNIKTAVGNEVGYRLIPAIPAHPLLTEDDYPQIRGAFTNYNVWVTAYNRTE
KWAGGLYVDHSRGDDTLAVWTKQNREIVNKDIVMWHVVGIHHVPAQEDFPIMPLLSTSFELRPTNFFERNPVLKTLSPRD
VAWPGC
;
_entity_poly.pdbx_strand_id   A,B
#
loop_
_chem_comp.id
_chem_comp.type
_chem_comp.name
_chem_comp.formula
CU non-polymer 'COPPER (II) ION' 'Cu 2'
MN non-polymer 'MANGANESE (II) ION' 'Mn 2'
NAG D-saccharide, beta linking 2-acetamido-2-deoxy-beta-D-glucopyranose 'C8 H15 N O6'
#
# COMPACT_ATOMS: atom_id res chain seq x y z
N VAL A 1 -17.23 -32.17 -14.83
CA VAL A 1 -16.92 -30.69 -14.73
C VAL A 1 -17.45 -29.90 -15.92
N GLN A 2 -17.91 -28.66 -15.66
CA GLN A 2 -18.31 -27.75 -16.72
C GLN A 2 -17.03 -27.37 -17.51
N HIS A 3 -15.90 -27.14 -16.86
CA HIS A 3 -14.77 -26.61 -17.60
C HIS A 3 -13.52 -27.41 -17.32
N PRO A 4 -12.66 -27.60 -18.30
CA PRO A 4 -11.39 -28.29 -18.17
C PRO A 4 -10.47 -27.85 -17.05
N LEU A 5 -10.75 -26.67 -16.49
CA LEU A 5 -9.85 -26.12 -15.47
C LEU A 5 -10.54 -26.15 -14.13
N ASP A 6 -11.76 -26.65 -14.08
CA ASP A 6 -12.51 -26.79 -12.85
C ASP A 6 -11.79 -27.64 -11.83
N PRO A 7 -11.93 -27.29 -10.57
CA PRO A 7 -11.42 -28.17 -9.51
C PRO A 7 -12.12 -29.56 -9.49
N LEU A 8 -11.34 -30.56 -9.05
CA LEU A 8 -11.81 -31.93 -8.85
C LEU A 8 -13.09 -31.96 -8.02
N THR A 9 -14.06 -32.66 -8.57
CA THR A 9 -15.33 -32.84 -7.85
C THR A 9 -15.23 -33.99 -6.84
N LYS A 10 -16.20 -34.14 -5.97
CA LYS A 10 -16.30 -35.28 -5.04
C LYS A 10 -16.21 -36.61 -5.81
N GLU A 11 -17.18 -36.81 -6.67
CA GLU A 11 -17.24 -37.87 -7.62
C GLU A 11 -15.84 -38.14 -8.18
N GLU A 12 -15.06 -37.16 -8.60
CA GLU A 12 -13.75 -37.46 -9.17
C GLU A 12 -12.75 -37.95 -8.15
N PHE A 13 -12.87 -37.43 -6.93
CA PHE A 13 -12.02 -37.87 -5.84
C PHE A 13 -12.23 -39.39 -5.60
N LEU A 14 -13.47 -39.81 -5.55
CA LEU A 14 -13.88 -41.20 -5.43
C LEU A 14 -13.39 -42.09 -6.57
N ALA A 15 -13.55 -41.75 -7.85
CA ALA A 15 -13.02 -42.56 -8.92
C ALA A 15 -11.54 -42.83 -8.76
N VAL A 16 -10.81 -41.81 -8.29
CA VAL A 16 -9.38 -41.90 -8.15
C VAL A 16 -9.05 -42.87 -7.01
N GLN A 17 -9.90 -42.83 -6.00
CA GLN A 17 -9.63 -43.68 -4.82
C GLN A 17 -9.75 -45.15 -5.31
N THR A 18 -10.92 -45.43 -5.88
CA THR A 18 -11.19 -46.70 -6.54
C THR A 18 -10.14 -47.19 -7.51
N ILE A 19 -9.84 -46.41 -8.53
CA ILE A 19 -8.83 -46.83 -9.49
C ILE A 19 -7.56 -47.17 -8.78
N VAL A 20 -7.09 -46.45 -7.77
CA VAL A 20 -5.77 -46.71 -7.18
C VAL A 20 -5.85 -47.93 -6.25
N GLN A 21 -6.93 -48.00 -5.52
CA GLN A 21 -7.11 -49.11 -4.59
C GLN A 21 -7.29 -50.37 -5.44
N ASN A 22 -7.74 -50.28 -6.68
CA ASN A 22 -7.80 -51.45 -7.51
C ASN A 22 -6.42 -51.94 -7.85
N LYS A 23 -5.37 -51.18 -7.85
CA LYS A 23 -4.07 -51.71 -8.20
C LYS A 23 -3.33 -51.97 -6.89
N TYR A 24 -3.74 -51.29 -5.81
CA TYR A 24 -3.11 -51.48 -4.51
C TYR A 24 -4.15 -51.71 -3.41
N PRO A 25 -4.69 -52.92 -3.38
CA PRO A 25 -5.69 -53.31 -2.40
C PRO A 25 -5.18 -52.99 -1.02
N ILE A 26 -6.01 -52.42 -0.19
CA ILE A 26 -5.63 -51.97 1.14
C ILE A 26 -5.37 -53.08 2.13
N SER A 27 -5.97 -54.23 1.91
CA SER A 27 -5.67 -55.40 2.77
C SER A 27 -4.26 -55.89 2.50
N ASN A 28 -3.74 -55.64 1.30
CA ASN A 28 -2.40 -56.09 0.95
C ASN A 28 -1.33 -55.03 0.89
N ASN A 29 -1.71 -53.73 1.16
CA ASN A 29 -0.71 -52.66 1.01
C ASN A 29 -0.87 -51.48 1.97
N ARG A 30 0.25 -50.82 2.29
CA ARG A 30 0.07 -49.55 3.09
C ARG A 30 -0.07 -48.40 2.05
N LEU A 31 -1.27 -47.81 1.97
CA LEU A 31 -1.46 -46.78 0.93
C LEU A 31 -1.82 -45.37 1.42
N ALA A 32 -1.00 -44.32 1.13
CA ALA A 32 -1.51 -42.97 1.57
C ALA A 32 -1.45 -41.94 0.45
N PHE A 33 -2.59 -41.23 0.26
CA PHE A 33 -2.58 -40.16 -0.79
C PHE A 33 -2.03 -38.81 -0.28
N HIS A 34 -0.86 -38.37 -0.71
CA HIS A 34 -0.27 -37.10 -0.29
C HIS A 34 -0.67 -35.88 -1.16
N TYR A 35 -1.03 -36.05 -2.44
CA TYR A 35 -1.49 -35.04 -3.33
C TYR A 35 -2.37 -35.68 -4.42
N ILE A 36 -3.60 -35.25 -4.52
CA ILE A 36 -4.41 -35.58 -5.67
C ILE A 36 -4.86 -34.24 -6.34
N GLY A 37 -4.38 -33.92 -7.55
CA GLY A 37 -4.80 -32.70 -8.22
C GLY A 37 -4.84 -32.84 -9.73
N LEU A 38 -5.39 -31.86 -10.42
CA LEU A 38 -5.52 -31.83 -11.86
C LEU A 38 -4.20 -31.87 -12.57
N ASP A 39 -4.05 -32.66 -13.65
CA ASP A 39 -2.80 -32.59 -14.41
C ASP A 39 -3.08 -31.55 -15.52
N ASP A 40 -2.27 -30.48 -15.54
CA ASP A 40 -2.54 -29.33 -16.37
C ASP A 40 -2.72 -29.63 -17.83
N PRO A 41 -3.88 -29.29 -18.37
CA PRO A 41 -4.10 -29.46 -19.80
C PRO A 41 -3.09 -28.67 -20.60
N GLU A 42 -2.86 -28.99 -21.86
CA GLU A 42 -2.01 -28.18 -22.70
C GLU A 42 -2.69 -26.83 -23.04
N LYS A 43 -1.90 -25.76 -22.84
CA LYS A 43 -2.40 -24.39 -23.06
C LYS A 43 -3.11 -24.23 -24.38
N ASP A 44 -2.60 -24.75 -25.52
CA ASP A 44 -3.28 -24.48 -26.77
C ASP A 44 -4.67 -25.16 -26.85
N HIS A 45 -4.72 -26.28 -26.16
CA HIS A 45 -5.98 -27.01 -26.24
C HIS A 45 -6.95 -26.17 -25.43
N VAL A 46 -6.42 -25.61 -24.32
CA VAL A 46 -7.31 -24.78 -23.51
C VAL A 46 -7.67 -23.50 -24.31
N LEU A 47 -6.66 -22.90 -24.94
CA LEU A 47 -7.00 -21.71 -25.75
C LEU A 47 -7.98 -22.04 -26.85
N ARG A 48 -7.84 -23.14 -27.58
CA ARG A 48 -8.75 -23.58 -28.63
C ARG A 48 -10.18 -23.86 -28.17
N TYR A 49 -10.17 -24.52 -27.03
CA TYR A 49 -11.40 -24.88 -26.35
C TYR A 49 -12.22 -23.63 -26.10
N GLU A 50 -11.66 -22.64 -25.44
CA GLU A 50 -12.33 -21.42 -25.04
C GLU A 50 -13.05 -20.70 -26.17
N THR A 51 -12.46 -20.81 -27.35
CA THR A 51 -13.09 -20.29 -28.56
C THR A 51 -14.07 -21.31 -29.14
N HIS A 52 -13.98 -22.63 -28.91
CA HIS A 52 -14.89 -23.63 -29.45
C HIS A 52 -15.21 -24.80 -28.54
N PRO A 53 -15.81 -24.53 -27.40
CA PRO A 53 -16.06 -25.49 -26.34
C PRO A 53 -16.79 -26.74 -26.84
N THR A 54 -17.87 -26.41 -27.52
CA THR A 54 -18.78 -27.41 -28.07
C THR A 54 -18.06 -28.32 -29.04
N LEU A 55 -16.83 -27.95 -29.41
CA LEU A 55 -16.15 -28.79 -30.38
C LEU A 55 -14.71 -29.04 -30.01
N VAL A 56 -14.39 -28.79 -28.71
CA VAL A 56 -13.06 -29.13 -28.21
C VAL A 56 -13.25 -30.04 -26.99
N SER A 57 -12.46 -31.13 -27.00
CA SER A 57 -12.58 -32.13 -25.92
C SER A 57 -11.22 -32.39 -25.28
N ILE A 58 -11.19 -32.16 -23.98
CA ILE A 58 -9.94 -32.38 -23.20
C ILE A 58 -10.26 -33.44 -22.17
N PRO A 59 -9.43 -34.45 -22.07
CA PRO A 59 -9.68 -35.53 -21.09
C PRO A 59 -9.13 -34.98 -19.77
N ARG A 60 -9.88 -35.29 -18.75
CA ARG A 60 -9.52 -34.91 -17.38
C ARG A 60 -8.44 -35.87 -16.91
N LYS A 61 -7.27 -35.41 -16.61
CA LYS A 61 -6.18 -36.19 -16.14
C LYS A 61 -5.80 -35.67 -14.74
N ILE A 62 -5.52 -36.60 -13.84
CA ILE A 62 -5.18 -36.39 -12.46
C ILE A 62 -3.77 -36.81 -12.18
N PHE A 63 -3.01 -36.04 -11.39
CA PHE A 63 -1.67 -36.43 -11.02
C PHE A 63 -1.82 -36.77 -9.53
N VAL A 64 -1.38 -37.98 -9.13
CA VAL A 64 -1.50 -38.40 -7.74
C VAL A 64 -0.09 -38.63 -7.22
N VAL A 65 0.20 -38.18 -6.01
CA VAL A 65 1.44 -38.51 -5.29
C VAL A 65 0.93 -39.29 -4.05
N ALA A 66 1.38 -40.57 -4.02
CA ALA A 66 0.93 -41.48 -2.95
C ALA A 66 2.16 -42.11 -2.32
N ILE A 67 2.20 -42.29 -0.99
CA ILE A 67 3.30 -43.13 -0.46
C ILE A 67 2.67 -44.56 -0.29
N ILE A 68 3.27 -45.52 -1.02
CA ILE A 68 2.66 -46.88 -1.00
C ILE A 68 3.73 -47.84 -0.48
N ASN A 69 3.52 -48.45 0.70
CA ASN A 69 4.57 -49.37 1.24
C ASN A 69 5.91 -48.67 1.31
N SER A 70 5.93 -47.46 1.90
CA SER A 70 7.15 -46.67 2.03
C SER A 70 7.89 -46.19 0.81
N GLN A 71 7.24 -46.15 -0.33
CA GLN A 71 7.83 -45.70 -1.58
C GLN A 71 6.88 -44.65 -2.17
N THR A 72 7.50 -43.58 -2.65
CA THR A 72 6.74 -42.49 -3.25
C THR A 72 6.47 -42.81 -4.71
N HIS A 73 5.20 -42.93 -5.03
CA HIS A 73 4.79 -43.16 -6.39
C HIS A 73 4.15 -41.90 -7.02
N GLU A 74 4.44 -41.66 -8.28
CA GLU A 74 3.81 -40.64 -9.11
C GLU A 74 2.92 -41.36 -10.11
N ILE A 75 1.64 -41.14 -9.98
CA ILE A 75 0.67 -41.85 -10.80
C ILE A 75 -0.14 -40.87 -11.63
N LEU A 76 -0.19 -41.08 -12.93
CA LEU A 76 -1.06 -40.32 -13.80
C LEU A 76 -2.28 -41.12 -14.18
N ILE A 77 -3.49 -40.61 -14.02
CA ILE A 77 -4.72 -41.23 -14.37
C ILE A 77 -5.50 -40.50 -15.45
N ASN A 78 -6.05 -41.20 -16.44
CA ASN A 78 -6.94 -40.60 -17.41
C ASN A 78 -8.37 -41.00 -17.05
N LEU A 79 -9.17 -40.15 -16.45
CA LEU A 79 -10.53 -40.49 -16.08
C LEU A 79 -11.40 -40.66 -17.30
N ARG A 80 -10.93 -40.30 -18.50
CA ARG A 80 -11.84 -40.52 -19.64
C ARG A 80 -11.98 -42.04 -19.84
N ILE A 81 -10.85 -42.74 -19.79
CA ILE A 81 -10.83 -44.19 -19.91
C ILE A 81 -10.68 -44.89 -18.57
N ARG A 82 -10.86 -44.22 -17.46
CA ARG A 82 -10.74 -44.69 -16.10
C ARG A 82 -9.51 -45.54 -15.88
N SER A 83 -8.32 -45.04 -16.21
CA SER A 83 -7.16 -45.91 -16.07
C SER A 83 -5.85 -45.29 -15.69
N ILE A 84 -5.03 -45.96 -14.88
CA ILE A 84 -3.69 -45.47 -14.57
C ILE A 84 -2.96 -45.44 -15.88
N VAL A 85 -2.22 -44.44 -16.27
CA VAL A 85 -1.58 -44.38 -17.57
C VAL A 85 -0.09 -44.35 -17.33
N SER A 86 0.29 -44.13 -16.08
CA SER A 86 1.70 -44.08 -15.70
C SER A 86 1.85 -44.32 -14.21
N ASP A 87 2.92 -44.95 -13.76
CA ASP A 87 3.01 -45.20 -12.30
C ASP A 87 4.50 -45.32 -12.01
N ASN A 88 5.10 -44.33 -11.38
CA ASN A 88 6.53 -44.30 -11.21
C ASN A 88 6.94 -44.06 -9.78
N ILE A 89 8.16 -44.51 -9.53
CA ILE A 89 8.72 -44.40 -8.19
C ILE A 89 9.64 -43.17 -8.14
N HIS A 90 9.37 -42.32 -7.14
CA HIS A 90 10.25 -41.18 -7.02
C HIS A 90 11.49 -41.57 -6.26
N ASN A 91 12.59 -41.52 -6.99
CA ASN A 91 13.90 -41.82 -6.44
C ASN A 91 14.77 -40.67 -6.02
N GLY A 92 14.54 -39.39 -6.25
CA GLY A 92 15.51 -38.39 -5.76
C GLY A 92 15.20 -37.98 -4.32
N TYR A 93 15.77 -36.83 -3.90
CA TYR A 93 15.50 -36.28 -2.59
C TYR A 93 14.15 -35.63 -2.43
N GLY A 94 13.76 -35.47 -1.17
CA GLY A 94 12.49 -34.86 -0.84
C GLY A 94 11.30 -35.78 -0.82
N PHE A 95 10.38 -35.48 0.07
CA PHE A 95 9.16 -36.25 0.21
C PHE A 95 8.01 -35.31 -0.10
N PRO A 96 6.80 -35.84 -0.17
CA PRO A 96 5.60 -35.07 -0.41
C PRO A 96 5.08 -34.20 0.75
N ILE A 97 3.98 -33.50 0.46
CA ILE A 97 3.24 -32.70 1.44
C ILE A 97 2.84 -33.66 2.57
N LEU A 98 3.11 -33.35 3.81
CA LEU A 98 2.62 -34.11 4.93
C LEU A 98 1.11 -34.28 4.81
N SER A 99 0.52 -35.26 5.48
CA SER A 99 -0.93 -35.40 5.48
C SER A 99 -1.46 -34.98 6.85
N VAL A 100 -2.74 -34.70 6.88
CA VAL A 100 -3.30 -34.25 8.16
C VAL A 100 -3.32 -35.40 9.16
N ASP A 101 -3.81 -36.53 8.67
CA ASP A 101 -3.92 -37.82 9.33
C ASP A 101 -2.66 -38.24 10.05
N GLU A 102 -1.54 -38.29 9.33
CA GLU A 102 -0.26 -38.67 9.91
C GLU A 102 0.17 -37.72 11.01
N GLN A 103 -0.13 -36.43 10.85
CA GLN A 103 0.28 -35.48 11.88
C GLN A 103 -0.54 -35.68 13.14
N SER A 104 -1.81 -36.02 12.98
CA SER A 104 -2.64 -36.31 14.14
C SER A 104 -2.17 -37.55 14.93
N LEU A 105 -1.55 -38.50 14.26
CA LEU A 105 -1.01 -39.66 14.97
C LEU A 105 0.27 -39.22 15.67
N ALA A 106 1.10 -38.52 14.87
CA ALA A 106 2.40 -38.13 15.40
C ALA A 106 2.33 -37.31 16.67
N ILE A 107 1.34 -36.42 16.78
CA ILE A 107 1.32 -35.57 17.99
C ILE A 107 0.88 -36.30 19.23
N LYS A 108 0.50 -37.58 19.09
CA LYS A 108 0.13 -38.33 20.33
C LYS A 108 1.34 -39.07 20.87
N LEU A 109 2.34 -39.32 20.04
CA LEU A 109 3.49 -40.06 20.47
C LEU A 109 4.09 -39.68 21.81
N PRO A 110 4.27 -38.38 22.10
CA PRO A 110 4.96 -37.94 23.30
C PRO A 110 4.13 -38.25 24.52
N LEU A 111 2.82 -38.26 24.34
CA LEU A 111 1.98 -38.47 25.52
C LEU A 111 2.11 -39.86 26.10
N LYS A 112 2.62 -40.81 25.32
CA LYS A 112 2.83 -42.16 25.80
C LYS A 112 4.31 -42.48 25.86
N TYR A 113 5.21 -41.59 25.58
CA TYR A 113 6.64 -41.93 25.63
C TYR A 113 7.12 -41.76 27.06
N PRO A 114 7.80 -42.77 27.65
CA PRO A 114 8.06 -42.69 29.08
C PRO A 114 8.98 -41.57 29.50
N PRO A 115 10.05 -41.33 28.76
CA PRO A 115 10.99 -40.27 29.02
C PRO A 115 10.41 -38.86 28.97
N PHE A 116 9.35 -38.65 28.23
CA PHE A 116 8.68 -37.37 28.08
C PHE A 116 7.82 -37.19 29.33
N ILE A 117 7.19 -38.31 29.68
CA ILE A 117 6.31 -38.29 30.85
C ILE A 117 7.11 -37.96 32.09
N ASP A 118 8.34 -38.46 32.09
CA ASP A 118 9.16 -38.09 33.23
C ASP A 118 9.46 -36.58 33.17
N SER A 119 9.94 -36.11 32.02
CA SER A 119 10.24 -34.70 31.75
C SER A 119 9.14 -33.78 32.23
N VAL A 120 7.89 -34.05 31.87
CA VAL A 120 6.75 -33.26 32.25
C VAL A 120 6.55 -33.20 33.75
N LYS A 121 6.68 -34.32 34.43
CA LYS A 121 6.58 -34.46 35.87
C LYS A 121 7.67 -33.67 36.59
N LYS A 122 8.90 -33.85 36.13
CA LYS A 122 10.05 -33.12 36.64
C LYS A 122 9.75 -31.62 36.65
N ARG A 123 8.88 -31.21 35.73
CA ARG A 123 8.51 -29.83 35.56
C ARG A 123 7.22 -29.60 36.30
N GLY A 124 6.53 -30.59 36.79
CA GLY A 124 5.28 -30.28 37.51
C GLY A 124 4.12 -29.97 36.60
N LEU A 125 4.16 -30.31 35.32
CA LEU A 125 3.07 -30.00 34.42
C LEU A 125 1.98 -31.05 34.34
N ASN A 126 0.70 -30.73 34.22
CA ASN A 126 -0.38 -31.65 34.06
C ASN A 126 -0.40 -32.25 32.65
N LEU A 127 -0.16 -33.56 32.58
CA LEU A 127 -0.03 -34.34 31.36
C LEU A 127 -1.32 -34.36 30.57
N SER A 128 -2.41 -34.22 31.28
CA SER A 128 -3.74 -34.17 30.68
C SER A 128 -4.05 -32.88 29.93
N GLU A 129 -3.14 -31.88 30.02
CA GLU A 129 -3.35 -30.60 29.39
C GLU A 129 -2.25 -30.24 28.41
N ILE A 130 -1.56 -31.24 27.85
CA ILE A 130 -0.50 -31.03 26.90
C ILE A 130 -1.01 -31.28 25.48
N VAL A 131 -0.69 -30.42 24.53
CA VAL A 131 -1.03 -30.63 23.13
C VAL A 131 0.26 -30.47 22.37
N CYS A 132 0.56 -31.32 21.41
CA CYS A 132 1.85 -31.21 20.71
C CYS A 132 1.64 -30.86 19.25
N SER A 133 2.72 -30.52 18.56
CA SER A 133 2.55 -30.11 17.17
C SER A 133 3.74 -30.56 16.36
N SER A 134 3.58 -30.94 15.10
CA SER A 134 4.69 -31.32 14.24
C SER A 134 5.19 -30.18 13.33
N PHE A 135 6.50 -30.04 13.31
CA PHE A 135 7.21 -29.04 12.57
C PHE A 135 8.09 -29.73 11.55
N THR A 136 8.12 -29.32 10.32
CA THR A 136 9.06 -29.89 9.36
C THR A 136 10.47 -29.56 9.80
N MET A 137 11.46 -30.25 9.26
CA MET A 137 12.82 -30.06 9.72
C MET A 137 13.78 -29.83 8.56
N GLY A 138 13.31 -29.99 7.32
CA GLY A 138 14.15 -29.53 6.21
C GLY A 138 15.42 -30.32 6.14
N TRP A 139 16.51 -29.76 5.64
CA TRP A 139 17.73 -30.52 5.42
C TRP A 139 18.96 -29.69 5.76
N PHE A 140 19.98 -30.32 6.33
CA PHE A 140 21.11 -29.57 6.82
C PHE A 140 22.47 -30.15 6.48
N GLY A 141 22.53 -30.85 5.36
CA GLY A 141 23.84 -31.34 4.90
C GLY A 141 23.96 -32.86 5.00
N GLU A 142 23.23 -33.44 5.94
CA GLU A 142 23.29 -34.86 6.20
C GLU A 142 22.86 -35.71 5.01
N GLU A 143 23.36 -36.95 4.96
CA GLU A 143 23.10 -37.90 3.92
C GLU A 143 21.82 -38.70 4.04
N LYS A 144 21.36 -38.88 5.26
CA LYS A 144 20.13 -39.59 5.55
C LYS A 144 18.90 -38.96 4.89
N ASN A 145 18.03 -39.76 4.28
CA ASN A 145 16.83 -39.25 3.67
C ASN A 145 15.62 -39.91 4.32
N VAL A 146 15.24 -39.44 5.50
CA VAL A 146 14.10 -40.00 6.20
C VAL A 146 13.03 -38.97 6.53
N ARG A 147 11.78 -39.30 6.61
CA ARG A 147 10.68 -38.49 6.97
C ARG A 147 10.57 -38.18 8.44
N THR A 148 11.56 -37.49 8.97
CA THR A 148 11.49 -37.02 10.34
C THR A 148 10.92 -35.60 10.48
N VAL A 149 10.40 -35.30 11.66
CA VAL A 149 9.81 -34.06 12.01
C VAL A 149 10.11 -33.81 13.49
N ARG A 150 10.10 -32.55 13.92
CA ARG A 150 10.28 -32.26 15.34
C ARG A 150 8.88 -32.08 15.91
N LEU A 151 8.65 -32.50 17.15
CA LEU A 151 7.35 -32.33 17.77
C LEU A 151 7.52 -31.35 18.94
N ASP A 152 6.66 -30.33 18.93
CA ASP A 152 6.78 -29.29 19.99
C ASP A 152 5.53 -29.44 20.81
N CYS A 153 5.58 -29.22 22.09
CA CYS A 153 4.43 -29.44 22.97
C CYS A 153 4.08 -28.16 23.72
N PHE A 154 2.79 -27.96 24.09
CA PHE A 154 2.31 -26.71 24.65
C PHE A 154 1.30 -26.94 25.76
N MET A 155 1.20 -26.14 26.80
CA MET A 155 0.14 -26.33 27.78
C MET A 155 -1.17 -25.70 27.34
N LYS A 156 -2.31 -26.25 27.64
CA LYS A 156 -3.59 -25.74 27.19
C LYS A 156 -4.39 -25.65 28.46
N GLU A 157 -4.19 -24.85 29.49
CA GLU A 157 -5.16 -25.36 30.59
C GLU A 157 -6.44 -24.59 30.39
N SER A 158 -6.41 -23.35 30.91
CA SER A 158 -7.58 -22.47 30.82
C SER A 158 -7.63 -21.74 29.49
N THR A 159 -6.65 -21.89 28.59
CA THR A 159 -6.69 -21.13 27.35
C THR A 159 -6.68 -22.01 26.11
N VAL A 160 -7.34 -21.65 25.00
CA VAL A 160 -7.17 -22.40 23.76
C VAL A 160 -5.93 -21.85 23.04
N ASN A 161 -5.34 -20.82 23.63
CA ASN A 161 -4.17 -20.22 22.98
C ASN A 161 -2.93 -21.03 23.33
N ILE A 162 -2.73 -22.17 22.63
CA ILE A 162 -1.62 -23.05 23.02
C ILE A 162 -0.27 -22.58 22.59
N TYR A 163 -0.12 -21.93 21.45
CA TYR A 163 1.17 -21.52 20.93
C TYR A 163 1.85 -20.47 21.82
N VAL A 164 1.11 -19.85 22.73
CA VAL A 164 1.77 -18.91 23.64
C VAL A 164 2.18 -19.53 24.99
N ARG A 165 1.96 -20.87 25.12
CA ARG A 165 2.37 -21.57 26.34
C ARG A 165 3.22 -22.80 25.96
N PRO A 166 4.32 -22.55 25.28
CA PRO A 166 5.26 -23.57 24.92
C PRO A 166 5.95 -24.24 26.11
N ILE A 167 6.30 -25.53 25.98
CA ILE A 167 7.18 -26.25 26.93
C ILE A 167 8.51 -26.21 26.20
N THR A 168 9.45 -25.38 26.60
CA THR A 168 10.68 -25.21 25.80
C THR A 168 11.85 -25.97 26.38
N GLY A 169 12.79 -26.46 25.60
CA GLY A 169 13.98 -27.08 26.21
C GLY A 169 14.19 -28.55 25.89
N ILE A 170 13.25 -29.16 25.18
CA ILE A 170 13.26 -30.55 24.80
C ILE A 170 13.36 -30.92 23.33
N THR A 171 14.35 -31.61 22.78
CA THR A 171 14.30 -32.11 21.40
C THR A 171 13.51 -33.42 21.25
N ILE A 172 12.50 -33.50 20.39
CA ILE A 172 11.72 -34.67 20.08
C ILE A 172 11.66 -34.90 18.56
N VAL A 173 12.34 -35.93 18.04
CA VAL A 173 12.31 -36.24 16.61
C VAL A 173 11.47 -37.48 16.35
N ALA A 174 10.48 -37.44 15.48
CA ALA A 174 9.63 -38.58 15.19
C ALA A 174 9.75 -38.96 13.71
N ASP A 175 9.72 -40.28 13.40
CA ASP A 175 9.79 -40.73 12.00
C ASP A 175 8.33 -41.00 11.63
N LEU A 176 7.86 -40.44 10.50
CA LEU A 176 6.43 -40.51 10.16
C LEU A 176 6.08 -41.82 9.44
N ASP A 177 7.16 -42.44 8.94
CA ASP A 177 6.98 -43.72 8.24
C ASP A 177 6.84 -44.79 9.30
N LEU A 178 7.72 -44.87 10.29
CA LEU A 178 7.57 -45.82 11.37
C LEU A 178 6.50 -45.36 12.35
N MET A 179 6.30 -44.03 12.27
CA MET A 179 5.39 -43.42 13.25
C MET A 179 6.00 -43.70 14.61
N LYS A 180 7.25 -43.33 14.81
CA LYS A 180 7.90 -43.56 16.09
C LYS A 180 8.85 -42.48 16.57
N ILE A 181 8.82 -42.18 17.88
CA ILE A 181 9.83 -41.21 18.35
C ILE A 181 11.15 -41.93 18.24
N VAL A 182 12.03 -41.39 17.47
CA VAL A 182 13.35 -41.89 17.22
C VAL A 182 14.41 -41.03 17.88
N GLU A 183 14.09 -39.88 18.47
CA GLU A 183 15.15 -39.12 19.17
C GLU A 183 14.57 -38.24 20.27
N TYR A 184 15.27 -38.12 21.39
CA TYR A 184 14.74 -37.44 22.55
C TYR A 184 15.86 -36.85 23.40
N HIS A 185 15.75 -35.61 23.82
CA HIS A 185 16.70 -34.97 24.69
C HIS A 185 15.98 -33.81 25.40
N ASP A 186 15.91 -33.97 26.68
CA ASP A 186 15.42 -32.94 27.56
C ASP A 186 16.66 -32.10 27.89
N ARG A 187 16.78 -30.95 27.24
CA ARG A 187 17.90 -30.06 27.31
C ARG A 187 17.77 -28.96 28.36
N ASP A 188 16.57 -28.47 28.58
CA ASP A 188 16.45 -27.29 29.40
C ASP A 188 15.15 -27.10 30.10
N ILE A 189 15.23 -26.60 31.31
CA ILE A 189 13.94 -26.33 31.99
C ILE A 189 13.63 -24.83 31.89
N GLU A 190 12.53 -24.42 31.31
CA GLU A 190 12.15 -23.02 31.22
C GLU A 190 10.71 -22.85 31.75
N ALA A 191 10.45 -21.73 32.40
CA ALA A 191 9.06 -21.50 32.82
C ALA A 191 8.10 -21.56 31.64
N VAL A 192 6.87 -21.98 31.89
CA VAL A 192 5.78 -22.04 30.93
C VAL A 192 5.00 -20.72 31.16
N PRO A 193 4.85 -19.95 30.06
CA PRO A 193 4.17 -18.66 30.20
C PRO A 193 2.78 -18.85 30.75
N THR A 194 2.33 -18.00 31.65
CA THR A 194 0.99 -18.07 32.25
C THR A 194 -0.09 -18.08 31.17
N ALA A 195 -1.29 -18.44 31.59
CA ALA A 195 -2.40 -18.52 30.68
C ALA A 195 -3.23 -17.22 30.80
N GLU A 196 -2.96 -16.47 31.86
CA GLU A 196 -3.66 -15.21 32.01
C GLU A 196 -3.65 -14.30 30.80
N ASN A 197 -4.79 -13.81 30.33
CA ASN A 197 -4.83 -12.82 29.25
C ASN A 197 -4.33 -13.29 27.89
N THR A 198 -4.55 -14.55 27.53
CA THR A 198 -4.08 -15.11 26.27
C THR A 198 -5.25 -15.59 25.43
N GLU A 199 -6.42 -15.47 26.00
CA GLU A 199 -7.66 -15.92 25.38
C GLU A 199 -8.20 -14.92 24.38
N TYR A 200 -8.59 -15.34 23.18
CA TYR A 200 -9.16 -14.47 22.17
C TYR A 200 -10.62 -14.74 21.83
N GLN A 201 -11.31 -15.68 22.48
CA GLN A 201 -12.68 -15.91 22.13
C GLN A 201 -13.50 -15.02 23.05
N VAL A 202 -14.49 -14.43 22.37
CA VAL A 202 -15.32 -13.46 23.12
C VAL A 202 -16.11 -14.30 24.14
N SER A 203 -16.47 -15.48 23.67
CA SER A 203 -17.16 -16.47 24.52
C SER A 203 -16.28 -16.69 25.74
N LYS A 204 -14.99 -16.76 25.67
CA LYS A 204 -14.22 -16.89 26.90
C LYS A 204 -13.77 -15.60 27.54
N GLN A 205 -14.08 -14.37 27.07
CA GLN A 205 -13.54 -13.15 27.67
C GLN A 205 -14.58 -12.45 28.54
N SER A 206 -14.14 -11.65 29.49
CA SER A 206 -15.14 -10.85 30.23
C SER A 206 -14.91 -9.35 30.10
N PRO A 207 -15.86 -8.54 30.54
CA PRO A 207 -15.73 -7.08 30.49
C PRO A 207 -14.45 -6.64 31.14
N PRO A 208 -13.99 -5.42 30.83
CA PRO A 208 -14.76 -4.51 29.96
C PRO A 208 -14.38 -4.77 28.51
N PHE A 209 -15.26 -4.32 27.63
CA PHE A 209 -15.09 -4.38 26.19
C PHE A 209 -15.05 -3.00 25.54
N GLY A 210 -14.35 -2.71 24.44
CA GLY A 210 -14.52 -1.40 23.81
C GLY A 210 -13.31 -1.17 22.93
N PRO A 211 -13.38 -0.11 22.10
CA PRO A 211 -14.53 0.76 22.07
C PRO A 211 -15.69 0.19 21.28
N LYS A 212 -16.90 0.70 21.56
CA LYS A 212 -18.08 0.27 20.82
C LYS A 212 -17.97 0.69 19.35
N GLN A 213 -18.36 -0.15 18.41
CA GLN A 213 -18.34 0.12 16.99
C GLN A 213 -19.78 0.19 16.53
N HIS A 214 -20.19 1.25 15.81
CA HIS A 214 -21.52 1.37 15.30
C HIS A 214 -21.73 0.41 14.09
N SER A 215 -22.95 -0.13 14.18
CA SER A 215 -23.41 -1.17 13.29
C SER A 215 -23.76 -0.58 11.93
N LEU A 216 -24.13 -1.57 11.10
CA LEU A 216 -24.51 -1.15 9.75
C LEU A 216 -25.40 -2.21 9.10
N THR A 217 -26.11 -1.63 8.10
CA THR A 217 -26.93 -2.44 7.21
C THR A 217 -26.76 -1.91 5.80
N SER A 218 -26.88 -2.75 4.79
CA SER A 218 -26.73 -2.36 3.41
C SER A 218 -27.44 -3.35 2.47
N HIS A 219 -27.52 -2.90 1.20
CA HIS A 219 -28.32 -3.71 0.28
C HIS A 219 -28.07 -3.28 -1.15
N GLN A 220 -27.96 -4.22 -2.06
CA GLN A 220 -27.79 -3.93 -3.47
C GLN A 220 -29.15 -4.10 -4.11
N PRO A 221 -29.86 -3.07 -4.45
CA PRO A 221 -31.18 -3.16 -5.01
C PRO A 221 -31.26 -4.06 -6.22
N GLN A 222 -30.19 -4.10 -6.99
CA GLN A 222 -30.18 -4.99 -8.14
C GLN A 222 -29.33 -6.24 -7.86
N GLY A 223 -28.92 -6.56 -6.66
CA GLY A 223 -28.13 -7.72 -6.37
C GLY A 223 -26.72 -7.50 -6.88
N PRO A 224 -25.82 -8.48 -6.75
CA PRO A 224 -24.45 -8.39 -7.09
C PRO A 224 -24.20 -8.10 -8.57
N GLY A 225 -23.04 -7.48 -8.81
CA GLY A 225 -22.74 -7.23 -10.21
C GLY A 225 -22.01 -8.41 -10.81
N PHE A 226 -21.50 -9.38 -10.06
CA PHE A 226 -20.83 -10.53 -10.70
C PHE A 226 -21.81 -11.68 -10.94
N GLN A 227 -21.55 -12.52 -11.93
CA GLN A 227 -22.37 -13.72 -12.14
C GLN A 227 -21.37 -14.87 -12.00
N ILE A 228 -21.60 -15.86 -11.15
CA ILE A 228 -20.69 -17.03 -11.16
C ILE A 228 -21.38 -18.20 -11.86
N ASN A 229 -20.88 -18.70 -12.97
CA ASN A 229 -21.52 -19.79 -13.70
C ASN A 229 -20.56 -20.98 -13.59
N GLY A 230 -20.89 -21.84 -12.59
CA GLY A 230 -19.94 -22.93 -12.29
C GLY A 230 -18.72 -22.36 -11.56
N HIS A 231 -17.55 -22.35 -12.18
CA HIS A 231 -16.42 -21.64 -11.58
C HIS A 231 -15.97 -20.47 -12.46
N SER A 232 -16.81 -20.08 -13.40
CA SER A 232 -16.60 -18.94 -14.27
C SER A 232 -17.22 -17.63 -13.77
N VAL A 233 -16.34 -16.63 -13.60
CA VAL A 233 -16.84 -15.33 -13.18
C VAL A 233 -17.01 -14.35 -14.36
N SER A 234 -18.18 -13.69 -14.33
CA SER A 234 -18.49 -12.55 -15.16
C SER A 234 -18.71 -11.30 -14.32
N TRP A 235 -17.86 -10.28 -14.49
CA TRP A 235 -18.12 -9.06 -13.67
C TRP A 235 -17.62 -7.78 -14.39
N ALA A 236 -18.41 -6.70 -14.39
CA ALA A 236 -18.00 -5.44 -15.07
C ALA A 236 -17.52 -5.77 -16.48
N ASN A 237 -16.30 -5.54 -16.86
CA ASN A 237 -15.73 -5.87 -18.17
C ASN A 237 -14.78 -7.08 -18.19
N TRP A 238 -14.72 -7.79 -17.06
CA TRP A 238 -13.87 -8.95 -16.82
C TRP A 238 -14.66 -10.28 -16.89
N LYS A 239 -13.86 -11.27 -17.30
CA LYS A 239 -14.28 -12.68 -17.20
C LYS A 239 -13.08 -13.44 -16.70
N PHE A 240 -13.17 -14.34 -15.74
CA PHE A 240 -12.03 -15.16 -15.35
C PHE A 240 -12.56 -16.48 -14.72
N HIS A 241 -11.63 -17.42 -14.62
CA HIS A 241 -12.06 -18.72 -14.03
C HIS A 241 -11.50 -18.86 -12.63
N ILE A 242 -12.30 -19.24 -11.67
CA ILE A 242 -11.81 -19.52 -10.33
C ILE A 242 -11.56 -21.04 -10.15
N GLY A 243 -10.32 -21.38 -9.85
CA GLY A 243 -9.84 -22.70 -9.59
C GLY A 243 -9.37 -22.96 -8.16
N PHE A 244 -9.05 -24.22 -7.89
CA PHE A 244 -8.66 -24.69 -6.55
C PHE A 244 -7.81 -25.95 -6.61
N ASP A 245 -6.71 -26.00 -5.91
CA ASP A 245 -5.77 -27.12 -5.96
C ASP A 245 -5.35 -27.39 -4.51
N VAL A 246 -5.17 -28.68 -4.11
CA VAL A 246 -4.92 -28.95 -2.70
C VAL A 246 -3.55 -28.47 -2.27
N ARG A 247 -2.61 -28.33 -3.23
CA ARG A 247 -1.30 -27.79 -2.84
C ARG A 247 -1.28 -26.23 -2.87
N ALA A 248 -1.78 -25.64 -3.99
CA ALA A 248 -1.71 -24.26 -4.34
C ALA A 248 -2.75 -23.36 -3.66
N GLY A 249 -3.89 -23.89 -3.38
CA GLY A 249 -5.03 -23.20 -2.82
C GLY A 249 -5.76 -22.57 -4.04
N ILE A 250 -6.13 -21.31 -3.95
CA ILE A 250 -6.80 -20.59 -5.06
C ILE A 250 -5.96 -20.40 -6.31
N VAL A 251 -6.59 -20.59 -7.45
CA VAL A 251 -5.90 -20.47 -8.74
C VAL A 251 -6.75 -19.58 -9.62
N ILE A 252 -6.20 -18.51 -10.19
CA ILE A 252 -7.06 -17.62 -11.02
C ILE A 252 -6.69 -17.88 -12.46
N SER A 253 -7.63 -18.04 -13.37
CA SER A 253 -7.21 -18.36 -14.73
C SER A 253 -8.04 -17.61 -15.77
N LEU A 254 -7.39 -17.57 -16.92
CA LEU A 254 -8.14 -17.08 -18.09
C LEU A 254 -8.71 -15.66 -17.87
N ALA A 255 -7.90 -14.72 -17.30
CA ALA A 255 -8.52 -13.39 -17.03
C ALA A 255 -8.30 -12.50 -18.26
N SER A 256 -9.42 -12.06 -18.77
CA SER A 256 -9.67 -11.25 -19.94
C SER A 256 -10.55 -10.00 -19.68
N ILE A 257 -10.24 -8.90 -20.41
CA ILE A 257 -11.10 -7.70 -20.18
C ILE A 257 -11.62 -7.24 -21.53
N TYR A 258 -12.91 -6.88 -21.51
CA TYR A 258 -13.50 -6.37 -22.76
C TYR A 258 -13.12 -4.91 -22.99
N ASP A 259 -12.52 -4.59 -24.12
CA ASP A 259 -12.11 -3.24 -24.52
C ASP A 259 -13.27 -2.60 -25.26
N LEU A 260 -13.99 -1.72 -24.58
CA LEU A 260 -15.15 -1.03 -25.15
C LEU A 260 -14.85 -0.29 -26.45
N GLU A 261 -13.65 0.20 -26.60
CA GLU A 261 -13.23 1.05 -27.71
C GLU A 261 -12.86 0.16 -28.87
N LYS A 262 -12.10 -0.87 -28.54
CA LYS A 262 -11.69 -1.80 -29.60
C LYS A 262 -12.78 -2.85 -29.79
N HIS A 263 -13.85 -2.85 -29.03
CA HIS A 263 -14.90 -3.85 -29.06
C HIS A 263 -14.35 -5.27 -29.00
N LYS A 264 -13.50 -5.55 -28.05
CA LYS A 264 -12.81 -6.85 -28.09
C LYS A 264 -12.52 -7.28 -26.66
N SER A 265 -12.56 -8.60 -26.49
CA SER A 265 -12.08 -9.17 -25.22
C SER A 265 -10.58 -9.36 -25.39
N ARG A 266 -9.80 -8.96 -24.43
CA ARG A 266 -8.35 -9.07 -24.60
C ARG A 266 -7.80 -9.81 -23.41
N ARG A 267 -6.90 -10.74 -23.65
CA ARG A 267 -6.28 -11.54 -22.65
C ARG A 267 -5.26 -10.76 -21.82
N VAL A 268 -5.33 -11.06 -20.51
CA VAL A 268 -4.35 -10.47 -19.64
C VAL A 268 -3.57 -11.55 -18.94
N LEU A 269 -4.29 -12.37 -18.13
CA LEU A 269 -3.50 -13.34 -17.31
C LEU A 269 -3.95 -14.78 -17.67
N TYR A 270 -3.04 -15.63 -18.16
CA TYR A 270 -3.49 -17.03 -18.36
C TYR A 270 -3.78 -17.71 -16.99
N LYS A 271 -2.83 -17.60 -16.06
CA LYS A 271 -2.99 -18.24 -14.76
C LYS A 271 -2.22 -17.52 -13.68
N GLY A 272 -2.77 -17.38 -12.48
CA GLY A 272 -1.89 -16.88 -11.38
C GLY A 272 -2.21 -17.54 -10.03
N TYR A 273 -1.23 -17.76 -9.16
CA TYR A 273 -1.49 -18.37 -7.84
C TYR A 273 -0.27 -18.18 -6.98
N ILE A 274 -0.30 -18.36 -5.65
CA ILE A 274 1.00 -18.35 -4.94
C ILE A 274 1.66 -19.71 -5.11
N SER A 275 2.91 -19.81 -5.52
CA SER A 275 3.51 -21.10 -5.81
C SER A 275 4.26 -21.65 -4.62
N GLU A 276 4.71 -20.85 -3.68
CA GLU A 276 5.40 -21.27 -2.50
C GLU A 276 5.50 -20.17 -1.43
N LEU A 277 5.60 -20.55 -0.17
CA LEU A 277 5.91 -19.70 0.95
C LEU A 277 7.24 -20.10 1.57
N PHE A 278 7.78 -19.30 2.44
CA PHE A 278 9.05 -19.55 3.10
C PHE A 278 9.08 -18.68 4.34
N VAL A 279 9.00 -19.29 5.51
CA VAL A 279 8.93 -18.59 6.79
C VAL A 279 10.10 -18.97 7.68
N PRO A 280 11.32 -18.47 7.40
CA PRO A 280 12.50 -18.78 8.16
C PRO A 280 12.67 -18.09 9.50
N TYR A 281 12.90 -18.84 10.56
CA TYR A 281 13.15 -18.27 11.86
C TYR A 281 14.63 -17.96 11.96
N GLN A 282 14.97 -17.21 13.00
CA GLN A 282 16.29 -16.65 13.17
C GLN A 282 16.88 -17.01 14.52
N ASP A 283 16.41 -18.13 15.07
CA ASP A 283 16.98 -18.70 16.32
C ASP A 283 17.83 -19.89 15.88
N PRO A 284 19.14 -19.71 15.93
CA PRO A 284 20.07 -20.72 15.48
C PRO A 284 20.23 -21.83 16.53
N THR A 285 19.56 -21.75 17.67
CA THR A 285 19.68 -22.77 18.70
C THR A 285 18.91 -24.05 18.32
N GLU A 286 19.17 -25.14 19.03
CA GLU A 286 18.58 -26.44 18.86
C GLU A 286 17.07 -26.44 18.97
N GLU A 287 16.61 -25.50 19.78
CA GLU A 287 15.18 -25.27 19.87
C GLU A 287 14.55 -24.86 18.54
N PHE A 288 15.23 -24.11 17.65
CA PHE A 288 14.53 -23.59 16.48
C PHE A 288 15.30 -23.55 15.18
N TYR A 289 16.58 -23.88 15.16
CA TYR A 289 17.34 -23.77 13.91
C TYR A 289 16.65 -24.36 12.69
N PHE A 290 15.83 -25.40 12.87
CA PHE A 290 15.28 -26.19 11.76
C PHE A 290 13.95 -25.65 11.24
N LYS A 291 13.41 -24.67 12.01
CA LYS A 291 12.14 -24.08 11.66
C LYS A 291 12.22 -22.97 10.59
N THR A 292 11.89 -23.37 9.37
CA THR A 292 11.86 -22.63 8.16
C THR A 292 10.82 -23.20 7.20
N PHE A 293 9.54 -23.08 7.57
CA PHE A 293 8.51 -23.65 6.76
C PHE A 293 8.33 -23.26 5.31
N PHE A 294 7.92 -24.21 4.48
CA PHE A 294 7.59 -24.08 3.08
C PHE A 294 6.13 -24.52 3.01
N ASP A 295 5.25 -23.69 3.51
CA ASP A 295 3.87 -24.00 3.67
C ASP A 295 3.18 -24.64 2.49
N SER A 296 3.24 -24.17 1.25
CA SER A 296 2.51 -24.91 0.23
C SER A 296 3.06 -26.34 0.02
N GLY A 297 4.38 -26.47 -0.11
CA GLY A 297 5.09 -27.69 -0.33
C GLY A 297 5.16 -28.75 0.77
N GLU A 298 5.15 -28.32 2.01
CA GLU A 298 5.24 -29.16 3.18
C GLU A 298 3.86 -29.39 3.77
N PHE A 299 2.96 -28.40 3.59
CA PHE A 299 1.66 -28.55 4.28
C PHE A 299 0.48 -28.45 3.38
N GLY A 300 0.61 -27.86 2.20
CA GLY A 300 -0.50 -27.65 1.27
C GLY A 300 -1.37 -26.46 1.62
N PHE A 301 -1.43 -25.47 0.72
CA PHE A 301 -2.29 -24.30 0.90
C PHE A 301 -3.75 -24.67 0.76
N GLY A 302 -4.04 -25.51 -0.23
CA GLY A 302 -5.41 -26.02 -0.35
C GLY A 302 -5.81 -26.84 0.90
N LEU A 303 -4.92 -27.73 1.35
CA LEU A 303 -5.30 -28.54 2.53
C LEU A 303 -5.44 -27.66 3.78
N SER A 304 -4.66 -26.56 3.81
CA SER A 304 -4.80 -25.68 4.97
C SER A 304 -5.82 -24.58 4.82
N THR A 305 -6.61 -24.51 3.78
CA THR A 305 -7.64 -23.48 3.65
C THR A 305 -8.71 -23.65 4.66
N VAL A 306 -9.19 -22.62 5.35
CA VAL A 306 -10.22 -22.71 6.36
C VAL A 306 -11.57 -22.27 5.77
N SER A 307 -12.64 -22.46 6.55
CA SER A 307 -13.98 -22.06 6.14
C SER A 307 -14.21 -20.59 6.56
N LEU A 308 -14.67 -19.74 5.61
CA LEU A 308 -14.75 -18.32 6.00
C LEU A 308 -15.96 -18.07 6.88
N ILE A 309 -15.79 -17.29 7.94
CA ILE A 309 -16.96 -16.91 8.78
C ILE A 309 -17.76 -15.80 8.11
N PRO A 310 -18.95 -16.09 7.60
CA PRO A 310 -19.75 -15.09 6.93
C PRO A 310 -19.90 -13.84 7.80
N ASN A 311 -19.97 -12.68 7.14
CA ASN A 311 -20.05 -11.40 7.79
C ASN A 311 -18.81 -11.01 8.55
N ARG A 312 -17.75 -11.74 8.62
CA ARG A 312 -16.60 -11.37 9.39
C ARG A 312 -15.42 -11.51 8.46
N ASP A 313 -15.24 -12.68 7.78
CA ASP A 313 -14.05 -12.77 6.94
C ASP A 313 -14.45 -12.19 5.57
N CYS A 314 -15.73 -12.08 5.32
CA CYS A 314 -16.25 -11.55 4.08
C CYS A 314 -17.45 -10.69 4.46
N PRO A 315 -17.74 -9.61 3.72
CA PRO A 315 -18.82 -8.72 4.14
C PRO A 315 -20.15 -9.40 3.88
N PRO A 316 -21.17 -8.94 4.54
CA PRO A 316 -22.49 -9.48 4.46
C PRO A 316 -23.00 -9.70 3.07
N HIS A 317 -22.49 -9.13 2.00
CA HIS A 317 -23.16 -9.45 0.71
C HIS A 317 -22.41 -10.48 -0.13
N ALA A 318 -21.34 -11.06 0.43
CA ALA A 318 -20.45 -11.98 -0.27
C ALA A 318 -21.11 -13.28 -0.74
N GLN A 319 -20.65 -13.85 -1.84
CA GLN A 319 -21.07 -15.15 -2.31
C GLN A 319 -19.92 -16.09 -1.99
N PHE A 320 -20.28 -17.29 -1.55
CA PHE A 320 -19.21 -18.27 -1.18
C PHE A 320 -19.16 -19.46 -2.11
N ILE A 321 -18.01 -20.08 -2.24
CA ILE A 321 -17.80 -21.28 -3.03
C ILE A 321 -17.19 -22.34 -2.12
N ASP A 322 -17.85 -23.50 -2.07
CA ASP A 322 -17.28 -24.66 -1.37
C ASP A 322 -16.34 -25.45 -2.29
N THR A 323 -15.24 -25.96 -1.75
CA THR A 323 -14.45 -26.92 -2.53
C THR A 323 -14.39 -28.28 -1.79
N TYR A 324 -13.67 -29.23 -2.42
CA TYR A 324 -13.37 -30.55 -1.86
C TYR A 324 -11.88 -30.75 -1.69
N VAL A 325 -11.41 -31.16 -0.53
CA VAL A 325 -10.03 -31.64 -0.45
C VAL A 325 -10.14 -33.18 -0.19
N HIS A 326 -9.00 -33.84 0.07
CA HIS A 326 -9.06 -35.31 0.25
C HIS A 326 -8.37 -35.70 1.55
N SER A 327 -8.67 -36.83 2.15
CA SER A 327 -7.86 -37.27 3.31
C SER A 327 -6.67 -38.10 2.88
N ALA A 328 -5.86 -38.59 3.82
CA ALA A 328 -4.73 -39.48 3.49
C ALA A 328 -5.18 -40.78 2.77
N ASN A 329 -6.42 -41.18 2.97
CA ASN A 329 -6.94 -42.37 2.34
C ASN A 329 -7.68 -42.07 1.06
N GLY A 330 -7.66 -40.78 0.65
CA GLY A 330 -8.23 -40.45 -0.65
C GLY A 330 -9.70 -40.14 -0.53
N THR A 331 -10.26 -40.13 0.64
CA THR A 331 -11.65 -39.69 0.79
C THR A 331 -11.85 -38.18 0.58
N PRO A 332 -12.91 -37.81 -0.13
CA PRO A 332 -13.25 -36.43 -0.40
C PRO A 332 -13.77 -35.74 0.85
N ILE A 333 -13.16 -34.63 1.23
CA ILE A 333 -13.65 -33.79 2.31
C ILE A 333 -14.24 -32.48 1.75
N LEU A 334 -15.47 -32.13 2.06
CA LEU A 334 -16.07 -30.87 1.70
C LEU A 334 -15.53 -29.73 2.60
N LEU A 335 -15.08 -28.69 1.90
CA LEU A 335 -14.56 -27.48 2.69
C LEU A 335 -15.56 -26.38 2.44
N LYS A 336 -16.57 -26.17 3.27
CA LYS A 336 -17.59 -25.17 3.01
C LYS A 336 -17.01 -23.72 2.99
N ASN A 337 -17.61 -22.87 2.17
CA ASN A 337 -17.20 -21.45 2.14
C ASN A 337 -15.69 -21.30 2.09
N ALA A 338 -15.07 -21.95 1.11
CA ALA A 338 -13.61 -21.88 1.02
C ALA A 338 -13.09 -20.58 0.37
N ILE A 339 -13.90 -20.01 -0.50
CA ILE A 339 -13.70 -18.81 -1.30
C ILE A 339 -14.96 -17.91 -1.28
N CYS A 340 -14.75 -16.59 -1.05
CA CYS A 340 -15.87 -15.65 -1.21
C CYS A 340 -15.55 -14.63 -2.32
N VAL A 341 -16.62 -14.15 -2.93
CA VAL A 341 -16.57 -13.11 -3.95
C VAL A 341 -17.48 -11.98 -3.49
N PHE A 342 -16.92 -10.74 -3.47
CA PHE A 342 -17.77 -9.59 -3.09
C PHE A 342 -17.32 -8.27 -3.76
N GLU A 343 -18.33 -7.40 -3.89
CA GLU A 343 -18.07 -6.04 -4.44
C GLU A 343 -17.71 -5.02 -3.37
N GLN A 344 -16.62 -4.28 -3.60
CA GLN A 344 -16.26 -3.19 -2.69
C GLN A 344 -16.56 -1.80 -3.25
N TYR A 345 -17.22 -0.98 -2.44
CA TYR A 345 -17.73 0.31 -2.77
C TYR A 345 -16.98 1.53 -2.20
N GLY A 346 -17.21 2.70 -2.85
CA GLY A 346 -16.76 3.94 -2.24
C GLY A 346 -15.48 4.59 -2.64
N ASN A 347 -14.66 4.00 -3.46
CA ASN A 347 -13.44 4.54 -3.99
C ASN A 347 -13.65 5.54 -5.14
N ILE A 348 -12.85 6.61 -5.16
CA ILE A 348 -12.93 7.57 -6.27
C ILE A 348 -12.29 6.91 -7.47
N MET A 349 -12.96 6.88 -8.60
CA MET A 349 -12.34 6.27 -9.79
C MET A 349 -11.38 7.20 -10.47
N TRP A 350 -11.80 8.48 -10.60
CA TRP A 350 -11.07 9.63 -11.13
C TRP A 350 -11.92 10.88 -10.90
N ARG A 351 -11.25 12.05 -10.96
CA ARG A 351 -11.98 13.31 -10.75
C ARG A 351 -11.13 14.52 -11.23
N HIS A 352 -11.89 15.61 -11.42
CA HIS A 352 -11.28 16.92 -11.69
C HIS A 352 -12.21 18.08 -11.35
N THR A 353 -11.63 19.03 -10.60
CA THR A 353 -12.29 20.34 -10.40
C THR A 353 -11.55 21.40 -11.28
N GLU A 354 -12.19 22.00 -12.29
CA GLU A 354 -11.56 22.98 -13.15
C GLU A 354 -11.95 24.43 -12.75
N ASN A 355 -10.95 25.10 -12.23
CA ASN A 355 -11.09 26.49 -11.85
C ASN A 355 -10.39 27.45 -12.83
N GLY A 356 -9.73 26.96 -13.86
CA GLY A 356 -8.91 27.73 -14.75
C GLY A 356 -9.49 28.48 -15.94
N ILE A 357 -10.78 28.39 -16.16
CA ILE A 357 -11.59 28.98 -17.17
C ILE A 357 -12.45 30.06 -16.49
N PRO A 358 -12.23 31.32 -16.89
CA PRO A 358 -12.95 32.43 -16.31
C PRO A 358 -14.45 32.29 -16.36
N ASN A 359 -15.10 32.58 -15.26
CA ASN A 359 -16.56 32.64 -15.20
C ASN A 359 -17.23 31.29 -15.45
N GLU A 360 -16.45 30.26 -15.11
CA GLU A 360 -16.88 28.90 -15.38
C GLU A 360 -16.55 27.94 -14.27
N SER A 361 -17.55 27.16 -13.88
CA SER A 361 -17.32 26.14 -12.83
C SER A 361 -17.66 24.75 -13.39
N ILE A 362 -16.56 24.01 -13.53
CA ILE A 362 -16.59 22.66 -14.05
C ILE A 362 -16.04 21.77 -12.93
N GLU A 363 -16.73 20.68 -12.64
CA GLU A 363 -16.16 19.68 -11.72
C GLU A 363 -16.77 18.31 -12.08
N GLU A 364 -15.93 17.31 -11.94
CA GLU A 364 -16.39 15.94 -12.22
C GLU A 364 -15.70 14.99 -11.25
N SER A 365 -16.48 14.12 -10.62
CA SER A 365 -15.96 13.09 -9.74
C SER A 365 -16.80 11.83 -9.92
N ARG A 366 -16.07 10.77 -10.17
CA ARG A 366 -16.79 9.49 -10.43
C ARG A 366 -16.29 8.40 -9.48
N THR A 367 -17.20 7.53 -9.02
CA THR A 367 -16.68 6.41 -8.17
C THR A 367 -16.64 5.04 -8.87
N GLU A 368 -15.78 4.18 -8.35
CA GLU A 368 -15.75 2.78 -8.85
C GLU A 368 -16.22 1.71 -7.83
N VAL A 369 -16.79 0.66 -8.38
CA VAL A 369 -17.09 -0.63 -7.68
C VAL A 369 -15.96 -1.63 -8.00
N ASN A 370 -15.23 -2.15 -7.00
CA ASN A 370 -14.19 -3.15 -7.23
C ASN A 370 -14.68 -4.54 -6.79
N LEU A 371 -14.04 -5.59 -7.27
CA LEU A 371 -14.34 -7.00 -7.04
C LEU A 371 -13.16 -7.65 -6.29
N ILE A 372 -13.47 -8.21 -5.12
CA ILE A 372 -12.55 -8.97 -4.32
C ILE A 372 -12.99 -10.48 -4.27
N VAL A 373 -11.99 -11.27 -4.61
CA VAL A 373 -11.99 -12.73 -4.49
C VAL A 373 -11.08 -13.05 -3.30
N ARG A 374 -11.66 -13.53 -2.21
CA ARG A 374 -10.90 -13.81 -0.99
C ARG A 374 -10.84 -15.28 -0.53
N THR A 375 -9.70 -15.74 -0.01
CA THR A 375 -9.64 -17.07 0.60
C THR A 375 -8.74 -16.94 1.81
N ILE A 376 -8.88 -17.71 2.88
CA ILE A 376 -7.97 -17.67 4.03
C ILE A 376 -7.30 -19.03 4.31
N VAL A 377 -6.00 -19.09 4.47
CA VAL A 377 -5.18 -20.24 4.71
C VAL A 377 -4.52 -20.14 6.09
N THR A 378 -4.88 -21.07 7.01
CA THR A 378 -4.24 -21.07 8.36
C THR A 378 -3.30 -22.27 8.44
N VAL A 379 -2.02 -22.07 8.59
CA VAL A 379 -1.10 -23.20 8.72
C VAL A 379 -0.59 -23.06 10.14
N GLY A 380 -1.28 -23.73 11.04
CA GLY A 380 -0.91 -23.71 12.45
C GLY A 380 -1.30 -22.43 13.19
N ASN A 381 -0.27 -21.68 13.57
CA ASN A 381 -0.48 -20.46 14.33
C ASN A 381 -0.62 -19.27 13.36
N TPQ A 382 -0.25 -19.36 12.10
CA TPQ A 382 -0.29 -18.42 11.04
CB TPQ A 382 0.74 -18.59 9.90
C TPQ A 382 -1.60 -18.33 10.22
O TPQ A 382 -1.91 -19.37 9.66
C1 TPQ A 382 2.15 -18.98 10.26
C2 TPQ A 382 2.82 -19.91 9.44
O2 TPQ A 382 2.24 -20.37 8.32
C3 TPQ A 382 4.12 -20.37 9.72
C4 TPQ A 382 4.75 -19.86 10.86
O4 TPQ A 382 6.03 -20.24 11.17
C5 TPQ A 382 4.11 -18.90 11.67
O5 TPQ A 382 4.81 -18.47 12.73
C6 TPQ A 382 2.82 -18.45 11.38
N ASP A 383 -2.27 -17.18 10.16
CA ASP A 383 -3.41 -17.00 9.25
C ASP A 383 -3.02 -16.05 8.09
N ASN A 384 -3.40 -16.34 6.85
CA ASN A 384 -3.01 -15.64 5.67
C ASN A 384 -4.31 -15.29 4.94
N VAL A 385 -4.64 -14.01 4.84
CA VAL A 385 -5.87 -13.61 4.16
C VAL A 385 -5.42 -13.29 2.72
N ILE A 386 -5.82 -14.03 1.71
CA ILE A 386 -5.33 -13.94 0.37
C ILE A 386 -6.41 -13.31 -0.54
N ASP A 387 -6.09 -12.15 -1.15
CA ASP A 387 -7.06 -11.40 -1.95
C ASP A 387 -6.59 -11.15 -3.37
N TRP A 388 -7.52 -11.29 -4.28
CA TRP A 388 -7.30 -10.96 -5.71
C TRP A 388 -8.33 -9.85 -6.02
N GLU A 389 -7.84 -8.61 -6.21
CA GLU A 389 -8.83 -7.56 -6.51
C GLU A 389 -8.76 -7.15 -7.97
N PHE A 390 -9.95 -7.06 -8.58
CA PHE A 390 -10.09 -6.68 -9.98
C PHE A 390 -10.75 -5.30 -10.09
N LYS A 391 -10.19 -4.44 -10.95
CA LYS A 391 -10.86 -3.13 -11.17
C LYS A 391 -11.31 -2.99 -12.62
N ALA A 392 -12.41 -2.30 -12.84
CA ALA A 392 -12.86 -1.92 -14.21
C ALA A 392 -11.82 -1.14 -15.04
N SER A 393 -10.97 -0.40 -14.37
CA SER A 393 -9.87 0.32 -14.95
C SER A 393 -8.82 -0.63 -15.48
N GLY A 394 -8.97 -1.95 -15.24
CA GLY A 394 -8.04 -2.91 -15.88
C GLY A 394 -6.92 -3.36 -14.96
N SER A 395 -6.92 -2.77 -13.79
CA SER A 395 -5.96 -3.03 -12.74
C SER A 395 -6.34 -4.29 -11.91
N ILE A 396 -5.29 -5.06 -11.66
CA ILE A 396 -5.38 -6.24 -10.82
C ILE A 396 -4.53 -6.02 -9.57
N LYS A 397 -5.16 -6.20 -8.42
CA LYS A 397 -4.42 -5.98 -7.18
C LYS A 397 -4.39 -7.14 -6.19
N PRO A 398 -3.36 -7.98 -6.29
CA PRO A 398 -3.20 -9.09 -5.37
C PRO A 398 -2.72 -8.62 -4.02
N SER A 399 -3.45 -8.90 -2.94
CA SER A 399 -2.79 -8.62 -1.65
C SER A 399 -2.83 -9.79 -0.65
N ILE A 400 -2.07 -9.65 0.39
CA ILE A 400 -1.94 -10.57 1.49
C ILE A 400 -1.99 -9.86 2.85
N ALA A 401 -2.86 -10.32 3.75
CA ALA A 401 -2.83 -9.82 5.12
C ALA A 401 -2.43 -10.92 6.10
N LEU A 402 -1.63 -10.68 7.13
CA LEU A 402 -1.19 -11.61 8.16
C LEU A 402 -1.91 -11.40 9.48
N SER A 403 -2.46 -12.42 10.09
CA SER A 403 -3.02 -12.38 11.44
C SER A 403 -2.62 -13.69 12.19
N GLY A 404 -3.26 -14.14 13.29
CA GLY A 404 -2.82 -15.30 13.99
C GLY A 404 -1.99 -15.00 15.24
N ILE A 405 -1.13 -15.97 15.58
CA ILE A 405 -0.46 -15.97 16.89
C ILE A 405 1.03 -16.10 16.76
N LEU A 406 1.74 -15.33 17.57
CA LEU A 406 3.19 -15.47 17.57
C LEU A 406 3.63 -16.87 18.07
N GLU A 407 4.66 -17.35 17.36
CA GLU A 407 5.37 -18.53 17.86
C GLU A 407 6.23 -18.06 19.03
N ILE A 408 5.92 -18.42 20.25
CA ILE A 408 6.67 -18.04 21.45
C ILE A 408 7.74 -19.05 21.86
N LYS A 409 8.89 -18.59 22.33
CA LYS A 409 9.94 -19.40 22.92
C LYS A 409 9.90 -19.10 24.43
N GLY A 410 9.71 -20.08 25.29
CA GLY A 410 9.50 -19.84 26.71
C GLY A 410 10.83 -19.49 27.37
N THR A 411 10.79 -18.72 28.47
CA THR A 411 12.01 -18.30 29.09
C THR A 411 11.73 -17.98 30.55
N ASN A 412 12.79 -17.97 31.36
CA ASN A 412 12.61 -17.60 32.77
C ASN A 412 12.70 -16.08 32.98
N ILE A 413 13.19 -15.31 32.00
CA ILE A 413 13.23 -13.86 31.97
C ILE A 413 11.84 -13.26 32.07
N LYS A 414 11.62 -12.37 33.02
CA LYS A 414 10.32 -11.68 32.99
C LYS A 414 10.47 -10.19 32.62
N HIS A 415 11.68 -9.65 32.62
CA HIS A 415 11.94 -8.26 32.37
C HIS A 415 13.17 -8.04 31.48
N LYS A 416 13.04 -7.06 30.58
CA LYS A 416 14.14 -6.73 29.68
C LYS A 416 15.38 -6.45 30.47
N ASP A 417 15.29 -6.01 31.72
CA ASP A 417 16.44 -5.86 32.58
C ASP A 417 17.34 -7.10 32.62
N GLU A 418 16.75 -8.28 32.62
CA GLU A 418 17.49 -9.50 32.81
C GLU A 418 18.18 -10.00 31.58
N ILE A 419 17.82 -9.57 30.40
CA ILE A 419 18.46 -10.07 29.19
C ILE A 419 19.97 -9.82 29.27
N LYS A 420 20.76 -10.89 29.13
CA LYS A 420 22.20 -10.78 29.11
C LYS A 420 22.77 -10.92 27.70
N GLU A 421 21.98 -11.53 26.82
CA GLU A 421 22.48 -11.85 25.49
C GLU A 421 21.36 -11.86 24.48
N ASP A 422 21.75 -12.05 23.24
CA ASP A 422 20.81 -12.06 22.12
C ASP A 422 19.78 -13.16 22.28
N LEU A 423 18.56 -12.79 22.61
CA LEU A 423 17.50 -13.77 22.72
C LEU A 423 16.99 -14.21 21.36
N HIS A 424 17.42 -13.61 20.25
CA HIS A 424 16.94 -13.92 18.92
C HIS A 424 15.46 -13.59 18.74
N GLY A 425 15.03 -12.64 19.55
CA GLY A 425 13.64 -12.22 19.46
C GLY A 425 13.42 -11.13 20.52
N LYS A 426 12.18 -10.71 20.65
CA LYS A 426 11.75 -9.72 21.59
C LYS A 426 10.88 -10.27 22.72
N LEU A 427 11.08 -9.68 23.87
CA LEU A 427 10.24 -10.05 25.01
C LEU A 427 8.92 -9.34 24.82
N VAL A 428 7.87 -10.08 24.51
CA VAL A 428 6.54 -9.52 24.29
C VAL A 428 5.61 -9.71 25.46
N SER A 429 6.03 -10.46 26.46
CA SER A 429 5.31 -10.74 27.69
C SER A 429 6.23 -11.46 28.66
N ALA A 430 5.92 -11.47 29.94
CA ALA A 430 6.74 -12.23 30.93
C ALA A 430 6.94 -13.67 30.42
N ASN A 431 8.18 -14.14 30.45
CA ASN A 431 8.52 -15.48 30.02
C ASN A 431 8.32 -15.76 28.55
N SER A 432 8.01 -14.79 27.68
CA SER A 432 7.75 -15.06 26.27
C SER A 432 8.57 -14.28 25.27
N ILE A 433 9.36 -14.92 24.45
CA ILE A 433 10.15 -14.35 23.40
C ILE A 433 9.43 -14.58 22.06
N GLY A 434 9.07 -13.48 21.37
CA GLY A 434 8.59 -13.57 19.97
C GLY A 434 9.90 -13.61 19.15
N ILE A 435 10.18 -14.75 18.54
CA ILE A 435 11.42 -14.97 17.77
C ILE A 435 11.38 -14.22 16.43
N TYR A 436 12.51 -13.71 15.94
CA TYR A 436 12.51 -13.02 14.67
C TYR A 436 12.34 -14.03 13.51
N HIS A 437 11.54 -13.65 12.55
CA HIS A 437 11.43 -14.43 11.35
C HIS A 437 10.93 -13.58 10.18
N ASP A 438 10.93 -14.17 9.00
CA ASP A 438 10.49 -13.60 7.76
C ASP A 438 9.30 -14.38 7.22
N HIS A 439 8.57 -13.70 6.36
CA HIS A 439 7.49 -14.30 5.60
C HIS A 439 7.71 -13.95 4.13
N PHE A 440 7.94 -14.95 3.31
CA PHE A 440 8.13 -14.74 1.87
C PHE A 440 7.10 -15.49 1.03
N TYR A 441 6.42 -14.87 0.08
CA TYR A 441 5.47 -15.48 -0.80
C TYR A 441 5.99 -15.35 -2.23
N ILE A 442 5.86 -16.33 -3.09
CA ILE A 442 6.30 -16.21 -4.45
C ILE A 442 5.04 -16.48 -5.25
N TYR A 443 4.62 -15.48 -6.05
CA TYR A 443 3.51 -15.55 -6.94
C TYR A 443 3.99 -16.04 -8.29
N TYR A 444 3.13 -16.84 -8.93
CA TYR A 444 3.38 -17.35 -10.28
C TYR A 444 2.45 -16.51 -11.15
N LEU A 445 2.99 -15.79 -12.14
CA LEU A 445 2.08 -14.92 -12.92
C LEU A 445 2.16 -15.20 -14.40
N ASP A 446 1.35 -16.12 -14.94
CA ASP A 446 1.49 -16.38 -16.37
C ASP A 446 0.72 -15.34 -17.18
N PHE A 447 1.37 -14.17 -17.39
CA PHE A 447 0.68 -13.14 -18.20
C PHE A 447 0.68 -13.53 -19.67
N ASP A 448 -0.38 -13.35 -20.38
CA ASP A 448 -0.39 -13.51 -21.83
C ASP A 448 -1.00 -12.20 -22.38
N ILE A 449 -0.21 -11.12 -22.33
CA ILE A 449 -0.74 -9.77 -22.65
C ILE A 449 -1.29 -9.75 -24.07
N ASP A 450 -2.57 -9.78 -24.29
CA ASP A 450 -3.14 -9.81 -25.62
C ASP A 450 -2.71 -10.99 -26.47
N GLY A 451 -2.38 -12.14 -25.85
CA GLY A 451 -1.86 -13.30 -26.57
C GLY A 451 -0.61 -13.80 -25.86
N THR A 452 0.08 -14.82 -26.39
CA THR A 452 1.20 -15.41 -25.65
C THR A 452 2.59 -14.91 -25.99
N HIS A 453 2.82 -14.33 -27.18
CA HIS A 453 4.16 -13.82 -27.49
C HIS A 453 4.42 -12.49 -26.80
N ASN A 454 5.36 -12.45 -25.87
CA ASN A 454 5.53 -11.28 -25.04
C ASN A 454 7.00 -11.10 -24.78
N SER A 455 7.31 -9.93 -24.15
CA SER A 455 8.70 -9.62 -23.83
C SER A 455 8.65 -8.85 -22.50
N PHE A 456 9.81 -8.76 -21.89
CA PHE A 456 9.91 -8.14 -20.59
C PHE A 456 10.84 -6.92 -20.80
N GLU A 457 10.23 -5.79 -20.46
CA GLU A 457 10.99 -4.53 -20.59
C GLU A 457 11.26 -3.90 -19.24
N LYS A 458 12.49 -3.49 -19.09
CA LYS A 458 12.91 -2.74 -17.92
C LYS A 458 13.28 -1.34 -18.44
N THR A 459 12.50 -0.35 -18.05
CA THR A 459 12.69 1.06 -18.31
C THR A 459 13.36 1.72 -17.11
N SER A 460 14.61 2.08 -17.22
CA SER A 460 15.34 2.78 -16.20
C SER A 460 15.15 4.30 -16.28
N LEU A 461 15.01 4.92 -15.11
CA LEU A 461 14.94 6.38 -15.05
C LEU A 461 16.36 6.88 -14.92
N LYS A 462 16.96 7.59 -15.87
CA LYS A 462 18.32 8.07 -15.57
C LYS A 462 18.47 9.60 -15.53
N THR A 463 19.29 10.04 -14.59
CA THR A 463 19.61 11.45 -14.41
C THR A 463 20.60 11.84 -15.52
N VAL A 464 20.33 12.93 -16.20
CA VAL A 464 21.16 13.54 -17.24
C VAL A 464 21.62 14.90 -16.69
N ARG A 465 22.89 15.12 -16.67
CA ARG A 465 23.52 16.39 -16.28
C ARG A 465 23.83 17.22 -17.52
N ILE A 466 23.26 18.41 -17.70
CA ILE A 466 23.49 19.29 -18.84
C ILE A 466 24.87 19.95 -18.69
N LYS A 467 25.78 19.61 -19.60
CA LYS A 467 27.17 20.07 -19.51
C LYS A 467 27.43 21.31 -20.36
N ASP A 468 26.75 21.38 -21.49
CA ASP A 468 26.92 22.46 -22.45
C ASP A 468 26.20 23.78 -22.22
N GLY A 469 25.80 24.14 -20.99
CA GLY A 469 25.11 25.41 -20.81
C GLY A 469 24.02 25.70 -21.84
N SER A 470 23.41 24.66 -22.41
CA SER A 470 22.29 24.86 -23.33
C SER A 470 20.95 24.93 -22.58
N SER A 471 20.93 24.93 -21.24
CA SER A 471 19.70 25.10 -20.49
C SER A 471 20.00 25.90 -19.22
N LYS A 472 19.01 26.56 -18.62
CA LYS A 472 19.20 27.15 -17.29
C LYS A 472 19.28 26.03 -16.23
N ARG A 473 18.63 24.90 -16.53
CA ARG A 473 18.63 23.69 -15.69
C ARG A 473 19.96 22.97 -15.72
N LYS A 474 20.48 22.50 -14.59
CA LYS A 474 21.70 21.68 -14.60
C LYS A 474 21.46 20.20 -14.88
N SER A 475 20.21 19.75 -14.82
CA SER A 475 19.93 18.31 -14.86
C SER A 475 18.44 18.06 -15.08
N TYR A 476 18.19 16.85 -15.59
CA TYR A 476 16.82 16.32 -15.67
C TYR A 476 16.94 14.78 -15.71
N TRP A 477 15.83 14.05 -15.54
CA TRP A 477 15.95 12.59 -15.68
C TRP A 477 15.24 12.18 -16.97
N THR A 478 15.64 11.02 -17.46
CA THR A 478 14.91 10.49 -18.65
C THR A 478 14.82 8.98 -18.48
N THR A 479 14.25 8.31 -19.45
CA THR A 479 14.05 6.89 -19.40
C THR A 479 14.90 6.19 -20.46
N GLU A 480 15.30 4.98 -20.10
CA GLU A 480 16.00 4.11 -21.06
C GLU A 480 15.37 2.73 -20.99
N THR A 481 14.85 2.19 -22.08
CA THR A 481 14.24 0.87 -22.10
C THR A 481 15.05 -0.26 -22.69
N GLN A 482 15.36 -1.23 -21.86
CA GLN A 482 16.03 -2.46 -22.26
C GLN A 482 15.03 -3.64 -22.21
N THR A 483 15.06 -4.47 -23.23
CA THR A 483 14.37 -5.74 -23.30
C THR A 483 15.28 -6.86 -22.76
N ALA A 484 14.78 -7.61 -21.81
CA ALA A 484 15.48 -8.81 -21.27
C ALA A 484 15.59 -9.85 -22.39
N LYS A 485 16.82 -10.26 -22.73
CA LYS A 485 16.94 -11.26 -23.80
C LYS A 485 16.89 -12.69 -23.25
N THR A 486 17.39 -12.88 -22.04
CA THR A 486 17.45 -14.20 -21.46
C THR A 486 17.12 -14.21 -19.97
N GLU A 487 16.76 -15.42 -19.54
CA GLU A 487 16.46 -15.54 -18.12
C GLU A 487 17.49 -14.82 -17.29
N SER A 488 18.78 -14.83 -17.58
CA SER A 488 19.72 -14.21 -16.64
C SER A 488 19.54 -12.70 -16.58
N ASP A 489 18.98 -12.12 -17.64
CA ASP A 489 18.72 -10.70 -17.68
C ASP A 489 17.49 -10.34 -16.87
N ALA A 490 16.52 -11.24 -16.75
CA ALA A 490 15.28 -10.95 -16.04
C ALA A 490 15.29 -11.28 -14.57
N LYS A 491 16.44 -11.37 -13.93
CA LYS A 491 16.53 -11.53 -12.48
C LYS A 491 16.68 -10.19 -11.76
N ILE A 492 15.60 -9.60 -11.27
CA ILE A 492 15.58 -8.23 -10.77
C ILE A 492 15.62 -8.11 -9.27
N THR A 493 16.59 -7.42 -8.70
CA THR A 493 16.62 -7.00 -7.31
C THR A 493 16.07 -5.55 -7.22
N ILE A 494 14.86 -5.41 -6.72
CA ILE A 494 14.15 -4.17 -6.58
C ILE A 494 14.81 -3.37 -5.46
N GLY A 495 15.19 -2.16 -5.85
CA GLY A 495 15.74 -1.17 -4.92
C GLY A 495 17.09 -0.72 -5.43
N LEU A 496 17.63 -1.43 -6.42
CA LEU A 496 18.94 -0.94 -6.90
C LEU A 496 18.93 0.42 -7.54
N ALA A 497 17.93 0.85 -8.27
CA ALA A 497 17.86 2.10 -9.03
C ALA A 497 16.43 2.23 -9.50
N PRO A 498 15.93 3.37 -9.91
CA PRO A 498 14.55 3.46 -10.37
C PRO A 498 14.33 2.82 -11.73
N ALA A 499 13.24 2.05 -11.86
CA ALA A 499 12.92 1.42 -13.13
C ALA A 499 11.45 1.01 -13.12
N GLU A 500 10.83 0.97 -14.28
CA GLU A 500 9.46 0.44 -14.39
C GLU A 500 9.63 -0.97 -14.99
N LEU A 501 8.84 -1.92 -14.49
CA LEU A 501 8.97 -3.34 -14.95
C LEU A 501 7.73 -3.68 -15.73
N VAL A 502 7.88 -3.80 -17.05
CA VAL A 502 6.71 -3.99 -17.90
C VAL A 502 6.76 -5.30 -18.73
N VAL A 503 5.58 -5.92 -18.83
CA VAL A 503 5.43 -7.09 -19.71
C VAL A 503 4.68 -6.56 -20.93
N VAL A 504 5.28 -6.62 -22.12
CA VAL A 504 4.58 -6.07 -23.27
C VAL A 504 4.27 -7.14 -24.31
N ASN A 505 3.33 -6.87 -25.21
CA ASN A 505 3.27 -7.66 -26.43
C ASN A 505 3.97 -6.79 -27.50
N PRO A 506 5.16 -7.17 -27.94
CA PRO A 506 5.92 -6.41 -28.91
C PRO A 506 5.22 -6.35 -30.26
N ASN A 507 4.19 -7.14 -30.46
CA ASN A 507 3.62 -7.30 -31.79
C ASN A 507 2.34 -6.50 -31.94
N ILE A 508 1.91 -5.97 -30.82
CA ILE A 508 0.65 -5.20 -30.86
C ILE A 508 0.84 -3.80 -30.28
N LYS A 509 0.54 -2.78 -31.12
CA LYS A 509 0.78 -1.41 -30.66
C LYS A 509 -0.47 -0.58 -30.72
N THR A 510 -0.47 0.52 -29.94
CA THR A 510 -1.60 1.45 -30.02
C THR A 510 -1.54 2.29 -31.31
N ALA A 511 -2.62 3.04 -31.59
CA ALA A 511 -2.61 3.92 -32.76
C ALA A 511 -1.36 4.79 -32.79
N VAL A 512 -0.86 5.25 -31.62
CA VAL A 512 0.37 6.06 -31.65
C VAL A 512 1.63 5.25 -31.69
N GLY A 513 1.54 3.90 -31.76
CA GLY A 513 2.77 3.12 -31.90
C GLY A 513 3.39 2.70 -30.61
N ASN A 514 2.66 2.77 -29.49
CA ASN A 514 3.23 2.23 -28.24
C ASN A 514 2.87 0.72 -28.12
N GLU A 515 3.79 -0.11 -27.62
CA GLU A 515 3.53 -1.51 -27.29
C GLU A 515 2.53 -1.70 -26.14
N VAL A 516 1.51 -2.58 -26.34
CA VAL A 516 0.57 -2.84 -25.22
C VAL A 516 1.31 -3.48 -24.06
N GLY A 517 0.97 -3.29 -22.78
CA GLY A 517 1.74 -3.70 -21.65
C GLY A 517 1.03 -3.59 -20.34
N TYR A 518 1.65 -4.20 -19.31
CA TYR A 518 1.09 -4.18 -17.94
C TYR A 518 2.33 -4.04 -17.07
N ARG A 519 2.24 -3.20 -16.06
CA ARG A 519 3.49 -2.99 -15.26
C ARG A 519 3.23 -3.44 -13.81
N LEU A 520 4.31 -3.90 -13.21
CA LEU A 520 4.25 -4.32 -11.84
C LEU A 520 4.52 -3.14 -10.92
N ILE A 521 3.58 -2.67 -10.11
CA ILE A 521 3.90 -1.68 -9.05
C ILE A 521 4.01 -2.39 -7.71
N PRO A 522 5.23 -2.75 -7.30
CA PRO A 522 5.46 -3.50 -6.09
C PRO A 522 5.38 -2.72 -4.79
N ALA A 523 5.20 -3.42 -3.68
CA ALA A 523 5.29 -2.88 -2.34
C ALA A 523 6.77 -2.67 -1.97
N ILE A 524 7.11 -1.92 -0.92
CA ILE A 524 8.56 -1.75 -0.62
C ILE A 524 9.16 -3.15 -0.49
N PRO A 525 10.31 -3.45 -1.13
CA PRO A 525 10.83 -4.80 -1.17
C PRO A 525 11.49 -5.27 0.10
N ALA A 526 11.39 -6.58 0.37
CA ALA A 526 12.17 -7.23 1.43
C ALA A 526 13.21 -8.11 0.73
N HIS A 527 14.39 -8.29 1.25
CA HIS A 527 15.40 -9.11 0.62
C HIS A 527 15.80 -10.17 1.64
N PRO A 528 16.42 -11.25 1.20
CA PRO A 528 16.72 -12.35 2.12
C PRO A 528 17.77 -11.91 3.12
N LEU A 529 17.74 -12.21 4.41
CA LEU A 529 18.88 -11.82 5.25
C LEU A 529 19.78 -12.99 5.65
N LEU A 530 19.53 -14.16 5.05
CA LEU A 530 20.30 -15.36 5.35
C LEU A 530 21.39 -15.43 4.30
N THR A 531 22.51 -16.01 4.63
CA THR A 531 23.55 -16.14 3.59
C THR A 531 23.04 -17.07 2.51
N GLU A 532 23.60 -16.92 1.30
CA GLU A 532 23.16 -17.68 0.14
C GLU A 532 23.48 -19.17 0.23
N ASP A 533 24.49 -19.47 1.04
CA ASP A 533 24.94 -20.84 1.25
C ASP A 533 24.31 -21.51 2.46
N ASP A 534 23.53 -20.80 3.25
CA ASP A 534 22.84 -21.44 4.36
C ASP A 534 21.86 -22.47 3.76
N TYR A 535 21.62 -23.59 4.42
CA TYR A 535 20.74 -24.62 3.87
C TYR A 535 19.34 -24.23 3.51
N PRO A 536 18.65 -23.53 4.40
CA PRO A 536 17.28 -23.06 4.12
C PRO A 536 17.21 -22.06 2.96
N GLN A 537 18.21 -21.18 2.77
CA GLN A 537 18.31 -20.24 1.66
C GLN A 537 18.58 -20.90 0.33
N ILE A 538 19.29 -22.03 0.39
CA ILE A 538 19.51 -22.84 -0.82
C ILE A 538 18.18 -23.50 -1.20
N ARG A 539 17.50 -24.00 -0.19
CA ARG A 539 16.25 -24.69 -0.45
C ARG A 539 15.22 -23.63 -0.82
N GLY A 540 15.35 -22.42 -0.24
CA GLY A 540 14.42 -21.35 -0.56
C GLY A 540 15.03 -20.33 -1.49
N ALA A 541 15.84 -20.73 -2.45
CA ALA A 541 16.63 -19.85 -3.29
C ALA A 541 15.80 -19.01 -4.26
N PHE A 542 14.52 -19.32 -4.31
CA PHE A 542 13.61 -18.59 -5.19
C PHE A 542 13.33 -17.16 -4.66
N THR A 543 13.70 -16.88 -3.40
CA THR A 543 13.54 -15.64 -2.72
C THR A 543 14.73 -14.70 -3.00
N ASN A 544 15.63 -15.17 -3.83
CA ASN A 544 16.87 -14.44 -4.06
C ASN A 544 16.72 -13.22 -4.99
N TYR A 545 15.63 -13.10 -5.71
CA TYR A 545 15.30 -11.96 -6.51
C TYR A 545 13.85 -11.59 -6.22
N ASN A 546 13.47 -10.33 -6.43
CA ASN A 546 12.10 -9.92 -6.15
C ASN A 546 11.25 -10.24 -7.36
N VAL A 547 11.92 -10.27 -8.51
CA VAL A 547 11.20 -10.56 -9.78
C VAL A 547 12.05 -11.52 -10.66
N TRP A 548 11.34 -12.48 -11.29
CA TRP A 548 12.05 -13.40 -12.21
C TRP A 548 11.10 -13.51 -13.40
N VAL A 549 11.65 -13.68 -14.57
CA VAL A 549 10.86 -13.93 -15.78
C VAL A 549 11.43 -15.22 -16.40
N THR A 550 10.58 -16.20 -16.73
CA THR A 550 11.11 -17.47 -17.28
C THR A 550 10.38 -17.82 -18.58
N ALA A 551 10.98 -18.69 -19.39
CA ALA A 551 10.18 -19.15 -20.54
C ALA A 551 9.07 -20.06 -20.01
N TYR A 552 7.83 -20.02 -20.41
CA TYR A 552 6.84 -20.97 -19.97
C TYR A 552 7.23 -22.45 -20.19
N ASN A 553 6.87 -23.32 -19.25
CA ASN A 553 7.12 -24.73 -19.27
C ASN A 553 6.05 -25.35 -18.36
N ARG A 554 5.20 -26.19 -18.90
CA ARG A 554 4.06 -26.74 -18.20
C ARG A 554 4.43 -27.42 -16.89
N THR A 555 5.66 -27.89 -16.74
CA THR A 555 6.12 -28.60 -15.58
C THR A 555 6.84 -27.68 -14.60
N GLU A 556 7.22 -26.45 -14.98
CA GLU A 556 7.79 -25.57 -13.93
C GLU A 556 6.62 -24.92 -13.22
N LYS A 557 6.22 -25.40 -12.04
CA LYS A 557 5.09 -24.87 -11.34
C LYS A 557 5.34 -24.53 -9.87
N TRP A 558 6.25 -25.23 -9.22
CA TRP A 558 6.45 -25.10 -7.77
C TRP A 558 7.87 -24.61 -7.57
N ALA A 559 7.94 -23.39 -7.00
CA ALA A 559 9.20 -22.66 -6.96
C ALA A 559 10.27 -23.33 -6.12
N GLY A 560 9.88 -24.03 -5.05
CA GLY A 560 10.84 -24.72 -4.18
C GLY A 560 11.08 -26.21 -4.55
N GLY A 561 10.44 -26.70 -5.59
CA GLY A 561 10.56 -28.01 -6.19
C GLY A 561 9.25 -28.76 -6.02
N LEU A 562 9.11 -29.80 -6.84
CA LEU A 562 7.97 -30.73 -6.68
C LEU A 562 8.05 -31.42 -5.31
N TYR A 563 9.22 -31.80 -4.78
CA TYR A 563 9.23 -32.44 -3.45
C TYR A 563 9.91 -31.50 -2.49
N VAL A 564 9.20 -30.97 -1.48
CA VAL A 564 9.85 -29.91 -0.70
C VAL A 564 10.30 -30.37 0.68
N ASP A 565 9.52 -31.26 1.34
CA ASP A 565 9.98 -31.68 2.71
C ASP A 565 11.33 -32.35 2.58
N HIS A 566 12.34 -31.96 3.33
CA HIS A 566 13.64 -32.59 3.28
C HIS A 566 14.34 -32.41 1.96
N SER A 567 13.94 -31.43 1.13
CA SER A 567 14.58 -31.10 -0.14
C SER A 567 16.01 -30.61 0.05
N ARG A 568 16.76 -30.61 -1.03
CA ARG A 568 18.16 -30.17 -0.98
C ARG A 568 18.43 -28.98 -1.89
N GLY A 569 17.38 -28.35 -2.45
CA GLY A 569 17.49 -27.18 -3.31
C GLY A 569 18.04 -27.43 -4.70
N ASP A 570 17.74 -28.63 -5.16
CA ASP A 570 18.21 -29.25 -6.38
C ASP A 570 17.14 -29.01 -7.44
N ASP A 571 15.95 -28.57 -6.97
CA ASP A 571 14.89 -28.40 -7.96
C ASP A 571 14.13 -27.12 -7.83
N THR A 572 14.79 -25.99 -7.61
CA THR A 572 14.08 -24.72 -7.44
C THR A 572 14.11 -23.81 -8.66
N LEU A 573 13.27 -22.76 -8.58
CA LEU A 573 13.34 -21.73 -9.64
C LEU A 573 14.79 -21.32 -9.83
N ALA A 574 15.58 -21.15 -8.77
CA ALA A 574 17.00 -20.75 -9.02
C ALA A 574 17.75 -21.70 -9.93
N VAL A 575 17.49 -23.00 -9.82
CA VAL A 575 18.14 -24.02 -10.64
C VAL A 575 17.60 -24.03 -12.05
N TRP A 576 16.30 -24.00 -12.29
CA TRP A 576 15.76 -24.01 -13.64
C TRP A 576 16.33 -22.88 -14.49
N THR A 577 16.62 -21.74 -13.85
CA THR A 577 16.97 -20.59 -14.71
C THR A 577 18.42 -20.67 -15.17
N LYS A 578 19.13 -21.72 -14.72
CA LYS A 578 20.53 -21.83 -15.16
C LYS A 578 20.59 -22.23 -16.61
N GLN A 579 19.47 -22.79 -17.09
CA GLN A 579 19.41 -23.11 -18.51
C GLN A 579 19.42 -21.78 -19.28
N ASN A 580 19.02 -20.66 -18.66
CA ASN A 580 19.10 -19.37 -19.30
C ASN A 580 18.43 -19.30 -20.65
N ARG A 581 17.16 -19.65 -20.68
CA ARG A 581 16.43 -19.61 -21.94
C ARG A 581 16.19 -18.21 -22.49
N GLU A 582 15.86 -18.20 -23.78
CA GLU A 582 15.46 -16.96 -24.44
C GLU A 582 14.05 -16.61 -24.00
N ILE A 583 13.78 -15.33 -23.73
CA ILE A 583 12.46 -14.92 -23.24
C ILE A 583 11.93 -13.78 -24.09
N VAL A 584 12.48 -13.61 -25.30
CA VAL A 584 12.05 -12.54 -26.18
C VAL A 584 10.91 -12.93 -27.10
N ASN A 585 9.77 -12.25 -27.05
CA ASN A 585 8.64 -12.51 -27.90
C ASN A 585 8.20 -13.98 -27.92
N LYS A 586 8.07 -14.57 -26.74
CA LYS A 586 7.68 -15.93 -26.46
C LYS A 586 6.58 -15.96 -25.39
N ASP A 587 6.09 -17.18 -25.19
CA ASP A 587 5.25 -17.43 -24.02
C ASP A 587 6.18 -17.34 -22.80
N ILE A 588 5.89 -16.38 -21.89
CA ILE A 588 6.83 -16.14 -20.77
C ILE A 588 5.97 -16.05 -19.52
N VAL A 589 6.62 -16.11 -18.38
CA VAL A 589 5.87 -16.16 -17.10
C VAL A 589 6.58 -15.26 -16.08
N MET A 590 5.87 -14.50 -15.26
CA MET A 590 6.60 -13.71 -14.27
C MET A 590 6.43 -14.27 -12.86
N TRP A 591 7.47 -14.16 -12.05
CA TRP A 591 7.43 -14.58 -10.68
C TRP A 591 7.82 -13.35 -9.83
N HIS A 592 7.00 -13.07 -8.84
CA HIS A 592 7.27 -11.92 -7.98
C HIS A 592 7.27 -12.43 -6.55
N VAL A 593 8.33 -12.12 -5.84
CA VAL A 593 8.49 -12.45 -4.45
C VAL A 593 8.12 -11.29 -3.54
N VAL A 594 7.15 -11.45 -2.67
CA VAL A 594 6.75 -10.49 -1.70
C VAL A 594 7.25 -10.85 -0.32
N GLY A 595 7.85 -10.04 0.52
CA GLY A 595 8.30 -10.51 1.82
C GLY A 595 8.26 -9.47 2.89
N ILE A 596 8.17 -9.89 4.14
CA ILE A 596 8.16 -9.09 5.33
C ILE A 596 9.12 -9.55 6.42
N HIS A 597 9.91 -8.68 7.02
CA HIS A 597 10.80 -9.02 8.12
C HIS A 597 10.00 -8.73 9.37
N HIS A 598 9.87 -9.69 10.26
CA HIS A 598 8.97 -9.53 11.38
C HIS A 598 9.73 -9.48 12.69
N VAL A 599 9.75 -8.26 13.26
CA VAL A 599 10.26 -7.99 14.60
C VAL A 599 9.00 -7.90 15.45
N PRO A 600 8.80 -8.93 16.29
CA PRO A 600 7.57 -8.94 17.10
C PRO A 600 7.53 -7.76 18.08
N ALA A 601 6.33 -7.30 18.43
CA ALA A 601 6.09 -6.24 19.39
C ALA A 601 4.94 -6.61 20.33
N GLN A 602 4.76 -5.95 21.47
CA GLN A 602 3.71 -6.33 22.39
C GLN A 602 2.33 -6.32 21.80
N GLU A 603 2.09 -5.57 20.72
CA GLU A 603 0.71 -5.45 20.21
C GLU A 603 0.26 -6.68 19.42
N ASP A 604 1.24 -7.44 18.99
CA ASP A 604 1.17 -8.72 18.29
C ASP A 604 0.74 -9.87 19.25
N PHE A 605 0.71 -9.69 20.52
CA PHE A 605 0.38 -10.58 21.60
C PHE A 605 -0.95 -10.25 22.21
N PRO A 606 -1.86 -11.16 22.53
CA PRO A 606 -1.65 -12.61 22.38
C PRO A 606 -2.06 -13.13 21.00
N ILE A 607 -2.72 -12.25 20.25
CA ILE A 607 -3.11 -12.47 18.86
C ILE A 607 -2.81 -11.17 18.06
N MET A 608 -2.55 -11.27 16.76
CA MET A 608 -2.02 -10.10 16.07
C MET A 608 -2.92 -9.31 15.16
N PRO A 609 -2.87 -7.97 15.37
CA PRO A 609 -3.62 -7.04 14.51
C PRO A 609 -3.16 -7.23 13.07
N LEU A 610 -4.13 -7.30 12.17
CA LEU A 610 -3.78 -7.48 10.77
C LEU A 610 -2.62 -6.58 10.30
N LEU A 611 -1.71 -7.10 9.51
CA LEU A 611 -0.63 -6.49 8.88
C LEU A 611 -0.75 -6.91 7.40
N SER A 612 -0.73 -5.92 6.54
CA SER A 612 -1.12 -6.09 5.15
C SER A 612 -0.12 -5.62 4.12
N THR A 613 -0.19 -6.12 2.91
CA THR A 613 0.77 -5.80 1.88
C THR A 613 0.10 -6.04 0.53
N SER A 614 0.65 -5.47 -0.52
CA SER A 614 -0.14 -5.41 -1.77
C SER A 614 0.70 -4.92 -2.93
N PHE A 615 0.42 -5.34 -4.15
CA PHE A 615 1.14 -4.79 -5.30
C PHE A 615 0.05 -4.56 -6.36
N GLU A 616 0.40 -3.86 -7.44
CA GLU A 616 -0.63 -3.58 -8.45
C GLU A 616 -0.11 -4.00 -9.81
N LEU A 617 -1.03 -4.52 -10.62
CA LEU A 617 -0.69 -4.90 -11.99
C LEU A 617 -1.48 -3.87 -12.77
N ARG A 618 -0.73 -2.89 -13.35
CA ARG A 618 -1.48 -1.74 -13.94
C ARG A 618 -1.33 -1.69 -15.43
N PRO A 619 -2.40 -1.59 -16.18
CA PRO A 619 -2.35 -1.44 -17.62
C PRO A 619 -1.45 -0.25 -18.03
N THR A 620 -0.46 -0.45 -18.89
CA THR A 620 0.52 0.54 -19.34
C THR A 620 0.62 0.56 -20.88
N ASN A 621 -0.22 1.42 -21.47
CA ASN A 621 -0.35 1.58 -22.90
C ASN A 621 -1.06 0.38 -23.51
N PHE A 622 -1.91 -0.21 -22.68
CA PHE A 622 -2.66 -1.39 -23.10
C PHE A 622 -3.88 -0.91 -23.85
N PHE A 623 -4.53 0.13 -23.33
CA PHE A 623 -5.68 0.83 -23.86
C PHE A 623 -5.29 2.14 -24.58
N GLU A 624 -6.14 2.51 -25.53
CA GLU A 624 -5.89 3.68 -26.36
C GLU A 624 -5.87 4.94 -25.50
N ARG A 625 -6.68 4.96 -24.47
CA ARG A 625 -6.76 6.05 -23.52
C ARG A 625 -7.44 5.55 -22.25
N ASN A 626 -7.60 6.34 -21.22
CA ASN A 626 -8.31 5.97 -20.01
C ASN A 626 -9.51 5.05 -20.30
N PRO A 627 -9.43 3.79 -19.85
CA PRO A 627 -10.45 2.78 -20.12
C PRO A 627 -11.75 3.00 -19.40
N VAL A 628 -11.75 3.79 -18.32
CA VAL A 628 -13.00 4.10 -17.63
C VAL A 628 -13.44 5.53 -17.93
N LEU A 629 -13.05 6.11 -19.09
CA LEU A 629 -13.48 7.45 -19.45
C LEU A 629 -14.99 7.45 -19.58
N LYS A 630 -15.58 6.38 -20.12
CA LYS A 630 -17.04 6.26 -20.24
C LYS A 630 -17.72 5.44 -19.17
N THR A 631 -17.17 5.19 -18.01
CA THR A 631 -17.89 4.42 -16.98
C THR A 631 -18.65 5.28 -16.03
N LEU A 632 -19.95 5.10 -15.81
CA LEU A 632 -20.71 5.87 -14.86
C LEU A 632 -20.64 5.39 -13.41
N SER A 633 -20.70 6.27 -12.40
CA SER A 633 -20.74 5.89 -11.01
C SER A 633 -21.93 5.03 -10.69
N PRO A 634 -21.90 4.08 -9.73
CA PRO A 634 -23.12 3.35 -9.35
C PRO A 634 -24.14 4.40 -8.93
N ARG A 635 -25.42 4.26 -9.05
CA ARG A 635 -26.33 5.25 -8.49
C ARG A 635 -26.40 5.14 -6.98
N ASP A 636 -26.90 6.20 -6.38
CA ASP A 636 -27.09 6.26 -4.93
C ASP A 636 -28.59 6.06 -4.65
N VAL A 637 -28.95 4.97 -4.00
CA VAL A 637 -30.42 4.83 -3.83
C VAL A 637 -30.63 5.22 -2.39
N ALA A 638 -31.70 5.93 -2.07
CA ALA A 638 -31.89 6.35 -0.68
C ALA A 638 -32.42 5.18 0.16
N TRP A 639 -32.00 5.13 1.42
CA TRP A 639 -32.49 4.18 2.38
C TRP A 639 -34.02 4.11 2.46
N PRO A 640 -34.61 2.95 2.27
CA PRO A 640 -36.01 2.66 2.38
C PRO A 640 -36.70 3.15 3.65
N GLY A 641 -36.00 2.93 4.77
CA GLY A 641 -36.60 3.25 6.08
C GLY A 641 -37.16 1.96 6.69
N CYS A 642 -37.56 2.13 7.93
CA CYS A 642 -38.12 1.11 8.78
C CYS A 642 -39.53 0.72 8.31
N VAL B 1 -14.41 31.63 18.84
CA VAL B 1 -13.66 30.34 18.70
C VAL B 1 -13.78 29.52 19.99
N GLN B 2 -14.19 28.27 19.83
CA GLN B 2 -14.28 27.33 20.94
C GLN B 2 -12.88 26.90 21.40
N HIS B 3 -11.88 26.83 20.53
CA HIS B 3 -10.60 26.27 20.94
C HIS B 3 -9.49 27.07 20.27
N PRO B 4 -8.40 27.23 20.99
CA PRO B 4 -7.26 27.98 20.55
C PRO B 4 -6.69 27.62 19.20
N LEU B 5 -7.02 26.44 18.71
CA LEU B 5 -6.35 25.98 17.49
C LEU B 5 -7.39 25.94 16.40
N ASP B 6 -8.61 26.37 16.69
CA ASP B 6 -9.62 26.36 15.62
C ASP B 6 -9.20 27.20 14.43
N PRO B 7 -9.69 26.90 13.24
CA PRO B 7 -9.46 27.81 12.11
C PRO B 7 -10.04 29.23 12.32
N LEU B 8 -9.53 30.23 11.55
CA LEU B 8 -10.09 31.58 11.66
C LEU B 8 -11.54 31.60 11.17
N THR B 9 -12.40 32.21 11.94
CA THR B 9 -13.80 32.38 11.51
C THR B 9 -13.97 33.59 10.61
N LYS B 10 -15.15 33.72 10.02
CA LYS B 10 -15.47 34.80 9.11
C LYS B 10 -15.20 36.16 9.76
N GLU B 11 -15.71 36.30 10.95
CA GLU B 11 -15.59 37.48 11.79
C GLU B 11 -14.11 37.76 12.03
N GLU B 12 -13.25 36.75 12.14
CA GLU B 12 -11.84 37.05 12.42
C GLU B 12 -11.18 37.63 11.19
N PHE B 13 -11.65 37.19 10.01
CA PHE B 13 -11.03 37.66 8.78
C PHE B 13 -11.35 39.16 8.60
N LEU B 14 -12.58 39.53 8.91
CA LEU B 14 -13.08 40.89 8.86
C LEU B 14 -12.34 41.75 9.87
N ALA B 15 -12.20 41.41 11.13
CA ALA B 15 -11.43 42.18 12.08
C ALA B 15 -10.01 42.39 11.55
N VAL B 16 -9.50 41.42 10.80
CA VAL B 16 -8.08 41.56 10.37
C VAL B 16 -8.03 42.59 9.23
N GLN B 17 -9.04 42.59 8.37
CA GLN B 17 -9.13 43.48 7.21
C GLN B 17 -9.17 44.90 7.80
N THR B 18 -10.19 45.19 8.59
CA THR B 18 -10.41 46.44 9.28
C THR B 18 -9.15 46.98 9.94
N ILE B 19 -8.53 46.18 10.79
CA ILE B 19 -7.33 46.53 11.50
C ILE B 19 -6.21 46.87 10.55
N VAL B 20 -6.10 46.21 9.40
CA VAL B 20 -4.92 46.50 8.56
C VAL B 20 -5.26 47.76 7.76
N GLN B 21 -6.53 47.85 7.44
CA GLN B 21 -7.05 48.94 6.66
C GLN B 21 -7.02 50.23 7.47
N ASN B 22 -7.12 50.20 8.78
CA ASN B 22 -6.98 51.40 9.58
C ASN B 22 -5.54 51.87 9.45
N LYS B 23 -4.53 51.02 9.49
CA LYS B 23 -3.18 51.59 9.35
C LYS B 23 -2.80 51.80 7.90
N TYR B 24 -3.50 51.28 6.90
CA TYR B 24 -3.07 51.45 5.52
C TYR B 24 -4.31 51.61 4.66
N PRO B 25 -4.84 52.83 4.64
CA PRO B 25 -6.07 53.12 3.92
C PRO B 25 -5.92 52.83 2.44
N ILE B 26 -6.93 52.17 1.86
CA ILE B 26 -6.73 51.71 0.48
C ILE B 26 -6.94 52.86 -0.50
N SER B 27 -7.37 54.00 0.04
CA SER B 27 -7.49 55.22 -0.80
C SER B 27 -6.07 55.66 -1.15
N ASN B 28 -5.18 55.60 -0.18
CA ASN B 28 -3.78 55.89 -0.40
C ASN B 28 -2.86 54.70 -0.60
N ASN B 29 -3.31 53.45 -0.34
CA ASN B 29 -2.32 52.35 -0.44
C ASN B 29 -2.76 51.25 -1.39
N ARG B 30 -1.75 50.60 -1.97
CA ARG B 30 -2.00 49.35 -2.74
C ARG B 30 -1.74 48.22 -1.69
N LEU B 31 -2.83 47.62 -1.27
CA LEU B 31 -2.79 46.60 -0.23
C LEU B 31 -3.29 45.24 -0.71
N ALA B 32 -2.43 44.24 -0.67
CA ALA B 32 -2.94 42.87 -0.99
C ALA B 32 -2.52 41.85 0.09
N PHE B 33 -3.53 41.15 0.60
CA PHE B 33 -3.26 40.08 1.60
C PHE B 33 -2.83 38.78 0.92
N HIS B 34 -1.59 38.34 1.14
CA HIS B 34 -1.08 37.14 0.51
C HIS B 34 -1.28 35.89 1.40
N TYR B 35 -1.46 36.07 2.71
CA TYR B 35 -1.58 35.07 3.70
C TYR B 35 -2.12 35.65 5.02
N ILE B 36 -3.24 35.09 5.43
CA ILE B 36 -3.80 35.38 6.72
C ILE B 36 -4.05 34.03 7.45
N GLY B 37 -3.25 33.77 8.46
CA GLY B 37 -3.42 32.62 9.31
C GLY B 37 -3.09 32.79 10.77
N LEU B 38 -3.32 31.73 11.53
CA LEU B 38 -3.13 31.63 12.95
C LEU B 38 -1.66 31.64 13.28
N ASP B 39 -1.27 32.50 14.20
CA ASP B 39 0.11 32.47 14.70
C ASP B 39 0.05 31.38 15.80
N ASP B 40 0.86 30.34 15.73
CA ASP B 40 0.85 29.21 16.63
C ASP B 40 1.01 29.51 18.10
N PRO B 41 -0.02 29.17 18.88
CA PRO B 41 0.10 29.31 20.33
C PRO B 41 1.31 28.52 20.81
N GLU B 42 1.85 28.87 21.96
CA GLU B 42 2.93 28.09 22.56
C GLU B 42 2.43 26.70 23.02
N LYS B 43 3.24 25.65 22.75
CA LYS B 43 2.79 24.28 23.08
C LYS B 43 2.38 24.10 24.53
N ASP B 44 3.17 24.58 25.47
CA ASP B 44 2.91 24.54 26.88
C ASP B 44 1.56 25.13 27.28
N HIS B 45 1.22 26.23 26.61
CA HIS B 45 -0.05 26.88 26.93
C HIS B 45 -1.17 26.01 26.37
N VAL B 46 -0.90 25.48 25.16
CA VAL B 46 -1.90 24.57 24.60
C VAL B 46 -2.01 23.32 25.47
N LEU B 47 -0.89 22.72 25.86
CA LEU B 47 -0.98 21.53 26.71
C LEU B 47 -1.69 21.85 28.01
N ARG B 48 -1.41 22.99 28.65
CA ARG B 48 -2.05 23.37 29.90
C ARG B 48 -3.53 23.66 29.79
N TYR B 49 -3.89 24.30 28.68
CA TYR B 49 -5.28 24.62 28.43
C TYR B 49 -6.11 23.34 28.34
N GLU B 50 -5.48 22.34 27.73
CA GLU B 50 -6.07 21.03 27.51
C GLU B 50 -6.57 20.40 28.81
N THR B 51 -5.74 20.53 29.84
CA THR B 51 -6.05 19.95 31.13
C THR B 51 -6.90 20.90 31.96
N HIS B 52 -6.84 22.20 31.73
CA HIS B 52 -7.68 23.14 32.46
C HIS B 52 -8.21 24.22 31.52
N PRO B 53 -9.09 23.84 30.61
CA PRO B 53 -9.62 24.74 29.59
C PRO B 53 -10.19 25.99 30.20
N THR B 54 -11.08 25.69 31.13
CA THR B 54 -11.83 26.65 31.91
C THR B 54 -10.95 27.51 32.79
N LEU B 55 -9.65 27.31 32.81
CA LEU B 55 -8.78 28.06 33.71
C LEU B 55 -7.49 28.47 32.99
N VAL B 56 -7.54 28.53 31.65
CA VAL B 56 -6.40 28.95 30.84
C VAL B 56 -6.94 29.77 29.66
N SER B 57 -6.36 30.96 29.51
CA SER B 57 -6.68 31.91 28.45
C SER B 57 -5.56 32.22 27.45
N ILE B 58 -5.83 31.89 26.18
CA ILE B 58 -4.88 32.15 25.11
C ILE B 58 -5.47 33.14 24.12
N PRO B 59 -4.76 34.23 23.87
CA PRO B 59 -5.22 35.26 22.93
C PRO B 59 -5.05 34.76 21.50
N ARG B 60 -6.08 34.97 20.71
CA ARG B 60 -5.94 34.67 19.28
C ARG B 60 -5.00 35.68 18.62
N LYS B 61 -3.82 35.29 18.20
CA LYS B 61 -2.84 36.03 17.47
C LYS B 61 -2.83 35.57 16.01
N ILE B 62 -2.69 36.50 15.09
CA ILE B 62 -2.78 36.23 13.67
C ILE B 62 -1.54 36.75 12.96
N PHE B 63 -1.00 35.95 12.06
CA PHE B 63 0.13 36.29 11.23
C PHE B 63 -0.41 36.62 9.83
N VAL B 64 -0.07 37.89 9.42
CA VAL B 64 -0.44 38.41 8.10
C VAL B 64 0.77 38.63 7.20
N VAL B 65 0.73 38.13 5.98
CA VAL B 65 1.73 38.52 4.97
C VAL B 65 0.90 39.33 3.93
N ALA B 66 1.36 40.61 3.82
CA ALA B 66 0.66 41.56 2.92
C ALA B 66 1.67 42.19 1.98
N ILE B 67 1.32 42.34 0.70
CA ILE B 67 2.16 43.19 -0.15
C ILE B 67 1.57 44.60 -0.19
N ILE B 68 2.35 45.60 0.31
CA ILE B 68 1.74 46.96 0.44
C ILE B 68 2.57 48.02 -0.30
N ASN B 69 2.05 48.65 -1.35
CA ASN B 69 2.91 49.52 -2.20
C ASN B 69 4.17 48.76 -2.57
N SER B 70 4.00 47.51 -3.08
CA SER B 70 5.09 46.64 -3.49
C SER B 70 6.10 46.24 -2.43
N GLN B 71 5.83 46.47 -1.15
CA GLN B 71 6.81 45.96 -0.17
C GLN B 71 6.02 44.90 0.62
N THR B 72 6.84 43.87 0.97
CA THR B 72 6.21 42.74 1.71
C THR B 72 6.24 43.01 3.19
N HIS B 73 5.06 43.17 3.81
CA HIS B 73 5.03 43.26 5.27
C HIS B 73 4.51 41.98 5.98
N GLU B 74 5.16 41.69 7.08
CA GLU B 74 4.93 40.66 8.05
C GLU B 74 4.31 41.35 9.26
N ILE B 75 3.02 41.25 9.37
CA ILE B 75 2.27 41.88 10.44
C ILE B 75 1.71 40.85 11.41
N LEU B 76 1.83 41.08 12.70
CA LEU B 76 1.29 40.24 13.75
C LEU B 76 0.21 41.00 14.50
N ILE B 77 -1.00 40.52 14.47
CA ILE B 77 -2.10 41.14 15.20
C ILE B 77 -2.49 40.37 16.46
N ASN B 78 -2.86 41.02 17.55
CA ASN B 78 -3.33 40.37 18.76
C ASN B 78 -4.81 40.69 18.82
N LEU B 79 -5.74 39.84 18.42
CA LEU B 79 -7.14 40.19 18.40
C LEU B 79 -7.74 40.40 19.78
N ARG B 80 -7.05 40.03 20.85
CA ARG B 80 -7.61 40.20 22.19
C ARG B 80 -7.70 41.70 22.38
N ILE B 81 -6.58 42.35 22.14
CA ILE B 81 -6.57 43.81 22.28
C ILE B 81 -6.86 44.47 20.96
N ARG B 82 -7.14 43.71 19.90
CA ARG B 82 -7.48 44.30 18.62
C ARG B 82 -6.43 45.19 18.02
N SER B 83 -5.15 44.82 18.03
CA SER B 83 -4.15 45.73 17.51
C SER B 83 -2.93 45.08 16.93
N ILE B 84 -2.30 45.75 15.96
CA ILE B 84 -1.07 45.28 15.31
C ILE B 84 0.05 45.30 16.32
N VAL B 85 0.73 44.22 16.68
CA VAL B 85 1.77 44.29 17.69
C VAL B 85 3.13 44.31 17.00
N SER B 86 3.10 44.07 15.68
CA SER B 86 4.41 44.07 14.98
C SER B 86 4.14 44.23 13.50
N ASP B 87 5.08 44.82 12.80
CA ASP B 87 4.93 45.15 11.38
C ASP B 87 6.30 45.31 10.74
N ASN B 88 6.82 44.36 10.00
CA ASN B 88 8.16 44.43 9.50
C ASN B 88 8.08 44.17 7.99
N ILE B 89 9.07 44.76 7.34
CA ILE B 89 9.17 44.63 5.90
C ILE B 89 10.18 43.52 5.66
N HIS B 90 9.82 42.69 4.68
CA HIS B 90 10.74 41.58 4.39
C HIS B 90 11.70 42.01 3.30
N ASN B 91 12.99 42.08 3.61
CA ASN B 91 13.98 42.42 2.62
C ASN B 91 14.81 41.32 2.07
N GLY B 92 14.48 40.04 2.22
CA GLY B 92 15.35 38.99 1.62
C GLY B 92 14.81 38.60 0.26
N TYR B 93 15.30 37.48 -0.28
CA TYR B 93 14.77 36.93 -1.52
C TYR B 93 13.43 36.24 -1.35
N GLY B 94 12.73 35.98 -2.43
CA GLY B 94 11.47 35.26 -2.38
C GLY B 94 10.25 36.06 -2.07
N PHE B 95 9.12 35.59 -2.55
CA PHE B 95 7.89 36.31 -2.30
C PHE B 95 6.80 35.40 -1.77
N PRO B 96 5.73 36.00 -1.25
CA PRO B 96 4.56 35.29 -0.78
C PRO B 96 3.86 34.41 -1.82
N ILE B 97 2.86 33.68 -1.33
CA ILE B 97 2.03 32.79 -2.15
C ILE B 97 1.33 33.69 -3.17
N LEU B 98 1.26 33.43 -4.47
CA LEU B 98 0.48 34.26 -5.36
C LEU B 98 -0.96 34.35 -4.90
N SER B 99 -1.70 35.41 -5.30
CA SER B 99 -3.11 35.48 -4.95
C SER B 99 -3.91 35.03 -6.17
N VAL B 100 -5.17 34.75 -5.97
CA VAL B 100 -6.02 34.29 -7.05
C VAL B 100 -6.23 35.44 -8.01
N ASP B 101 -6.64 36.56 -7.40
CA ASP B 101 -6.90 37.84 -8.06
C ASP B 101 -5.78 38.25 -9.00
N GLU B 102 -4.54 38.32 -8.56
CA GLU B 102 -3.48 38.70 -9.47
C GLU B 102 -3.39 37.69 -10.63
N GLN B 103 -3.62 36.39 -10.34
CA GLN B 103 -3.53 35.48 -11.50
C GLN B 103 -4.62 35.70 -12.50
N SER B 104 -5.80 36.07 -12.04
CA SER B 104 -6.88 36.36 -12.97
C SER B 104 -6.63 37.58 -13.88
N LEU B 105 -5.83 38.56 -13.43
CA LEU B 105 -5.53 39.67 -14.34
C LEU B 105 -4.38 39.24 -15.22
N ALA B 106 -3.43 38.48 -14.63
CA ALA B 106 -2.27 38.18 -15.50
C ALA B 106 -2.69 37.42 -16.75
N ILE B 107 -3.70 36.56 -16.60
CA ILE B 107 -4.05 35.66 -17.71
C ILE B 107 -4.76 36.41 -18.83
N LYS B 108 -5.21 37.63 -18.54
CA LYS B 108 -5.85 38.40 -19.65
C LYS B 108 -4.80 39.08 -20.51
N LEU B 109 -3.59 39.28 -20.03
CA LEU B 109 -2.57 40.03 -20.72
C LEU B 109 -2.27 39.59 -22.14
N PRO B 110 -2.29 38.29 -22.46
CA PRO B 110 -1.79 37.91 -23.79
C PRO B 110 -2.83 38.29 -24.81
N LEU B 111 -4.05 38.43 -24.38
CA LEU B 111 -5.15 38.65 -25.31
C LEU B 111 -5.22 40.06 -25.88
N LYS B 112 -4.54 41.02 -25.29
CA LYS B 112 -4.50 42.40 -25.74
C LYS B 112 -3.11 42.71 -26.29
N TYR B 113 -2.26 41.71 -26.35
CA TYR B 113 -0.86 41.91 -26.70
C TYR B 113 -0.59 41.66 -28.17
N PRO B 114 -0.13 42.72 -28.88
CA PRO B 114 -0.02 42.68 -30.32
C PRO B 114 0.81 41.54 -30.85
N PRO B 115 1.98 41.32 -30.27
CA PRO B 115 2.86 40.27 -30.74
C PRO B 115 2.19 38.89 -30.62
N PHE B 116 1.36 38.71 -29.59
CA PHE B 116 0.66 37.49 -29.32
C PHE B 116 -0.49 37.36 -30.29
N ILE B 117 -1.37 38.34 -30.35
CA ILE B 117 -2.43 38.31 -31.37
C ILE B 117 -1.88 37.95 -32.73
N ASP B 118 -0.63 38.39 -33.01
CA ASP B 118 -0.10 38.04 -34.32
C ASP B 118 0.28 36.55 -34.40
N SER B 119 0.85 36.06 -33.31
CA SER B 119 1.30 34.67 -33.18
C SER B 119 0.12 33.71 -33.42
N VAL B 120 -0.96 34.05 -32.78
CA VAL B 120 -2.22 33.34 -32.87
C VAL B 120 -2.68 33.28 -34.31
N LYS B 121 -2.74 34.44 -34.98
CA LYS B 121 -3.18 34.50 -36.38
C LYS B 121 -2.24 33.81 -37.34
N LYS B 122 -0.94 33.89 -37.15
CA LYS B 122 -0.01 33.11 -37.95
C LYS B 122 -0.33 31.62 -37.84
N ARG B 123 -0.88 31.17 -36.70
CA ARG B 123 -1.23 29.78 -36.46
C ARG B 123 -2.67 29.45 -36.85
N GLY B 124 -3.42 30.45 -37.22
CA GLY B 124 -4.78 30.24 -37.68
C GLY B 124 -5.67 29.93 -36.49
N LEU B 125 -5.35 30.38 -35.29
CA LEU B 125 -6.20 30.05 -34.16
C LEU B 125 -7.21 31.12 -33.81
N ASN B 126 -8.39 30.73 -33.36
CA ASN B 126 -9.42 31.64 -32.92
C ASN B 126 -9.15 32.24 -31.53
N LEU B 127 -8.76 33.51 -31.51
CA LEU B 127 -8.46 34.25 -30.31
C LEU B 127 -9.62 34.28 -29.34
N SER B 128 -10.89 34.22 -29.74
CA SER B 128 -11.90 34.24 -28.67
C SER B 128 -12.06 32.88 -27.92
N GLU B 129 -11.23 31.90 -28.26
CA GLU B 129 -11.31 30.61 -27.59
C GLU B 129 -9.97 30.28 -26.96
N ILE B 130 -9.21 31.26 -26.50
CA ILE B 130 -7.89 31.01 -25.90
C ILE B 130 -8.00 31.23 -24.40
N VAL B 131 -7.29 30.41 -23.59
CA VAL B 131 -7.30 30.62 -22.14
C VAL B 131 -5.85 30.49 -21.73
N CYS B 132 -5.46 31.24 -20.71
CA CYS B 132 -4.04 31.23 -20.34
C CYS B 132 -3.96 30.88 -18.86
N SER B 133 -2.77 30.50 -18.42
CA SER B 133 -2.51 30.20 -17.04
C SER B 133 -1.17 30.72 -16.58
N SER B 134 -1.05 31.08 -15.32
CA SER B 134 0.21 31.55 -14.79
C SER B 134 1.06 30.45 -14.18
N PHE B 135 2.34 30.32 -14.44
CA PHE B 135 3.09 29.21 -13.88
C PHE B 135 4.20 29.81 -13.05
N THR B 136 4.52 29.43 -11.83
CA THR B 136 5.72 30.04 -11.22
C THR B 136 7.00 29.75 -11.97
N MET B 137 8.09 30.53 -11.73
CA MET B 137 9.32 30.38 -12.50
C MET B 137 10.56 30.15 -11.62
N GLY B 138 10.38 30.26 -10.31
CA GLY B 138 11.51 29.82 -9.46
C GLY B 138 12.66 30.79 -9.66
N TRP B 139 13.86 30.21 -9.62
CA TRP B 139 15.07 31.02 -9.65
C TRP B 139 16.21 30.22 -10.23
N PHE B 140 17.01 30.86 -11.09
CA PHE B 140 18.06 30.09 -11.76
C PHE B 140 19.41 30.76 -11.68
N GLY B 141 19.76 31.39 -10.56
CA GLY B 141 21.12 31.98 -10.50
C GLY B 141 21.12 33.48 -10.73
N GLU B 142 20.26 33.99 -11.59
CA GLU B 142 20.12 35.39 -11.89
C GLU B 142 20.04 36.26 -10.66
N GLU B 143 20.36 37.56 -10.83
CA GLU B 143 20.42 38.56 -9.78
C GLU B 143 19.09 39.21 -9.48
N LYS B 144 18.29 39.40 -10.52
CA LYS B 144 16.97 39.98 -10.38
C LYS B 144 16.19 39.38 -9.22
N ASN B 145 15.29 40.12 -8.66
CA ASN B 145 14.47 39.73 -7.54
C ASN B 145 13.10 40.35 -7.83
N VAL B 146 12.46 39.90 -8.89
CA VAL B 146 11.15 40.41 -9.26
C VAL B 146 10.02 39.38 -9.27
N ARG B 147 8.78 39.82 -9.13
CA ARG B 147 7.64 38.94 -9.16
C ARG B 147 7.16 38.52 -10.54
N THR B 148 7.96 37.88 -11.34
CA THR B 148 7.55 37.41 -12.65
C THR B 148 7.08 35.93 -12.62
N VAL B 149 6.24 35.55 -13.57
CA VAL B 149 5.68 34.27 -13.83
C VAL B 149 5.66 33.99 -15.31
N ARG B 150 5.64 32.73 -15.77
CA ARG B 150 5.46 32.43 -17.20
C ARG B 150 3.97 32.31 -17.46
N LEU B 151 3.46 32.66 -18.66
CA LEU B 151 2.08 32.49 -19.04
C LEU B 151 2.07 31.52 -20.25
N ASP B 152 1.18 30.54 -20.15
CA ASP B 152 0.97 29.49 -21.13
C ASP B 152 -0.52 29.51 -21.54
N CYS B 153 -0.80 29.33 -22.80
CA CYS B 153 -2.20 29.44 -23.23
C CYS B 153 -2.70 28.18 -23.94
N PHE B 154 -4.03 28.01 -24.00
CA PHE B 154 -4.55 26.71 -24.41
C PHE B 154 -5.77 26.93 -25.29
N MET B 155 -6.06 26.04 -26.24
CA MET B 155 -7.30 26.24 -26.99
C MET B 155 -8.45 25.63 -26.18
N LYS B 156 -9.63 26.23 -26.15
CA LYS B 156 -10.74 25.62 -25.43
C LYS B 156 -11.88 25.54 -26.42
N GLU B 157 -11.94 24.85 -27.52
CA GLU B 157 -13.17 25.30 -28.30
C GLU B 157 -14.32 24.40 -27.94
N SER B 158 -14.27 23.16 -28.42
CA SER B 158 -15.36 22.22 -28.09
C SER B 158 -15.12 21.53 -26.75
N THR B 159 -13.95 21.46 -26.14
CA THR B 159 -13.76 20.82 -24.85
C THR B 159 -13.45 21.80 -23.73
N VAL B 160 -13.78 21.46 -22.48
CA VAL B 160 -13.29 22.23 -21.36
C VAL B 160 -11.95 21.64 -20.94
N ASN B 161 -11.46 20.63 -21.66
CA ASN B 161 -10.17 20.07 -21.29
C ASN B 161 -9.03 20.84 -21.94
N ILE B 162 -8.76 22.04 -21.42
CA ILE B 162 -7.78 22.96 -21.99
C ILE B 162 -6.37 22.48 -21.79
N TYR B 163 -6.01 21.80 -20.70
CA TYR B 163 -4.61 21.41 -20.49
C TYR B 163 -4.07 20.47 -21.55
N VAL B 164 -4.94 19.85 -22.35
CA VAL B 164 -4.46 18.89 -23.33
C VAL B 164 -4.46 19.55 -24.71
N ARG B 165 -4.82 20.85 -24.74
CA ARG B 165 -4.73 21.56 -26.03
C ARG B 165 -3.82 22.77 -25.92
N PRO B 166 -2.57 22.57 -25.57
CA PRO B 166 -1.63 23.68 -25.46
C PRO B 166 -1.30 24.33 -26.81
N ILE B 167 -1.03 25.66 -26.69
CA ILE B 167 -0.45 26.38 -27.84
C ILE B 167 1.03 26.35 -27.54
N THR B 168 1.88 25.47 -28.01
CA THR B 168 3.29 25.31 -27.63
C THR B 168 4.23 26.10 -28.52
N GLY B 169 5.33 26.62 -27.96
CA GLY B 169 6.39 27.25 -28.69
C GLY B 169 6.51 28.74 -28.47
N ILE B 170 5.81 29.26 -27.48
CA ILE B 170 5.84 30.69 -27.18
C ILE B 170 6.25 31.01 -25.76
N THR B 171 7.40 31.63 -25.48
CA THR B 171 7.73 32.18 -24.16
C THR B 171 6.96 33.48 -23.90
N ILE B 172 6.27 33.62 -22.78
CA ILE B 172 5.58 34.82 -22.37
C ILE B 172 5.86 35.03 -20.87
N VAL B 173 6.60 36.04 -20.45
CA VAL B 173 6.85 36.36 -19.07
C VAL B 173 6.16 37.64 -18.65
N ALA B 174 5.45 37.65 -17.52
CA ALA B 174 4.71 38.81 -17.04
C ALA B 174 5.17 39.12 -15.61
N ASP B 175 5.18 40.42 -15.28
CA ASP B 175 5.61 40.90 -13.97
C ASP B 175 4.32 41.15 -13.22
N LEU B 176 4.13 40.66 -12.00
CA LEU B 176 2.79 40.75 -11.42
C LEU B 176 2.59 42.05 -10.67
N ASP B 177 3.71 42.61 -10.26
CA ASP B 177 3.70 43.93 -9.58
C ASP B 177 3.42 45.00 -10.63
N LEU B 178 4.10 45.12 -11.77
CA LEU B 178 3.65 46.08 -12.78
C LEU B 178 2.42 45.60 -13.53
N MET B 179 2.22 44.27 -13.52
CA MET B 179 1.14 43.70 -14.31
C MET B 179 1.29 43.90 -15.81
N LYS B 180 2.42 43.49 -16.43
CA LYS B 180 2.55 43.61 -17.87
C LYS B 180 3.45 42.54 -18.45
N ILE B 181 3.31 42.25 -19.74
CA ILE B 181 4.21 41.26 -20.36
C ILE B 181 5.58 41.88 -20.48
N VAL B 182 6.59 41.38 -19.81
CA VAL B 182 7.92 41.87 -19.87
C VAL B 182 8.80 41.12 -20.84
N GLU B 183 8.39 39.97 -21.37
CA GLU B 183 9.24 39.27 -22.33
C GLU B 183 8.39 38.39 -23.20
N TYR B 184 8.77 38.22 -24.44
CA TYR B 184 7.98 37.47 -25.40
C TYR B 184 8.86 36.87 -26.47
N HIS B 185 8.64 35.62 -26.84
CA HIS B 185 9.33 34.97 -27.92
C HIS B 185 8.43 33.90 -28.53
N ASP B 186 8.11 34.04 -29.78
CA ASP B 186 7.39 33.04 -30.53
C ASP B 186 8.50 32.19 -31.16
N ARG B 187 8.89 31.14 -30.45
CA ARG B 187 9.96 30.25 -30.81
C ARG B 187 9.53 29.16 -31.77
N ASP B 188 8.30 28.67 -31.64
CA ASP B 188 7.98 27.49 -32.40
C ASP B 188 6.55 27.30 -32.80
N ILE B 189 6.36 26.78 -33.99
CA ILE B 189 4.99 26.46 -34.38
C ILE B 189 4.78 24.94 -34.25
N GLU B 190 3.79 24.53 -33.47
CA GLU B 190 3.50 23.13 -33.24
C GLU B 190 2.02 22.93 -33.38
N ALA B 191 1.56 21.81 -33.91
CA ALA B 191 0.09 21.62 -33.98
C ALA B 191 -0.52 21.66 -32.58
N VAL B 192 -1.75 22.12 -32.51
CA VAL B 192 -2.57 22.10 -31.31
C VAL B 192 -3.33 20.75 -31.42
N PRO B 193 -3.19 19.92 -30.36
CA PRO B 193 -3.91 18.65 -30.32
C PRO B 193 -5.41 18.85 -30.47
N THR B 194 -6.07 17.88 -31.11
CA THR B 194 -7.50 17.92 -31.32
C THR B 194 -8.34 17.90 -30.06
N ALA B 195 -9.56 18.40 -30.19
CA ALA B 195 -10.46 18.42 -29.05
C ALA B 195 -11.23 17.10 -28.92
N GLU B 196 -11.18 16.25 -29.89
CA GLU B 196 -11.97 14.99 -29.98
C GLU B 196 -11.58 13.99 -28.91
N ASN B 197 -12.51 13.51 -28.10
CA ASN B 197 -12.21 12.53 -27.04
C ASN B 197 -11.42 13.03 -25.84
N THR B 198 -11.65 14.29 -25.44
CA THR B 198 -10.84 14.88 -24.37
C THR B 198 -11.77 15.30 -23.25
N GLU B 199 -13.04 15.36 -23.57
CA GLU B 199 -14.11 15.72 -22.63
C GLU B 199 -14.36 14.62 -21.58
N TYR B 200 -14.64 15.04 -20.36
CA TYR B 200 -14.76 14.17 -19.21
C TYR B 200 -16.04 14.40 -18.45
N GLN B 201 -16.90 15.32 -18.91
CA GLN B 201 -18.15 15.54 -18.20
C GLN B 201 -19.19 14.62 -18.82
N VAL B 202 -19.92 13.95 -17.94
CA VAL B 202 -20.88 12.94 -18.49
C VAL B 202 -21.91 13.73 -19.29
N SER B 203 -22.14 14.97 -18.82
CA SER B 203 -23.11 15.87 -19.48
C SER B 203 -22.56 16.21 -20.85
N LYS B 204 -21.29 16.05 -21.11
CA LYS B 204 -20.83 16.39 -22.46
C LYS B 204 -20.48 15.15 -23.22
N GLN B 205 -20.57 13.95 -22.60
CA GLN B 205 -20.22 12.75 -23.35
C GLN B 205 -21.44 12.09 -23.96
N SER B 206 -21.22 11.20 -24.92
CA SER B 206 -22.37 10.42 -25.42
C SER B 206 -22.07 8.93 -25.35
N PRO B 207 -23.09 8.13 -25.60
CA PRO B 207 -22.95 6.68 -25.63
C PRO B 207 -21.87 6.31 -26.62
N PRO B 208 -21.29 5.13 -26.42
CA PRO B 208 -21.72 4.27 -25.34
C PRO B 208 -21.02 4.49 -24.01
N PHE B 209 -21.75 4.11 -22.98
CA PHE B 209 -21.23 4.01 -21.62
C PHE B 209 -21.08 2.56 -21.12
N GLY B 210 -20.13 2.32 -20.20
CA GLY B 210 -20.03 1.03 -19.51
C GLY B 210 -18.63 0.85 -18.93
N PRO B 211 -18.43 -0.22 -18.16
CA PRO B 211 -19.48 -1.19 -17.84
C PRO B 211 -20.39 -0.69 -16.76
N LYS B 212 -21.65 -1.17 -16.77
CA LYS B 212 -22.58 -0.82 -15.72
C LYS B 212 -22.11 -1.24 -14.33
N GLN B 213 -22.39 -0.41 -13.33
CA GLN B 213 -21.96 -0.60 -11.97
C GLN B 213 -23.25 -0.59 -11.14
N HIS B 214 -23.40 -1.67 -10.38
CA HIS B 214 -24.56 -1.87 -9.56
C HIS B 214 -24.63 -0.92 -8.37
N SER B 215 -25.82 -0.38 -8.10
CA SER B 215 -26.03 0.50 -6.99
C SER B 215 -25.94 -0.23 -5.64
N LEU B 216 -26.06 0.73 -4.72
CA LEU B 216 -26.06 0.46 -3.30
C LEU B 216 -26.92 1.53 -2.58
N THR B 217 -27.31 0.99 -1.42
CA THR B 217 -27.95 1.74 -0.38
C THR B 217 -27.41 1.18 0.93
N SER B 218 -27.32 2.05 1.91
CA SER B 218 -26.72 1.76 3.20
C SER B 218 -27.28 2.56 4.35
N HIS B 219 -26.93 2.15 5.57
CA HIS B 219 -27.53 2.82 6.74
C HIS B 219 -26.88 2.46 8.04
N GLN B 220 -26.78 3.40 8.96
CA GLN B 220 -26.26 3.19 10.29
C GLN B 220 -27.44 3.36 11.24
N PRO B 221 -27.97 2.24 11.69
CA PRO B 221 -29.08 2.24 12.63
C PRO B 221 -28.87 3.23 13.75
N GLN B 222 -27.66 3.35 14.29
CA GLN B 222 -27.41 4.28 15.42
C GLN B 222 -26.67 5.52 14.98
N GLY B 223 -26.60 5.82 13.68
CA GLY B 223 -25.92 7.03 13.19
C GLY B 223 -24.42 6.79 13.25
N PRO B 224 -23.60 7.81 12.97
CA PRO B 224 -22.17 7.70 12.87
C PRO B 224 -21.55 7.46 14.24
N GLY B 225 -20.38 6.86 14.26
CA GLY B 225 -19.77 6.72 15.57
C GLY B 225 -18.93 7.91 15.97
N PHE B 226 -18.60 8.89 15.13
CA PHE B 226 -17.84 10.07 15.58
C PHE B 226 -18.79 11.19 16.04
N GLN B 227 -18.33 11.97 17.00
CA GLN B 227 -19.07 13.16 17.47
C GLN B 227 -18.10 14.31 17.11
N ILE B 228 -18.57 15.26 16.34
CA ILE B 228 -17.76 16.44 16.00
C ILE B 228 -18.36 17.64 16.77
N ASN B 229 -17.58 18.12 17.71
CA ASN B 229 -17.98 19.25 18.56
C ASN B 229 -17.10 20.47 18.25
N GLY B 230 -17.61 21.31 17.33
CA GLY B 230 -16.77 22.42 16.84
C GLY B 230 -15.78 21.86 15.85
N HIS B 231 -14.51 21.79 16.18
CA HIS B 231 -13.54 21.19 15.25
C HIS B 231 -12.90 20.00 15.97
N SER B 232 -13.55 19.74 17.11
CA SER B 232 -13.15 18.62 17.94
C SER B 232 -13.85 17.29 17.63
N VAL B 233 -13.00 16.32 17.25
CA VAL B 233 -13.53 14.99 16.98
C VAL B 233 -13.27 13.94 18.07
N SER B 234 -14.36 13.28 18.44
CA SER B 234 -14.43 12.12 19.31
C SER B 234 -14.88 10.86 18.55
N TRP B 235 -13.94 9.90 18.45
CA TRP B 235 -14.36 8.67 17.75
C TRP B 235 -13.69 7.42 18.32
N ALA B 236 -14.50 6.36 18.59
CA ALA B 236 -13.96 5.09 19.14
C ALA B 236 -13.07 5.44 20.32
N ASN B 237 -11.80 5.15 20.30
CA ASN B 237 -10.90 5.46 21.42
C ASN B 237 -10.00 6.70 21.17
N TRP B 238 -10.31 7.41 20.09
CA TRP B 238 -9.60 8.59 19.70
C TRP B 238 -10.33 9.92 20.00
N LYS B 239 -9.42 10.87 20.25
CA LYS B 239 -9.79 12.30 20.33
C LYS B 239 -8.78 13.11 19.52
N PHE B 240 -9.27 14.03 18.67
CA PHE B 240 -8.36 14.89 17.91
C PHE B 240 -9.04 16.18 17.40
N HIS B 241 -8.16 17.14 17.02
CA HIS B 241 -8.71 18.43 16.53
C HIS B 241 -8.44 18.56 15.05
N ILE B 242 -9.51 18.97 14.34
CA ILE B 242 -9.34 19.30 12.92
C ILE B 242 -9.14 20.83 12.68
N GLY B 243 -7.97 21.19 12.15
CA GLY B 243 -7.69 22.61 11.86
C GLY B 243 -7.56 22.83 10.36
N PHE B 244 -7.42 24.09 9.94
CA PHE B 244 -7.28 24.41 8.50
C PHE B 244 -6.53 25.74 8.36
N ASP B 245 -5.54 25.80 7.49
CA ASP B 245 -4.70 26.95 7.20
C ASP B 245 -4.79 27.24 5.70
N VAL B 246 -4.76 28.55 5.30
CA VAL B 246 -4.85 28.86 3.88
C VAL B 246 -3.61 28.37 3.18
N ARG B 247 -2.49 28.20 3.87
CA ARG B 247 -1.31 27.67 3.21
C ARG B 247 -1.18 26.12 3.23
N ALA B 248 -1.29 25.55 4.44
CA ALA B 248 -1.14 24.12 4.70
C ALA B 248 -2.35 23.26 4.33
N GLY B 249 -3.54 23.75 4.36
CA GLY B 249 -4.79 23.12 4.16
C GLY B 249 -5.14 22.51 5.54
N ILE B 250 -5.44 21.19 5.54
CA ILE B 250 -5.86 20.53 6.81
C ILE B 250 -4.70 20.29 7.76
N VAL B 251 -5.01 20.46 9.04
CA VAL B 251 -4.05 20.27 10.11
C VAL B 251 -4.77 19.38 11.16
N ILE B 252 -4.03 18.31 11.46
CA ILE B 252 -4.55 17.36 12.48
C ILE B 252 -3.86 17.65 13.79
N SER B 253 -4.65 17.94 14.87
CA SER B 253 -3.81 18.04 16.10
C SER B 253 -4.35 17.44 17.35
N LEU B 254 -3.42 17.28 18.29
CA LEU B 254 -3.77 16.82 19.64
C LEU B 254 -4.43 15.43 19.55
N ALA B 255 -3.78 14.55 18.79
CA ALA B 255 -4.36 13.18 18.64
C ALA B 255 -3.88 12.32 19.85
N SER B 256 -4.83 12.00 20.71
CA SER B 256 -4.69 11.17 21.88
C SER B 256 -5.56 9.91 21.72
N ILE B 257 -5.12 8.83 22.29
CA ILE B 257 -5.86 7.54 22.25
C ILE B 257 -6.13 6.99 23.65
N TYR B 258 -7.38 6.63 23.95
CA TYR B 258 -7.69 6.04 25.26
C TYR B 258 -7.16 4.62 25.45
N ASP B 259 -6.35 4.36 26.42
CA ASP B 259 -5.82 3.01 26.66
C ASP B 259 -6.72 2.35 27.71
N LEU B 260 -7.57 1.42 27.24
CA LEU B 260 -8.57 0.76 28.13
C LEU B 260 -7.96 0.01 29.30
N GLU B 261 -6.79 -0.51 29.11
CA GLU B 261 -5.97 -1.30 30.00
C GLU B 261 -5.31 -0.43 31.04
N LYS B 262 -4.70 0.68 30.62
CA LYS B 262 -4.10 1.65 31.52
C LYS B 262 -5.16 2.64 32.02
N HIS B 263 -6.39 2.66 31.55
CA HIS B 263 -7.39 3.63 31.95
C HIS B 263 -6.93 5.09 31.84
N LYS B 264 -6.39 5.43 30.67
CA LYS B 264 -5.74 6.72 30.51
C LYS B 264 -5.75 7.07 29.03
N SER B 265 -5.85 8.36 28.79
CA SER B 265 -5.76 8.89 27.44
C SER B 265 -4.30 9.09 27.17
N ARG B 266 -3.71 8.65 26.11
CA ARG B 266 -2.27 8.81 25.90
C ARG B 266 -2.04 9.62 24.62
N ARG B 267 -1.07 10.53 24.69
CA ARG B 267 -0.76 11.39 23.57
C ARG B 267 0.04 10.66 22.49
N VAL B 268 -0.38 10.90 21.23
CA VAL B 268 0.45 10.36 20.13
C VAL B 268 1.08 11.46 19.26
N LEU B 269 0.22 12.33 18.72
CA LEU B 269 0.59 13.34 17.72
C LEU B 269 0.06 14.76 18.10
N TYR B 270 1.03 15.65 18.37
CA TYR B 270 0.63 17.03 18.73
C TYR B 270 0.11 17.73 17.48
N LYS B 271 0.76 17.53 16.33
CA LYS B 271 0.30 18.19 15.12
C LYS B 271 0.87 17.52 13.88
N GLY B 272 0.02 17.37 12.85
CA GLY B 272 0.64 16.87 11.57
C GLY B 272 -0.03 17.55 10.37
N TYR B 273 0.74 17.80 9.29
CA TYR B 273 0.08 18.35 8.08
C TYR B 273 1.09 18.16 6.97
N ILE B 274 0.66 18.37 5.73
CA ILE B 274 1.71 18.40 4.66
C ILE B 274 2.33 19.81 4.63
N SER B 275 3.65 19.94 4.79
CA SER B 275 4.33 21.21 4.89
C SER B 275 4.70 21.79 3.54
N GLU B 276 4.94 21.01 2.49
CA GLU B 276 5.27 21.54 1.17
C GLU B 276 5.15 20.43 0.12
N LEU B 277 4.97 20.78 -1.14
CA LEU B 277 5.02 19.93 -2.30
C LEU B 277 6.17 20.31 -3.25
N PHE B 278 6.44 19.51 -4.23
CA PHE B 278 7.54 19.73 -5.15
C PHE B 278 7.22 18.87 -6.37
N VAL B 279 6.89 19.49 -7.49
CA VAL B 279 6.51 18.80 -8.72
C VAL B 279 7.41 19.20 -9.87
N PRO B 280 8.63 18.68 -9.90
CA PRO B 280 9.58 19.02 -10.91
C PRO B 280 9.35 18.36 -12.26
N TYR B 281 9.35 19.18 -13.36
CA TYR B 281 9.25 18.60 -14.67
C TYR B 281 10.66 18.30 -15.17
N GLN B 282 10.78 17.49 -16.22
CA GLN B 282 12.05 16.95 -16.69
C GLN B 282 12.30 17.28 -18.17
N ASP B 283 11.82 18.45 -18.62
CA ASP B 283 12.07 18.99 -19.96
C ASP B 283 12.95 20.23 -19.78
N PRO B 284 14.22 20.09 -20.12
CA PRO B 284 15.22 21.15 -19.97
C PRO B 284 15.06 22.30 -20.96
N THR B 285 14.18 22.13 -21.96
CA THR B 285 13.91 23.17 -22.91
C THR B 285 13.22 24.40 -22.26
N GLU B 286 13.19 25.49 -23.05
CA GLU B 286 12.62 26.78 -22.78
C GLU B 286 11.14 26.71 -22.51
N GLU B 287 10.52 25.79 -23.25
CA GLU B 287 9.09 25.56 -23.03
C GLU B 287 8.85 25.16 -21.58
N PHE B 288 9.81 24.42 -20.97
CA PHE B 288 9.53 23.89 -19.65
C PHE B 288 10.55 23.90 -18.56
N TYR B 289 11.81 24.25 -18.78
CA TYR B 289 12.82 24.21 -17.73
C TYR B 289 12.41 24.77 -16.37
N PHE B 290 11.49 25.73 -16.25
CA PHE B 290 11.21 26.43 -15.01
C PHE B 290 10.05 25.87 -14.21
N LYS B 291 9.32 24.90 -14.82
CA LYS B 291 8.11 24.39 -14.14
C LYS B 291 8.50 23.29 -13.13
N THR B 292 8.52 23.70 -11.88
CA THR B 292 8.85 22.90 -10.71
C THR B 292 8.02 23.43 -9.52
N PHE B 293 6.71 23.29 -9.63
CA PHE B 293 5.83 23.91 -8.65
C PHE B 293 6.13 23.52 -7.23
N PHE B 294 5.98 24.46 -6.32
CA PHE B 294 5.99 24.34 -4.90
C PHE B 294 4.54 24.65 -4.48
N ASP B 295 3.60 23.71 -4.69
CA ASP B 295 2.23 24.06 -4.49
C ASP B 295 1.86 24.68 -3.16
N SER B 296 2.39 24.30 -2.01
CA SER B 296 1.79 24.98 -0.87
C SER B 296 2.29 26.43 -0.74
N GLY B 297 3.58 26.59 -0.91
CA GLY B 297 4.26 27.86 -0.82
C GLY B 297 3.96 28.91 -1.87
N GLU B 298 3.84 28.52 -3.12
CA GLU B 298 3.55 29.33 -4.27
C GLU B 298 2.06 29.47 -4.51
N PHE B 299 1.23 28.44 -4.24
CA PHE B 299 -0.20 28.57 -4.54
C PHE B 299 -1.12 28.44 -3.37
N GLY B 300 -0.67 27.91 -2.23
CA GLY B 300 -1.58 27.77 -1.06
C GLY B 300 -2.44 26.51 -1.15
N PHE B 301 -2.19 25.58 -0.19
CA PHE B 301 -3.01 24.32 -0.19
C PHE B 301 -4.42 24.63 0.25
N GLY B 302 -4.57 25.39 1.33
CA GLY B 302 -5.94 25.75 1.73
C GLY B 302 -6.61 26.59 0.67
N LEU B 303 -5.87 27.52 0.02
CA LEU B 303 -6.47 28.37 -1.02
C LEU B 303 -6.81 27.52 -2.22
N SER B 304 -6.04 26.42 -2.47
CA SER B 304 -6.47 25.56 -3.58
C SER B 304 -7.43 24.42 -3.23
N THR B 305 -8.05 24.37 -2.07
CA THR B 305 -8.88 23.25 -1.65
C THR B 305 -10.20 23.32 -2.35
N VAL B 306 -10.79 22.35 -3.00
CA VAL B 306 -12.08 22.43 -3.63
C VAL B 306 -13.24 22.00 -2.74
N SER B 307 -14.49 22.31 -3.10
CA SER B 307 -15.66 21.81 -2.42
C SER B 307 -15.91 20.32 -2.83
N LEU B 308 -16.03 19.46 -1.82
CA LEU B 308 -16.17 18.01 -2.08
C LEU B 308 -17.54 17.73 -2.69
N ILE B 309 -17.56 16.88 -3.72
CA ILE B 309 -18.86 16.47 -4.30
C ILE B 309 -19.45 15.35 -3.44
N PRO B 310 -20.63 15.53 -2.87
CA PRO B 310 -21.29 14.55 -2.01
C PRO B 310 -21.65 13.28 -2.76
N ASN B 311 -21.51 12.18 -2.01
CA ASN B 311 -21.65 10.82 -2.52
C ASN B 311 -20.62 10.50 -3.59
N ARG B 312 -19.65 11.31 -3.91
CA ARG B 312 -18.70 10.99 -4.94
C ARG B 312 -17.31 11.07 -4.35
N ASP B 313 -17.00 12.26 -3.80
CA ASP B 313 -15.66 12.43 -3.21
C ASP B 313 -15.60 11.78 -1.82
N CYS B 314 -16.74 11.67 -1.22
CA CYS B 314 -17.05 11.10 0.07
C CYS B 314 -18.33 10.26 -0.12
N PRO B 315 -18.36 9.09 0.55
CA PRO B 315 -19.50 8.20 0.52
C PRO B 315 -20.70 8.85 1.20
N PRO B 316 -21.85 8.31 0.90
CA PRO B 316 -23.11 8.85 1.36
C PRO B 316 -23.23 9.08 2.83
N HIS B 317 -22.44 8.41 3.64
CA HIS B 317 -22.67 8.63 5.08
C HIS B 317 -21.82 9.74 5.66
N ALA B 318 -21.03 10.45 4.84
CA ALA B 318 -20.02 11.37 5.34
C ALA B 318 -20.56 12.64 5.98
N GLN B 319 -19.79 13.15 6.96
CA GLN B 319 -20.14 14.45 7.47
C GLN B 319 -19.16 15.51 6.93
N PHE B 320 -19.70 16.67 6.60
CA PHE B 320 -18.90 17.78 6.05
C PHE B 320 -18.63 18.97 6.97
N ILE B 321 -17.45 19.54 6.94
CA ILE B 321 -17.06 20.75 7.62
C ILE B 321 -16.72 21.83 6.55
N ASP B 322 -17.37 23.00 6.68
CA ASP B 322 -17.04 24.17 5.85
C ASP B 322 -15.89 25.03 6.38
N THR B 323 -15.06 25.61 5.51
CA THR B 323 -14.09 26.56 6.08
C THR B 323 -14.22 27.92 5.35
N TYR B 324 -13.38 28.84 5.82
CA TYR B 324 -13.22 30.16 5.24
C TYR B 324 -11.81 30.40 4.71
N VAL B 325 -11.76 30.84 3.43
CA VAL B 325 -10.47 31.41 2.98
C VAL B 325 -10.67 32.94 2.83
N HIS B 326 -9.67 33.66 2.34
CA HIS B 326 -9.60 35.09 2.14
C HIS B 326 -9.25 35.46 0.70
N SER B 327 -9.83 36.56 0.20
CA SER B 327 -9.45 37.06 -1.14
C SER B 327 -8.21 37.95 -1.01
N ALA B 328 -7.73 38.51 -2.11
CA ALA B 328 -6.53 39.40 -2.06
C ALA B 328 -6.78 40.66 -1.26
N ASN B 329 -8.01 41.11 -1.13
CA ASN B 329 -8.35 42.27 -0.33
C ASN B 329 -8.69 41.94 1.11
N GLY B 330 -8.61 40.67 1.49
CA GLY B 330 -8.86 40.26 2.88
C GLY B 330 -10.28 39.85 3.17
N THR B 331 -11.14 39.82 2.17
CA THR B 331 -12.51 39.44 2.36
C THR B 331 -12.61 37.91 2.54
N PRO B 332 -13.37 37.51 3.55
CA PRO B 332 -13.57 36.10 3.84
C PRO B 332 -14.42 35.44 2.77
N ILE B 333 -13.90 34.31 2.30
CA ILE B 333 -14.64 33.48 1.34
C ILE B 333 -14.95 32.10 1.97
N LEU B 334 -16.23 31.76 1.94
CA LEU B 334 -16.71 30.50 2.40
C LEU B 334 -16.39 29.32 1.47
N LEU B 335 -15.77 28.30 2.05
CA LEU B 335 -15.45 27.08 1.27
C LEU B 335 -16.33 25.95 1.78
N LYS B 336 -17.46 25.73 1.16
CA LYS B 336 -18.40 24.71 1.55
C LYS B 336 -17.82 23.29 1.44
N ASN B 337 -18.06 22.44 2.42
CA ASN B 337 -17.64 21.04 2.31
C ASN B 337 -16.18 20.96 1.90
N ALA B 338 -15.37 21.64 2.66
CA ALA B 338 -13.93 21.59 2.36
C ALA B 338 -13.31 20.32 2.91
N ILE B 339 -13.94 19.75 3.93
CA ILE B 339 -13.51 18.58 4.68
C ILE B 339 -14.66 17.58 4.94
N CYS B 340 -14.36 16.25 4.70
CA CYS B 340 -15.41 15.29 5.12
C CYS B 340 -14.79 14.19 6.01
N VAL B 341 -15.62 13.73 6.91
CA VAL B 341 -15.36 12.69 7.88
C VAL B 341 -16.42 11.59 7.68
N PHE B 342 -15.90 10.33 7.54
CA PHE B 342 -16.79 9.20 7.35
C PHE B 342 -16.16 7.89 7.88
N GLU B 343 -17.10 6.95 8.23
CA GLU B 343 -16.63 5.62 8.70
C GLU B 343 -16.53 4.60 7.59
N GLN B 344 -15.41 3.85 7.63
CA GLN B 344 -15.22 2.78 6.66
C GLN B 344 -15.31 1.36 7.31
N TYR B 345 -16.09 0.53 6.59
CA TYR B 345 -16.40 -0.82 6.96
C TYR B 345 -15.85 -1.99 6.15
N GLY B 346 -15.85 -3.15 6.83
CA GLY B 346 -15.59 -4.40 6.10
C GLY B 346 -14.24 -4.98 6.25
N ASN B 347 -13.32 -4.38 6.97
CA ASN B 347 -11.99 -4.91 7.12
C ASN B 347 -11.86 -5.89 8.29
N ILE B 348 -11.01 -6.89 8.18
CA ILE B 348 -10.86 -7.85 9.28
C ILE B 348 -9.94 -7.16 10.25
N MET B 349 -10.27 -7.11 11.52
CA MET B 349 -9.36 -6.50 12.52
C MET B 349 -8.25 -7.42 12.95
N TRP B 350 -8.64 -8.69 13.22
CA TRP B 350 -7.76 -9.81 13.51
C TRP B 350 -8.60 -11.13 13.46
N ARG B 351 -7.89 -12.24 13.35
CA ARG B 351 -8.60 -13.54 13.33
C ARG B 351 -7.68 -14.73 13.62
N HIS B 352 -8.33 -15.88 13.98
CA HIS B 352 -7.60 -17.14 14.03
C HIS B 352 -8.55 -18.36 13.95
N THR B 353 -8.16 -19.29 13.12
CA THR B 353 -8.83 -20.60 13.05
C THR B 353 -7.84 -21.63 13.70
N GLU B 354 -8.34 -22.23 14.81
CA GLU B 354 -7.52 -23.20 15.52
C GLU B 354 -7.91 -24.66 15.16
N ASN B 355 -6.95 -25.22 14.39
CA ASN B 355 -7.22 -26.64 14.06
C ASN B 355 -6.25 -27.50 14.85
N GLY B 356 -5.53 -27.07 15.87
CA GLY B 356 -4.49 -27.93 16.41
C GLY B 356 -4.82 -28.76 17.65
N ILE B 357 -6.02 -28.53 18.16
CA ILE B 357 -6.47 -29.17 19.37
C ILE B 357 -7.42 -30.29 18.92
N PRO B 358 -6.96 -31.51 19.18
CA PRO B 358 -7.74 -32.71 18.89
C PRO B 358 -9.19 -32.61 19.32
N ASN B 359 -10.11 -32.91 18.43
CA ASN B 359 -11.54 -32.94 18.75
C ASN B 359 -12.13 -31.61 19.18
N GLU B 360 -11.45 -30.52 18.91
CA GLU B 360 -11.89 -29.16 19.23
C GLU B 360 -11.83 -28.28 17.99
N SER B 361 -12.90 -27.51 17.82
CA SER B 361 -12.95 -26.57 16.66
C SER B 361 -13.05 -25.11 17.13
N ILE B 362 -11.94 -24.39 17.03
CA ILE B 362 -12.00 -23.00 17.52
C ILE B 362 -11.81 -22.06 16.34
N GLU B 363 -12.58 -21.01 16.22
CA GLU B 363 -12.33 -20.01 15.20
C GLU B 363 -12.87 -18.64 15.63
N GLU B 364 -12.06 -17.63 15.42
CA GLU B 364 -12.48 -16.27 15.78
C GLU B 364 -12.06 -15.28 14.68
N SER B 365 -13.04 -14.54 14.21
CA SER B 365 -12.76 -13.43 13.27
C SER B 365 -13.43 -12.14 13.71
N ARG B 366 -12.70 -11.06 13.90
CA ARG B 366 -13.44 -9.81 14.29
C ARG B 366 -13.17 -8.74 13.23
N THR B 367 -14.13 -7.86 12.97
CA THR B 367 -13.90 -6.76 12.01
C THR B 367 -13.78 -5.40 12.69
N GLU B 368 -13.14 -4.46 12.03
CA GLU B 368 -12.92 -3.08 12.48
C GLU B 368 -13.68 -2.08 11.62
N VAL B 369 -14.15 -1.02 12.28
CA VAL B 369 -14.70 0.20 11.64
C VAL B 369 -13.57 1.26 11.69
N ASN B 370 -13.17 1.81 10.53
CA ASN B 370 -12.10 2.82 10.51
C ASN B 370 -12.67 4.23 10.24
N LEU B 371 -11.98 5.26 10.72
CA LEU B 371 -12.29 6.65 10.45
C LEU B 371 -11.37 7.30 9.39
N ILE B 372 -12.03 7.83 8.35
CA ILE B 372 -11.37 8.56 7.29
C ILE B 372 -11.81 10.08 7.33
N VAL B 373 -10.78 10.91 7.41
CA VAL B 373 -10.85 12.37 7.35
C VAL B 373 -10.26 12.77 5.98
N ARG B 374 -11.12 13.24 5.07
CA ARG B 374 -10.61 13.52 3.72
C ARG B 374 -10.78 15.01 3.28
N THR B 375 -9.91 15.49 2.43
CA THR B 375 -9.97 16.80 1.81
C THR B 375 -9.30 16.72 0.45
N ILE B 376 -9.77 17.47 -0.54
CA ILE B 376 -9.12 17.43 -1.87
C ILE B 376 -8.63 18.84 -2.25
N VAL B 377 -7.39 18.93 -2.70
CA VAL B 377 -6.73 20.12 -3.18
C VAL B 377 -6.41 20.05 -4.67
N THR B 378 -7.00 20.93 -5.50
CA THR B 378 -6.67 20.92 -6.94
C THR B 378 -5.83 22.14 -7.24
N VAL B 379 -4.61 21.99 -7.69
CA VAL B 379 -3.71 23.02 -8.09
C VAL B 379 -3.52 22.87 -9.59
N GLY B 380 -4.39 23.52 -10.34
CA GLY B 380 -4.24 23.54 -11.80
C GLY B 380 -4.80 22.31 -12.48
N ASN B 381 -3.91 21.59 -13.15
CA ASN B 381 -4.39 20.36 -13.78
C ASN B 381 -4.31 19.24 -12.72
N TPQ B 382 -3.73 19.38 -11.55
CA TPQ B 382 -3.58 18.33 -10.57
CB TPQ B 382 -2.37 18.45 -9.60
C TPQ B 382 -4.68 18.19 -9.53
O TPQ B 382 -5.06 19.23 -9.00
C1 TPQ B 382 -1.11 19.02 -10.19
C2 TPQ B 382 -0.28 19.79 -9.37
O2 TPQ B 382 -0.59 19.96 -8.08
C3 TPQ B 382 0.88 20.39 -9.88
C4 TPQ B 382 1.21 20.22 -11.23
O4 TPQ B 382 2.37 20.76 -11.70
C5 TPQ B 382 0.41 19.39 -12.04
O5 TPQ B 382 0.78 19.21 -13.32
C6 TPQ B 382 -0.75 18.78 -11.53
N ASP B 383 -5.16 16.97 -9.27
CA ASP B 383 -6.02 16.79 -8.08
C ASP B 383 -5.34 15.90 -7.05
N ASN B 384 -5.34 16.31 -5.80
CA ASN B 384 -4.68 15.59 -4.74
C ASN B 384 -5.76 15.19 -3.71
N VAL B 385 -6.03 13.88 -3.61
CA VAL B 385 -6.94 13.38 -2.56
C VAL B 385 -6.07 13.02 -1.34
N ILE B 386 -6.34 13.69 -0.22
CA ILE B 386 -5.56 13.69 0.99
C ILE B 386 -6.37 13.04 2.14
N ASP B 387 -5.96 11.85 2.59
CA ASP B 387 -6.75 11.18 3.65
C ASP B 387 -5.96 10.95 4.92
N TRP B 388 -6.56 11.10 6.06
CA TRP B 388 -5.95 10.75 7.36
C TRP B 388 -6.89 9.61 7.86
N GLU B 389 -6.30 8.41 7.98
CA GLU B 389 -7.08 7.28 8.48
C GLU B 389 -6.65 6.95 9.93
N PHE B 390 -7.67 6.88 10.78
CA PHE B 390 -7.43 6.47 12.16
C PHE B 390 -8.01 5.06 12.44
N LYS B 391 -7.30 4.22 13.19
CA LYS B 391 -7.89 2.89 13.56
C LYS B 391 -7.96 2.67 15.07
N ALA B 392 -9.00 1.90 15.50
CA ALA B 392 -9.10 1.58 16.94
C ALA B 392 -7.84 0.87 17.48
N SER B 393 -7.08 0.20 16.63
CA SER B 393 -5.84 -0.45 16.98
C SER B 393 -4.70 0.50 17.22
N GLY B 394 -4.92 1.83 17.00
CA GLY B 394 -3.92 2.83 17.26
C GLY B 394 -3.04 3.18 16.07
N SER B 395 -3.31 2.60 14.92
CA SER B 395 -2.59 2.94 13.70
C SER B 395 -3.22 4.19 13.02
N ILE B 396 -2.32 5.05 12.53
CA ILE B 396 -2.82 6.20 11.74
C ILE B 396 -2.32 5.97 10.32
N LYS B 397 -3.13 6.10 9.31
CA LYS B 397 -2.52 5.92 7.95
C LYS B 397 -2.81 7.10 7.05
N PRO B 398 -1.85 7.97 6.85
CA PRO B 398 -2.10 9.18 6.01
C PRO B 398 -1.99 8.72 4.59
N SER B 399 -2.89 9.00 3.67
CA SER B 399 -2.58 8.60 2.30
C SER B 399 -2.85 9.73 1.29
N ILE B 400 -2.20 9.63 0.14
CA ILE B 400 -2.40 10.60 -0.92
C ILE B 400 -2.82 9.89 -2.21
N ALA B 401 -3.90 10.36 -2.85
CA ALA B 401 -4.13 9.84 -4.21
C ALA B 401 -4.10 10.98 -5.25
N LEU B 402 -3.63 10.67 -6.44
CA LEU B 402 -3.52 11.56 -7.56
C LEU B 402 -4.51 11.30 -8.67
N SER B 403 -5.14 12.34 -9.20
CA SER B 403 -5.99 12.23 -10.41
C SER B 403 -5.88 13.55 -11.20
N GLY B 404 -6.83 14.02 -12.00
CA GLY B 404 -6.61 15.26 -12.74
C GLY B 404 -6.08 15.04 -14.13
N ILE B 405 -5.51 16.08 -14.74
CA ILE B 405 -5.12 16.10 -16.16
C ILE B 405 -3.63 16.19 -16.38
N LEU B 406 -3.11 15.53 -17.42
CA LEU B 406 -1.70 15.56 -17.71
C LEU B 406 -1.26 16.97 -18.23
N GLU B 407 -0.01 17.35 -17.90
CA GLU B 407 0.54 18.53 -18.59
C GLU B 407 1.03 18.12 -19.98
N ILE B 408 0.33 18.42 -21.05
CA ILE B 408 0.76 18.07 -22.39
C ILE B 408 1.67 19.14 -23.02
N LYS B 409 2.66 18.72 -23.78
CA LYS B 409 3.48 19.54 -24.66
C LYS B 409 3.01 19.21 -26.08
N GLY B 410 2.65 20.18 -26.92
CA GLY B 410 2.18 20.00 -28.29
C GLY B 410 3.36 19.64 -29.17
N THR B 411 3.10 18.87 -30.23
CA THR B 411 4.15 18.40 -31.11
C THR B 411 3.46 18.10 -32.45
N ASN B 412 4.29 18.06 -33.49
CA ASN B 412 3.72 17.80 -34.83
C ASN B 412 3.76 16.28 -35.06
N ILE B 413 4.50 15.59 -34.18
CA ILE B 413 4.56 14.13 -34.19
C ILE B 413 3.21 13.51 -33.86
N LYS B 414 2.87 12.54 -34.70
CA LYS B 414 1.64 11.82 -34.57
C LYS B 414 1.87 10.32 -34.27
N HIS B 415 3.08 9.83 -34.45
CA HIS B 415 3.46 8.47 -34.27
C HIS B 415 4.90 8.35 -33.78
N LYS B 416 5.04 7.34 -32.95
CA LYS B 416 6.27 6.98 -32.29
C LYS B 416 7.40 6.73 -33.28
N ASP B 417 7.04 6.37 -34.50
CA ASP B 417 7.89 6.17 -35.65
C ASP B 417 8.75 7.41 -35.98
N GLU B 418 8.03 8.54 -35.94
CA GLU B 418 8.60 9.84 -36.23
C GLU B 418 9.58 10.35 -35.19
N ILE B 419 9.51 9.88 -33.95
CA ILE B 419 10.38 10.38 -32.90
C ILE B 419 11.83 10.21 -33.29
N LYS B 420 12.67 11.23 -33.12
CA LYS B 420 14.06 11.06 -33.54
C LYS B 420 15.00 11.52 -32.45
N GLU B 421 14.42 12.16 -31.44
CA GLU B 421 15.23 12.56 -30.29
C GLU B 421 14.39 12.43 -29.02
N ASP B 422 15.06 12.57 -27.89
CA ASP B 422 14.37 12.49 -26.62
C ASP B 422 13.31 13.57 -26.51
N LEU B 423 12.04 13.26 -26.43
CA LEU B 423 11.02 14.27 -26.29
C LEU B 423 10.70 14.57 -24.83
N HIS B 424 11.50 13.98 -23.94
CA HIS B 424 11.35 14.24 -22.52
C HIS B 424 9.96 13.87 -21.99
N GLY B 425 9.31 12.93 -22.65
CA GLY B 425 7.98 12.48 -22.14
C GLY B 425 7.55 11.37 -23.09
N LYS B 426 6.30 10.95 -23.01
CA LYS B 426 5.87 9.87 -23.89
C LYS B 426 4.73 10.37 -24.76
N LEU B 427 4.64 9.85 -25.97
CA LEU B 427 3.53 10.26 -26.83
C LEU B 427 2.29 9.60 -26.32
N VAL B 428 1.32 10.25 -25.72
CA VAL B 428 0.17 9.56 -25.16
C VAL B 428 -1.05 9.75 -26.04
N SER B 429 -0.83 10.53 -27.10
CA SER B 429 -1.92 10.77 -28.07
C SER B 429 -1.28 11.48 -29.25
N ALA B 430 -1.93 11.50 -30.39
CA ALA B 430 -1.29 12.18 -31.56
C ALA B 430 -1.02 13.64 -31.22
N ASN B 431 0.15 14.19 -31.55
CA ASN B 431 0.48 15.57 -31.23
C ASN B 431 0.59 15.87 -29.75
N SER B 432 0.48 14.88 -28.85
CA SER B 432 0.51 15.20 -27.43
C SER B 432 1.58 14.47 -26.67
N ILE B 433 2.47 15.13 -25.96
CA ILE B 433 3.52 14.52 -25.19
C ILE B 433 3.23 14.71 -23.71
N GLY B 434 3.20 13.63 -22.93
CA GLY B 434 3.06 13.74 -21.47
C GLY B 434 4.51 13.76 -21.00
N ILE B 435 4.91 14.92 -20.42
CA ILE B 435 6.25 15.20 -19.98
C ILE B 435 6.58 14.45 -18.67
N TYR B 436 7.79 13.91 -18.58
CA TYR B 436 8.16 13.29 -17.34
C TYR B 436 8.22 14.31 -16.20
N HIS B 437 7.88 13.82 -15.02
CA HIS B 437 8.03 14.66 -13.83
C HIS B 437 7.79 13.82 -12.58
N ASP B 438 8.03 14.41 -11.42
CA ASP B 438 7.86 13.83 -10.13
C ASP B 438 6.83 14.57 -9.32
N HIS B 439 6.38 13.93 -8.26
CA HIS B 439 5.52 14.51 -7.25
C HIS B 439 6.09 14.22 -5.87
N PHE B 440 6.51 15.18 -5.10
CA PHE B 440 7.04 14.94 -3.79
C PHE B 440 6.21 15.66 -2.76
N TYR B 441 5.87 15.07 -1.62
CA TYR B 441 5.13 15.67 -0.52
C TYR B 441 6.03 15.54 0.72
N ILE B 442 5.97 16.46 1.64
CA ILE B 442 6.81 16.43 2.83
C ILE B 442 5.80 16.63 3.97
N TYR B 443 5.66 15.58 4.80
CA TYR B 443 4.78 15.65 5.95
C TYR B 443 5.54 16.21 7.16
N TYR B 444 4.83 17.04 7.91
CA TYR B 444 5.41 17.46 9.22
C TYR B 444 4.66 16.63 10.28
N LEU B 445 5.38 15.85 11.09
CA LEU B 445 4.72 15.01 12.11
C LEU B 445 5.28 15.26 13.51
N ASP B 446 4.59 16.13 14.26
CA ASP B 446 5.11 16.42 15.60
C ASP B 446 4.48 15.40 16.59
N PHE B 447 5.27 14.29 16.58
CA PHE B 447 4.99 13.17 17.48
C PHE B 447 5.29 13.55 18.91
N ASP B 448 4.35 13.43 19.84
CA ASP B 448 4.76 13.55 21.23
C ASP B 448 4.34 12.20 21.87
N ILE B 449 5.17 11.19 21.79
CA ILE B 449 4.80 9.84 22.24
C ILE B 449 4.61 9.81 23.76
N ASP B 450 3.33 9.79 24.13
CA ASP B 450 2.98 9.81 25.54
C ASP B 450 3.67 10.98 26.23
N GLY B 451 3.83 12.11 25.51
CA GLY B 451 4.45 13.33 25.99
C GLY B 451 5.54 13.79 25.01
N THR B 452 6.25 14.87 25.38
CA THR B 452 7.18 15.59 24.52
C THR B 452 8.59 15.04 24.50
N HIS B 453 9.08 14.49 25.61
CA HIS B 453 10.45 13.97 25.64
C HIS B 453 10.55 12.63 24.91
N ASN B 454 11.12 12.65 23.73
CA ASN B 454 11.17 11.48 22.88
C ASN B 454 12.56 11.31 22.33
N SER B 455 12.86 10.13 21.81
CA SER B 455 14.09 9.89 21.09
C SER B 455 13.72 9.18 19.78
N PHE B 456 14.69 9.10 18.91
CA PHE B 456 14.47 8.44 17.62
C PHE B 456 15.47 7.28 17.56
N GLU B 457 14.91 6.09 17.35
CA GLU B 457 15.77 4.91 17.29
C GLU B 457 15.70 4.29 15.90
N LYS B 458 16.86 3.89 15.45
CA LYS B 458 17.01 3.18 14.21
C LYS B 458 17.45 1.75 14.57
N THR B 459 16.48 0.85 14.31
CA THR B 459 16.74 -0.58 14.51
C THR B 459 17.09 -1.30 13.21
N SER B 460 18.38 -1.47 12.92
CA SER B 460 18.74 -2.24 11.74
C SER B 460 18.87 -3.75 12.04
N LEU B 461 18.54 -4.52 11.00
CA LEU B 461 18.48 -5.93 10.92
C LEU B 461 19.82 -6.38 10.36
N LYS B 462 20.61 -7.09 11.14
CA LYS B 462 21.93 -7.54 10.72
C LYS B 462 21.97 -9.05 10.45
N THR B 463 22.66 -9.45 9.39
CA THR B 463 22.90 -10.84 9.10
C THR B 463 24.06 -11.32 9.97
N VAL B 464 23.96 -12.44 10.66
CA VAL B 464 25.07 -12.92 11.49
C VAL B 464 25.55 -14.24 10.91
N ARG B 465 26.79 -14.39 10.54
CA ARG B 465 27.26 -15.67 10.00
C ARG B 465 27.82 -16.56 11.11
N ILE B 466 27.36 -17.82 11.21
CA ILE B 466 27.93 -18.76 12.18
C ILE B 466 29.21 -19.35 11.58
N LYS B 467 30.29 -19.18 12.33
CA LYS B 467 31.62 -19.61 11.89
C LYS B 467 32.08 -20.82 12.70
N ASP B 468 31.97 -20.66 14.01
CA ASP B 468 32.37 -21.58 15.04
C ASP B 468 31.64 -22.92 15.17
N GLY B 469 30.95 -23.35 14.13
CA GLY B 469 30.25 -24.61 14.09
C GLY B 469 29.32 -24.91 15.25
N SER B 470 29.05 -23.93 16.10
CA SER B 470 28.15 -24.17 17.21
C SER B 470 26.72 -24.36 16.75
N SER B 471 26.45 -24.47 15.43
CA SER B 471 25.08 -24.65 14.95
C SER B 471 25.04 -25.27 13.56
N LYS B 472 23.88 -25.87 13.22
CA LYS B 472 23.69 -26.47 11.88
C LYS B 472 23.42 -25.38 10.82
N ARG B 473 22.86 -24.27 11.27
CA ARG B 473 22.53 -23.11 10.46
C ARG B 473 23.83 -22.39 10.11
N LYS B 474 24.01 -21.83 8.92
CA LYS B 474 25.19 -21.02 8.63
C LYS B 474 25.01 -19.53 8.98
N SER B 475 23.77 -19.12 9.24
CA SER B 475 23.43 -17.74 9.47
C SER B 475 22.02 -17.52 10.02
N TYR B 476 21.82 -16.34 10.56
CA TYR B 476 20.56 -15.83 11.04
C TYR B 476 20.70 -14.31 11.04
N TRP B 477 19.59 -13.61 11.22
CA TRP B 477 19.71 -12.15 11.30
C TRP B 477 19.30 -11.72 12.71
N THR B 478 19.88 -10.59 13.13
CA THR B 478 19.40 -10.03 14.42
C THR B 478 19.18 -8.52 14.32
N THR B 479 18.85 -7.85 15.39
CA THR B 479 18.63 -6.44 15.40
C THR B 479 19.67 -5.69 16.26
N GLU B 480 20.00 -4.50 15.80
CA GLU B 480 20.85 -3.52 16.47
C GLU B 480 20.17 -2.14 16.45
N THR B 481 19.75 -1.69 17.61
CA THR B 481 19.09 -0.40 17.73
C THR B 481 20.05 0.72 18.10
N GLN B 482 19.99 1.82 17.37
CA GLN B 482 20.82 2.98 17.79
C GLN B 482 19.95 4.19 18.03
N THR B 483 20.15 4.97 19.07
CA THR B 483 19.41 6.22 19.23
C THR B 483 20.14 7.33 18.48
N ALA B 484 19.43 8.06 17.65
CA ALA B 484 20.04 9.22 16.96
C ALA B 484 20.33 10.30 18.01
N LYS B 485 21.56 10.78 18.05
CA LYS B 485 21.99 11.82 18.99
C LYS B 485 21.75 13.26 18.51
N THR B 486 22.06 13.45 17.21
CA THR B 486 21.86 14.75 16.59
C THR B 486 21.23 14.64 15.21
N GLU B 487 20.81 15.83 14.78
CA GLU B 487 20.06 15.94 13.53
C GLU B 487 20.85 15.31 12.41
N SER B 488 22.15 15.35 12.45
CA SER B 488 22.89 14.73 11.34
C SER B 488 22.68 13.22 11.41
N ASP B 489 22.35 12.74 12.61
CA ASP B 489 22.18 11.30 12.77
C ASP B 489 20.83 10.82 12.23
N ALA B 490 19.84 11.70 12.23
CA ALA B 490 18.49 11.41 11.82
C ALA B 490 18.15 11.75 10.39
N LYS B 491 19.07 11.84 9.45
CA LYS B 491 18.79 12.07 8.04
C LYS B 491 18.76 10.74 7.29
N ILE B 492 17.59 10.27 6.86
CA ILE B 492 17.57 8.87 6.44
C ILE B 492 17.23 8.63 5.00
N THR B 493 18.07 7.90 4.30
CA THR B 493 17.75 7.36 2.97
C THR B 493 17.20 5.91 3.08
N ILE B 494 15.90 5.79 2.90
CA ILE B 494 15.22 4.53 3.01
C ILE B 494 15.59 3.67 1.82
N GLY B 495 16.08 2.46 2.07
CA GLY B 495 16.39 1.50 1.02
C GLY B 495 17.81 1.02 1.02
N LEU B 496 18.69 1.69 1.78
CA LEU B 496 20.09 1.25 1.78
C LEU B 496 20.38 -0.05 2.52
N ALA B 497 19.40 -0.57 3.24
CA ALA B 497 19.55 -1.65 4.19
C ALA B 497 18.31 -1.58 5.11
N PRO B 498 17.92 -2.74 5.61
CA PRO B 498 16.71 -2.87 6.42
C PRO B 498 16.93 -2.34 7.82
N ALA B 499 15.88 -1.70 8.31
CA ALA B 499 15.89 -1.07 9.61
C ALA B 499 14.45 -0.72 9.98
N GLU B 500 14.04 -0.77 11.22
CA GLU B 500 12.75 -0.23 11.60
C GLU B 500 13.08 1.20 12.14
N LEU B 501 12.16 2.13 11.88
CA LEU B 501 12.35 3.53 12.31
C LEU B 501 11.31 3.85 13.33
N VAL B 502 11.75 4.08 14.55
CA VAL B 502 10.74 4.22 15.62
C VAL B 502 11.03 5.47 16.46
N VAL B 503 9.90 6.08 16.82
CA VAL B 503 10.01 7.23 17.72
C VAL B 503 9.56 6.75 19.10
N VAL B 504 10.36 6.83 20.14
CA VAL B 504 9.97 6.27 21.43
C VAL B 504 9.99 7.33 22.51
N ASN B 505 9.34 7.02 23.64
CA ASN B 505 9.49 7.80 24.85
C ASN B 505 10.40 6.96 25.75
N PRO B 506 11.70 7.25 25.71
CA PRO B 506 12.68 6.52 26.52
C PRO B 506 12.44 6.58 28.01
N ASN B 507 11.47 7.29 28.53
CA ASN B 507 11.13 7.45 29.91
C ASN B 507 9.95 6.61 30.40
N ILE B 508 9.17 6.06 29.49
CA ILE B 508 8.01 5.25 29.83
C ILE B 508 8.22 3.88 29.17
N LYS B 509 8.16 2.87 30.03
CA LYS B 509 8.36 1.47 29.63
C LYS B 509 7.15 0.62 29.87
N THR B 510 6.93 -0.42 29.07
CA THR B 510 5.86 -1.38 29.38
C THR B 510 6.28 -2.20 30.63
N ALA B 511 5.32 -2.96 31.13
CA ALA B 511 5.64 -3.80 32.32
C ALA B 511 6.85 -4.65 32.07
N VAL B 512 7.12 -5.14 30.86
CA VAL B 512 8.29 -6.01 30.65
C VAL B 512 9.55 -5.24 30.37
N GLY B 513 9.40 -3.89 30.32
CA GLY B 513 10.53 -3.00 30.17
C GLY B 513 10.80 -2.51 28.78
N ASN B 514 9.80 -2.57 27.88
CA ASN B 514 10.07 -2.04 26.52
C ASN B 514 9.63 -0.55 26.48
N GLU B 515 10.39 0.25 25.72
CA GLU B 515 10.05 1.68 25.55
C GLU B 515 8.85 1.78 24.61
N VAL B 516 7.86 2.53 25.04
CA VAL B 516 6.67 2.78 24.19
C VAL B 516 7.10 3.54 22.95
N GLY B 517 6.60 3.23 21.74
CA GLY B 517 7.11 3.82 20.52
C GLY B 517 6.06 3.69 19.44
N TYR B 518 6.21 4.39 18.34
CA TYR B 518 5.36 4.30 17.17
C TYR B 518 6.39 4.15 16.02
N ARG B 519 6.06 3.35 15.04
CA ARG B 519 7.07 3.23 13.99
C ARG B 519 6.41 3.58 12.67
N LEU B 520 7.25 3.95 11.72
CA LEU B 520 6.75 4.41 10.43
C LEU B 520 6.96 3.26 9.46
N ILE B 521 5.83 2.85 8.86
CA ILE B 521 5.95 1.77 7.84
C ILE B 521 5.73 2.49 6.51
N PRO B 522 6.82 2.77 5.83
CA PRO B 522 6.77 3.57 4.62
C PRO B 522 6.37 2.84 3.36
N ALA B 523 5.85 3.54 2.34
CA ALA B 523 5.65 2.97 1.00
C ALA B 523 6.97 2.83 0.26
N ILE B 524 6.99 2.12 -0.87
CA ILE B 524 8.28 2.00 -1.60
C ILE B 524 8.77 3.44 -1.87
N PRO B 525 9.98 3.81 -1.46
CA PRO B 525 10.47 5.17 -1.55
C PRO B 525 10.94 5.66 -2.90
N ALA B 526 10.61 6.92 -3.18
CA ALA B 526 11.20 7.56 -4.40
C ALA B 526 12.34 8.43 -3.92
N HIS B 527 13.40 8.57 -4.70
CA HIS B 527 14.51 9.46 -4.34
C HIS B 527 14.62 10.51 -5.45
N PRO B 528 15.20 11.66 -5.16
CA PRO B 528 15.39 12.71 -6.13
C PRO B 528 16.27 12.27 -7.28
N LEU B 529 15.91 12.60 -8.52
CA LEU B 529 16.72 12.27 -9.68
C LEU B 529 17.42 13.46 -10.35
N LEU B 530 17.33 14.64 -9.75
CA LEU B 530 17.99 15.87 -10.16
C LEU B 530 19.36 15.97 -9.47
N THR B 531 20.33 16.67 -10.01
CA THR B 531 21.59 16.84 -9.23
C THR B 531 21.30 17.73 -8.05
N GLU B 532 22.03 17.53 -6.96
CA GLU B 532 21.90 18.28 -5.74
C GLU B 532 22.18 19.78 -5.88
N ASP B 533 22.94 20.16 -6.88
CA ASP B 533 23.32 21.51 -7.22
C ASP B 533 22.37 22.12 -8.25
N ASP B 534 21.50 21.32 -8.85
CA ASP B 534 20.55 21.90 -9.77
C ASP B 534 19.71 22.88 -8.98
N TYR B 535 19.30 23.99 -9.57
CA TYR B 535 18.53 24.98 -8.87
C TYR B 535 17.23 24.55 -8.19
N PRO B 536 16.29 23.91 -8.88
CA PRO B 536 15.07 23.44 -8.26
C PRO B 536 15.37 22.49 -7.08
N GLN B 537 16.48 21.74 -7.18
CA GLN B 537 16.88 20.76 -6.17
C GLN B 537 17.39 21.41 -4.88
N ILE B 538 18.00 22.59 -5.10
CA ILE B 538 18.52 23.38 -3.98
C ILE B 538 17.34 24.02 -3.23
N ARG B 539 16.49 24.62 -4.04
CA ARG B 539 15.26 25.22 -3.55
C ARG B 539 14.42 24.13 -2.89
N GLY B 540 14.37 22.92 -3.48
CA GLY B 540 13.61 21.83 -2.91
C GLY B 540 14.44 20.80 -2.14
N ALA B 541 15.49 21.23 -1.46
CA ALA B 541 16.46 20.33 -0.85
C ALA B 541 15.85 19.48 0.27
N PHE B 542 14.65 19.83 0.69
CA PHE B 542 14.02 19.05 1.75
C PHE B 542 13.65 17.63 1.27
N THR B 543 13.68 17.34 -0.02
CA THR B 543 13.41 16.02 -0.55
C THR B 543 14.67 15.16 -0.69
N ASN B 544 15.77 15.65 -0.12
CA ASN B 544 17.02 14.93 -0.23
C ASN B 544 17.05 13.72 0.71
N TYR B 545 16.21 13.62 1.72
CA TYR B 545 16.14 12.45 2.60
C TYR B 545 14.66 12.05 2.67
N ASN B 546 14.46 10.75 2.82
CA ASN B 546 13.09 10.24 2.99
C ASN B 546 12.60 10.57 4.39
N VAL B 547 13.50 10.60 5.35
CA VAL B 547 13.11 10.88 6.74
C VAL B 547 14.11 11.86 7.36
N TRP B 548 13.57 12.83 8.13
CA TRP B 548 14.45 13.74 8.89
C TRP B 548 13.81 13.90 10.26
N VAL B 549 14.60 14.12 11.29
CA VAL B 549 14.03 14.38 12.62
C VAL B 549 14.76 15.63 13.10
N THR B 550 14.00 16.55 13.66
CA THR B 550 14.58 17.82 14.12
C THR B 550 14.12 18.14 15.54
N ALA B 551 14.96 18.99 16.16
CA ALA B 551 14.53 19.56 17.46
C ALA B 551 13.34 20.47 17.16
N TYR B 552 12.25 20.38 17.94
CA TYR B 552 11.09 21.21 17.82
C TYR B 552 11.43 22.72 17.94
N ASN B 553 10.91 23.49 16.99
CA ASN B 553 11.05 24.92 16.88
C ASN B 553 9.73 25.50 16.35
N ARG B 554 9.05 26.32 17.11
CA ARG B 554 7.76 26.85 16.71
C ARG B 554 7.87 27.57 15.37
N THR B 555 9.05 28.06 14.98
CA THR B 555 9.17 28.76 13.73
C THR B 555 9.63 27.85 12.61
N GLU B 556 10.07 26.62 12.88
CA GLU B 556 10.42 25.79 11.70
C GLU B 556 9.11 25.10 11.29
N LYS B 557 8.44 25.53 10.25
CA LYS B 557 7.20 25.08 9.81
C LYS B 557 7.02 24.73 8.33
N TRP B 558 7.73 25.40 7.44
CA TRP B 558 7.52 25.21 6.00
C TRP B 558 8.87 24.76 5.46
N ALA B 559 8.89 23.56 4.86
CA ALA B 559 10.16 22.94 4.57
C ALA B 559 10.91 23.63 3.47
N GLY B 560 10.24 24.28 2.53
CA GLY B 560 10.93 25.00 1.46
C GLY B 560 11.17 26.49 1.80
N GLY B 561 10.85 26.95 2.99
CA GLY B 561 11.01 28.25 3.57
C GLY B 561 9.70 29.02 3.69
N LEU B 562 9.80 30.10 4.47
CA LEU B 562 8.63 30.99 4.63
C LEU B 562 8.24 31.64 3.30
N TYR B 563 9.26 31.96 2.48
CA TYR B 563 8.97 32.61 1.19
C TYR B 563 9.50 31.70 0.10
N VAL B 564 8.65 31.22 -0.77
CA VAL B 564 9.07 30.19 -1.73
C VAL B 564 9.14 30.68 -3.15
N ASP B 565 8.22 31.54 -3.61
CA ASP B 565 8.33 32.02 -5.02
C ASP B 565 9.66 32.72 -5.27
N HIS B 566 10.46 32.24 -6.22
CA HIS B 566 11.73 32.89 -6.49
C HIS B 566 12.69 32.73 -5.35
N SER B 567 12.50 31.79 -4.45
CA SER B 567 13.36 31.56 -3.29
C SER B 567 14.72 31.17 -3.80
N ARG B 568 15.74 31.23 -3.00
CA ARG B 568 17.06 30.79 -3.45
C ARG B 568 17.55 29.61 -2.64
N GLY B 569 16.71 29.00 -1.78
CA GLY B 569 17.04 27.82 -1.04
C GLY B 569 17.89 28.07 0.18
N ASP B 570 17.61 29.20 0.78
CA ASP B 570 18.44 29.64 1.94
C ASP B 570 17.63 29.51 3.21
N ASP B 571 16.41 29.00 3.07
CA ASP B 571 15.63 28.84 4.32
C ASP B 571 14.81 27.57 4.32
N THR B 572 15.44 26.45 4.00
CA THR B 572 14.82 25.13 3.90
C THR B 572 15.30 24.21 5.02
N LEU B 573 14.48 23.15 5.20
CA LEU B 573 14.80 22.16 6.24
C LEU B 573 16.25 21.74 6.13
N ALA B 574 16.83 21.66 4.93
CA ALA B 574 18.22 21.24 4.76
C ALA B 574 19.25 22.18 5.38
N VAL B 575 18.85 23.46 5.43
CA VAL B 575 19.73 24.51 5.95
C VAL B 575 19.60 24.56 7.46
N TRP B 576 18.35 24.52 7.94
CA TRP B 576 18.14 24.54 9.40
C TRP B 576 18.89 23.45 10.14
N THR B 577 18.99 22.26 9.51
CA THR B 577 19.54 21.09 10.19
C THR B 577 21.05 21.17 10.21
N LYS B 578 21.54 22.29 9.64
CA LYS B 578 22.99 22.50 9.63
C LYS B 578 23.36 22.91 11.08
N GLN B 579 22.35 23.41 11.80
CA GLN B 579 22.61 23.70 13.20
C GLN B 579 23.03 22.39 13.90
N ASN B 580 22.56 21.23 13.44
CA ASN B 580 22.86 19.96 14.05
C ASN B 580 22.62 19.91 15.56
N ARG B 581 21.41 20.25 15.96
CA ARG B 581 21.00 20.22 17.35
C ARG B 581 20.87 18.81 17.91
N GLU B 582 20.70 18.65 19.21
CA GLU B 582 20.53 17.39 19.88
C GLU B 582 19.06 16.98 19.84
N ILE B 583 18.85 15.67 19.67
CA ILE B 583 17.47 15.18 19.56
C ILE B 583 17.18 14.00 20.47
N VAL B 584 18.06 13.84 21.47
CA VAL B 584 17.90 12.73 22.43
C VAL B 584 17.07 13.15 23.62
N ASN B 585 15.91 12.55 23.78
CA ASN B 585 15.01 12.80 24.87
C ASN B 585 14.49 14.22 25.03
N LYS B 586 13.94 14.78 23.96
CA LYS B 586 13.41 16.13 23.94
C LYS B 586 12.21 16.16 23.00
N ASP B 587 11.63 17.33 22.89
CA ASP B 587 10.54 17.56 21.95
C ASP B 587 11.14 17.53 20.55
N ILE B 588 10.79 16.49 19.79
CA ILE B 588 11.27 16.31 18.44
C ILE B 588 10.06 16.25 17.51
N VAL B 589 10.37 16.30 16.22
CA VAL B 589 9.43 16.32 15.12
C VAL B 589 9.99 15.50 13.96
N MET B 590 9.16 14.70 13.30
CA MET B 590 9.68 13.92 12.15
C MET B 590 9.10 14.54 10.88
N TRP B 591 9.95 14.53 9.87
CA TRP B 591 9.56 15.00 8.55
C TRP B 591 9.66 13.80 7.59
N HIS B 592 8.60 13.44 6.91
CA HIS B 592 8.60 12.29 6.02
C HIS B 592 8.25 12.70 4.59
N VAL B 593 9.17 12.41 3.68
CA VAL B 593 9.04 12.68 2.26
C VAL B 593 8.49 11.51 1.48
N VAL B 594 7.40 11.69 0.78
CA VAL B 594 6.69 10.79 -0.05
C VAL B 594 6.73 11.25 -1.52
N GLY B 595 7.17 10.38 -2.45
CA GLY B 595 7.24 10.72 -3.83
C GLY B 595 6.83 9.62 -4.81
N ILE B 596 6.52 10.04 -6.01
CA ILE B 596 6.19 9.28 -7.19
C ILE B 596 6.90 9.81 -8.42
N HIS B 597 7.50 8.93 -9.21
CA HIS B 597 8.10 9.28 -10.46
C HIS B 597 7.06 8.95 -11.54
N HIS B 598 6.54 9.98 -12.22
CA HIS B 598 5.45 9.77 -13.15
C HIS B 598 5.90 9.67 -14.59
N VAL B 599 5.85 8.44 -15.16
CA VAL B 599 6.14 8.22 -16.58
C VAL B 599 4.76 8.08 -17.22
N PRO B 600 4.27 9.10 -17.94
CA PRO B 600 2.88 9.07 -18.41
C PRO B 600 2.60 7.89 -19.32
N ALA B 601 1.35 7.46 -19.38
CA ALA B 601 0.91 6.31 -20.18
C ALA B 601 -0.41 6.67 -20.85
N GLN B 602 -0.85 6.00 -21.91
CA GLN B 602 -2.09 6.51 -22.54
C GLN B 602 -3.32 6.39 -21.72
N GLU B 603 -3.33 5.59 -20.66
CA GLU B 603 -4.49 5.42 -19.78
C GLU B 603 -4.62 6.65 -18.88
N ASP B 604 -3.52 7.39 -18.66
CA ASP B 604 -3.54 8.66 -17.93
C ASP B 604 -4.29 9.78 -18.67
N PHE B 605 -4.57 9.66 -19.95
CA PHE B 605 -5.18 10.63 -20.85
C PHE B 605 -6.58 10.30 -21.27
N PRO B 606 -7.52 11.21 -21.42
CA PRO B 606 -7.34 12.64 -21.24
C PRO B 606 -7.49 13.08 -19.80
N ILE B 607 -7.89 12.13 -18.95
CA ILE B 607 -8.02 12.31 -17.52
C ILE B 607 -7.51 11.05 -16.80
N MET B 608 -6.99 11.17 -15.58
CA MET B 608 -6.24 10.03 -15.08
C MET B 608 -6.82 9.23 -13.94
N PRO B 609 -6.91 7.90 -14.16
CA PRO B 609 -7.40 6.98 -13.10
C PRO B 609 -6.58 7.20 -11.83
N LEU B 610 -7.27 7.18 -10.71
CA LEU B 610 -6.54 7.36 -9.44
C LEU B 610 -5.30 6.54 -9.26
N LEU B 611 -4.24 7.10 -8.70
CA LEU B 611 -3.01 6.47 -8.42
C LEU B 611 -2.75 6.85 -6.96
N SER B 612 -2.69 5.84 -6.11
CA SER B 612 -2.65 6.06 -4.68
C SER B 612 -1.40 5.74 -3.93
N THR B 613 -1.13 6.35 -2.78
CA THR B 613 0.09 5.98 -2.05
C THR B 613 -0.16 6.09 -0.56
N SER B 614 0.50 5.34 0.29
CA SER B 614 0.09 5.34 1.72
C SER B 614 1.17 5.03 2.70
N PHE B 615 1.15 5.48 3.95
CA PHE B 615 2.17 4.96 4.87
C PHE B 615 1.45 4.67 6.18
N GLU B 616 2.13 3.95 7.11
CA GLU B 616 1.36 3.67 8.35
C GLU B 616 2.22 4.04 9.54
N LEU B 617 1.60 4.56 10.57
CA LEU B 617 2.24 4.89 11.84
C LEU B 617 1.60 3.88 12.79
N ARG B 618 2.46 2.93 13.15
CA ARG B 618 1.99 1.76 13.94
C ARG B 618 2.52 1.70 15.36
N PRO B 619 1.63 1.59 16.35
CA PRO B 619 2.09 1.38 17.73
C PRO B 619 3.12 0.26 17.83
N THR B 620 4.20 0.40 18.57
CA THR B 620 5.31 -0.53 18.68
C THR B 620 5.77 -0.54 20.12
N ASN B 621 5.18 -1.47 20.89
CA ASN B 621 5.47 -1.56 22.32
C ASN B 621 4.86 -0.37 23.01
N PHE B 622 3.88 0.23 22.36
CA PHE B 622 3.18 1.36 22.99
C PHE B 622 2.22 0.81 24.05
N PHE B 623 1.52 -0.22 23.59
CA PHE B 623 0.55 -0.90 24.46
C PHE B 623 1.16 -2.19 25.04
N GLU B 624 0.63 -2.54 26.23
CA GLU B 624 1.06 -3.75 26.94
C GLU B 624 0.82 -5.03 26.12
N ARG B 625 -0.32 -5.10 25.45
CA ARG B 625 -0.70 -6.15 24.55
C ARG B 625 -1.64 -5.60 23.46
N ASN B 626 -2.01 -6.43 22.50
CA ASN B 626 -2.98 -6.10 21.44
C ASN B 626 -4.09 -5.23 21.99
N PRO B 627 -4.15 -3.94 21.59
CA PRO B 627 -5.07 -2.98 22.18
C PRO B 627 -6.50 -3.21 21.81
N VAL B 628 -6.77 -3.93 20.73
CA VAL B 628 -8.11 -4.29 20.30
C VAL B 628 -8.44 -5.76 20.68
N LEU B 629 -7.74 -6.26 21.72
CA LEU B 629 -8.08 -7.65 22.13
C LEU B 629 -9.52 -7.76 22.60
N LYS B 630 -10.07 -6.73 23.24
CA LYS B 630 -11.39 -6.71 23.78
C LYS B 630 -12.34 -5.84 22.95
N THR B 631 -12.02 -5.65 21.66
CA THR B 631 -12.97 -4.90 20.83
C THR B 631 -13.88 -5.85 20.06
N LEU B 632 -15.20 -5.56 20.07
CA LEU B 632 -16.20 -6.32 19.36
C LEU B 632 -16.53 -5.80 17.96
N SER B 633 -16.73 -6.72 17.01
CA SER B 633 -17.16 -6.42 15.66
C SER B 633 -18.45 -5.62 15.72
N PRO B 634 -18.80 -4.79 14.76
CA PRO B 634 -20.08 -4.10 14.79
C PRO B 634 -21.20 -5.11 14.50
N ARG B 635 -22.39 -4.96 15.00
CA ARG B 635 -23.57 -5.79 14.79
C ARG B 635 -23.94 -5.68 13.33
N ASP B 636 -24.26 -6.83 12.70
CA ASP B 636 -24.74 -6.81 11.32
C ASP B 636 -26.24 -6.72 11.42
N VAL B 637 -26.87 -5.67 10.95
CA VAL B 637 -28.33 -5.61 11.14
C VAL B 637 -28.99 -5.92 9.82
N ALA B 638 -30.05 -6.71 9.75
CA ALA B 638 -30.61 -7.03 8.43
C ALA B 638 -31.41 -5.87 7.83
N TRP B 639 -31.29 -5.81 6.50
CA TRP B 639 -32.01 -4.80 5.73
C TRP B 639 -33.51 -4.95 5.91
N PRO B 640 -34.16 -3.87 6.31
CA PRO B 640 -35.58 -3.78 6.52
C PRO B 640 -36.45 -4.30 5.39
N GLY B 641 -36.19 -3.79 4.18
CA GLY B 641 -37.10 -4.16 3.09
C GLY B 641 -37.67 -2.82 2.57
N CYS B 642 -38.08 -2.95 1.32
CA CYS B 642 -38.80 -1.94 0.57
C CYS B 642 -40.20 -1.85 1.22
C1 NAG C . -5.58 -31.32 34.94
C2 NAG C . -6.00 -31.55 36.41
C3 NAG C . -7.35 -32.19 36.57
C4 NAG C . -8.16 -31.79 35.29
C5 NAG C . -7.49 -32.62 34.16
C6 NAG C . -8.06 -32.32 32.79
C7 NAG C . -3.95 -31.82 37.79
C8 NAG C . -2.69 -32.63 37.89
N2 NAG C . -4.92 -32.38 36.98
O3 NAG C . -8.06 -31.86 37.77
O4 NAG C . -9.57 -32.00 35.43
O5 NAG C . -6.10 -32.36 34.11
O6 NAG C . -8.06 -30.96 32.51
O7 NAG C . -4.12 -30.83 38.33
C1 NAG C . -11.00 -31.61 34.41
C2 NAG C . -11.23 -30.25 35.12
C3 NAG C . -12.55 -30.15 35.84
C4 NAG C . -13.50 -31.12 35.08
C5 NAG C . -13.00 -32.54 35.46
C6 NAG C . -13.74 -33.65 34.75
C7 NAG C . -9.01 -29.31 35.74
C8 NAG C . -7.76 -29.63 36.49
N2 NAG C . -10.07 -30.13 36.04
O3 NAG C . -13.08 -28.83 35.96
O4 NAG C . -14.89 -30.89 35.39
O5 NAG C . -11.62 -32.66 35.15
O6 NAG C . -13.78 -33.46 33.38
O7 NAG C . -9.11 -28.44 34.99
C1 NAG D . -14.84 30.97 -32.36
C2 NAG D . -15.38 31.58 -33.70
C3 NAG D . -16.87 31.79 -33.48
C4 NAG D . -17.29 31.51 -32.05
C5 NAG D . -16.45 32.36 -31.10
C6 NAG D . -16.79 32.19 -29.64
C7 NAG D . -13.95 32.22 -35.63
C8 NAG D . -13.88 33.10 -36.93
N2 NAG D . -15.12 32.27 -34.97
O3 NAG D . -17.60 30.87 -34.29
O4 NAG D . -18.64 31.92 -31.84
O5 NAG D . -15.09 31.97 -31.30
O6 NAG D . -17.17 30.87 -29.29
O7 NAG D . -13.01 31.51 -35.29
C1 NAG D . -19.97 31.18 -30.62
C2 NAG D . -20.40 29.77 -30.26
C3 NAG D . -21.74 29.50 -30.98
C4 NAG D . -22.75 30.62 -30.72
C5 NAG D . -22.15 31.94 -31.20
C6 NAG D . -22.99 33.16 -31.03
C7 NAG D . -18.48 28.29 -29.89
C8 NAG D . -17.24 27.60 -30.59
N2 NAG D . -19.29 28.96 -30.72
O3 NAG D . -22.32 28.28 -30.50
O4 NAG D . -23.98 30.38 -31.41
O5 NAG D . -20.96 32.15 -30.45
O6 NAG D . -22.96 33.71 -29.73
O7 NAG D . -18.68 28.16 -28.69
C1 NAG E . 10.01 -28.97 -18.78
C2 NAG E . 10.73 -28.34 -19.99
C3 NAG E . 12.16 -27.96 -19.75
C4 NAG E . 12.26 -27.70 -18.22
C5 NAG E . 12.13 -29.10 -17.58
C6 NAG E . 12.11 -29.07 -16.07
C7 NAG E . 9.65 -29.20 -22.06
C8 NAG E . 9.28 -30.48 -22.77
N2 NAG E . 10.57 -29.35 -21.06
O3 NAG E . 12.65 -26.86 -20.53
O4 NAG E . 13.45 -26.98 -17.85
O5 NAG E . 10.94 -29.74 -18.01
O6 NAG E . 11.17 -28.20 -15.57
O7 NAG E . 9.19 -28.18 -22.32
CU CU F . 5.34 -13.15 11.59
MN MN G . 2.74 -16.21 -20.83
C1 NAG H . 13.62 29.28 16.02
C2 NAG H . 14.77 28.91 16.99
C3 NAG H . 16.12 28.78 16.33
C4 NAG H . 15.81 28.37 14.86
C5 NAG H . 15.21 29.65 14.22
C6 NAG H . 14.76 29.44 12.79
C7 NAG H . 14.19 29.80 19.24
C8 NAG H . 13.81 31.06 19.96
N2 NAG H . 14.75 30.00 18.00
O3 NAG H . 17.02 27.88 16.97
O4 NAG H . 16.96 27.83 14.18
O5 NAG H . 14.11 30.11 14.96
O6 NAG H . 13.90 28.36 12.66
O7 NAG H . 14.06 28.75 19.68
CU CU I . 1.91 13.27 -12.53
MN MN J . 7.40 16.32 19.54
#